data_5JWF
#
_entry.id   5JWF
#
_cell.length_a   103.181
_cell.length_b   117.216
_cell.length_c   148.354
_cell.angle_alpha   90.000
_cell.angle_beta   90.000
_cell.angle_gamma   90.000
#
_symmetry.space_group_name_H-M   'P 21 21 21'
#
loop_
_entity.id
_entity.type
_entity.pdbx_description
1 polymer 'Asp/Glu-specific dipeptidyl-peptidase'
2 non-polymer GLYCEROL
3 non-polymer S-1,2-PROPANEDIOL
4 water water
#
_entity_poly.entity_id   1
_entity_poly.type   'polypeptide(L)'
_entity_poly.pdbx_seq_one_letter_code
;MDEGMWLMQQLGRKYAQMKERGLKMKEYDLYNPNGTSLKDAVVLFDGGCTGEVVSDRGLVLTNHHCGYDMIQAHSTLEHN
YLENGFWAMREADELPNKDISVVFIDKIEDVTDYVKKELKAIKDPNSMDYLSPKYLQKLADKKAGKNFSAKNPGLSVEIK
AFYGGNLYLMFTKKTYTDVRLVGAPPSSIGKFGADTDNWIWPRHTGDFSIFRIYADKNGNPAPYSEDNVPLKPKRFFNIS
LGGVQENDYAMIMGFPGTTHRYFTASEVDEWKSIDNDIRIRMRDIRQGVMLREMLADPQIKIMYSAKYAASQNAYKRAIG
ANWAIKTRGLRQNKQAMQDRLIAWGAKQGTPRYEEAVHEIDATVAKRADLRRRYWMIEEGIIRGIEFARSPIPTEDETKA
LQGNDASARKEAIDKIRTRYSKFANKDYSAEVDKKVAVAMLTEYLKEIPYENLPLHLRLVKDRFAGDVQAYVDDIFARSV
FGSEAQFDAFAAVPSVEKLAEDPMVLFASSVFDEYRKLYNELRPYDDPILRAQRTYIAGLLEMDGDQDQFPDANLTLRFT
YGQVKGYSPRDNVYYGHQTTLDGVMEKEDPDNWEFVVDPKLKAVYERKDFGRYADRSGRMPVAFCATTHTTGGNAGSPVM
NANGELIGLNFDRNWEGVGGDIQYLADYQRSIIVDIRYVLLVIDKVGGCQRLLDEMNIVPHHHHHH
;
_entity_poly.pdbx_strand_id   A,B
#
loop_
_chem_comp.id
_chem_comp.type
_chem_comp.name
_chem_comp.formula
GOL non-polymer GLYCEROL 'C3 H8 O3'
PGO non-polymer S-1,2-PROPANEDIOL 'C3 H8 O2'
#
# COMPACT_ATOMS: atom_id res chain seq x y z
N MET A 1 12.28 34.21 -3.31
CA MET A 1 12.37 32.77 -3.09
C MET A 1 11.06 32.25 -2.49
N ASP A 2 10.00 33.02 -2.64
CA ASP A 2 8.70 32.64 -2.13
C ASP A 2 7.99 31.67 -3.06
N GLU A 3 7.15 30.81 -2.49
CA GLU A 3 6.40 29.84 -3.27
C GLU A 3 4.94 30.26 -3.39
N GLY A 4 4.50 30.50 -4.62
CA GLY A 4 3.13 30.89 -4.88
C GLY A 4 2.78 30.89 -6.35
N MET A 5 1.58 31.35 -6.66
CA MET A 5 1.13 31.46 -8.05
C MET A 5 1.06 32.93 -8.43
N TRP A 6 2.23 33.47 -8.79
CA TRP A 6 2.39 34.91 -8.97
C TRP A 6 1.85 35.44 -10.28
N LEU A 7 1.21 36.60 -10.21
CA LEU A 7 0.78 37.32 -11.40
C LEU A 7 2.00 37.73 -12.23
N MET A 8 1.81 37.87 -13.53
CA MET A 8 2.90 38.31 -14.41
C MET A 8 3.34 39.72 -14.04
N GLN A 9 2.43 40.49 -13.44
CA GLN A 9 2.74 41.85 -13.00
C GLN A 9 3.70 41.86 -11.82
N GLN A 10 3.80 40.72 -11.13
CA GLN A 10 4.64 40.62 -9.94
C GLN A 10 6.05 40.14 -10.24
N LEU A 11 6.35 39.91 -11.51
CA LEU A 11 7.66 39.42 -11.91
C LEU A 11 8.76 40.39 -11.49
N GLY A 12 8.48 41.69 -11.59
CA GLY A 12 9.44 42.70 -11.21
C GLY A 12 9.82 42.67 -9.74
N ARG A 13 8.83 42.48 -8.87
CA ARG A 13 9.05 42.45 -7.43
C ARG A 13 9.74 41.15 -7.00
N LYS A 14 9.60 40.11 -7.82
CA LYS A 14 10.12 38.79 -7.47
C LYS A 14 11.40 38.43 -8.20
N TYR A 15 11.75 39.22 -9.22
CA TYR A 15 12.86 38.91 -10.11
C TYR A 15 14.20 38.75 -9.38
N ALA A 16 14.52 39.71 -8.52
CA ALA A 16 15.76 39.67 -7.76
C ALA A 16 15.81 38.42 -6.89
N GLN A 17 14.67 38.06 -6.31
CA GLN A 17 14.58 36.88 -5.47
C GLN A 17 14.74 35.60 -6.27
N MET A 18 14.28 35.63 -7.51
CA MET A 18 14.38 34.47 -8.39
C MET A 18 15.81 34.22 -8.84
N LYS A 19 16.57 35.30 -9.05
CA LYS A 19 17.97 35.19 -9.40
C LYS A 19 18.77 34.54 -8.28
N GLU A 20 18.34 34.80 -7.05
CA GLU A 20 18.99 34.25 -5.87
C GLU A 20 18.77 32.73 -5.79
N ARG A 21 17.73 32.25 -6.47
CA ARG A 21 17.41 30.84 -6.48
C ARG A 21 18.07 30.10 -7.64
N GLY A 22 18.62 30.86 -8.58
CA GLY A 22 19.35 30.26 -9.69
C GLY A 22 18.94 30.75 -11.07
N LEU A 23 17.98 31.65 -11.14
CA LEU A 23 17.52 32.20 -12.42
C LEU A 23 18.62 33.02 -13.08
N LYS A 24 19.05 32.59 -14.27
CA LYS A 24 20.13 33.26 -14.99
C LYS A 24 19.61 34.04 -16.18
N MET A 25 18.29 34.07 -16.35
CA MET A 25 17.70 34.74 -17.50
C MET A 25 17.24 36.16 -17.16
N LYS A 26 17.10 36.97 -18.20
CA LYS A 26 16.77 38.37 -18.04
C LYS A 26 15.23 38.53 -18.00
N GLU A 27 14.77 39.40 -17.10
CA GLU A 27 13.36 39.54 -16.73
C GLU A 27 12.38 39.69 -17.91
N TYR A 28 12.62 40.67 -18.79
CA TYR A 28 11.69 40.95 -19.88
C TYR A 28 11.82 39.92 -21.01
N ASP A 29 12.78 39.02 -20.90
CA ASP A 29 12.85 37.87 -21.81
C ASP A 29 11.85 36.82 -21.33
N LEU A 30 11.51 36.92 -20.06
CA LEU A 30 10.52 36.03 -19.45
C LEU A 30 9.12 36.61 -19.61
N TYR A 31 8.93 37.84 -19.17
CA TYR A 31 7.68 38.56 -19.39
C TYR A 31 7.92 40.03 -19.69
N ASN A 32 7.47 40.47 -20.86
CA ASN A 32 7.59 41.87 -21.26
C ASN A 32 6.23 42.43 -21.62
N PRO A 33 5.76 43.43 -20.85
CA PRO A 33 4.48 44.07 -21.12
C PRO A 33 4.47 44.80 -22.46
N ASN A 34 5.63 45.25 -22.90
CA ASN A 34 5.74 46.03 -24.13
C ASN A 34 6.63 45.37 -25.17
N GLY A 35 6.56 44.05 -25.28
CA GLY A 35 7.36 43.33 -26.25
C GLY A 35 7.16 41.82 -26.21
N THR A 36 8.00 41.12 -26.97
CA THR A 36 7.94 39.67 -27.07
C THR A 36 8.69 39.00 -25.94
N SER A 37 8.05 38.05 -25.28
CA SER A 37 8.68 37.30 -24.20
C SER A 37 8.22 35.84 -24.20
N LEU A 38 8.76 35.06 -23.29
CA LEU A 38 8.51 33.62 -23.24
C LEU A 38 7.05 33.30 -22.93
N LYS A 39 6.36 34.27 -22.32
CA LYS A 39 4.93 34.15 -22.04
C LYS A 39 4.13 33.90 -23.32
N ASP A 40 4.60 34.48 -24.42
CA ASP A 40 3.92 34.39 -25.71
C ASP A 40 3.94 32.96 -26.26
N ALA A 41 4.72 32.09 -25.65
CA ALA A 41 4.82 30.70 -26.08
C ALA A 41 3.99 29.78 -25.19
N VAL A 42 3.28 30.37 -24.23
CA VAL A 42 2.40 29.61 -23.34
C VAL A 42 0.95 29.79 -23.76
N VAL A 43 0.17 28.71 -23.72
CA VAL A 43 -1.22 28.77 -24.15
C VAL A 43 -2.17 28.06 -23.18
N LEU A 44 -3.41 28.53 -23.16
CA LEU A 44 -4.48 27.83 -22.46
C LEU A 44 -5.08 26.78 -23.40
N PHE A 45 -4.88 25.51 -23.08
CA PHE A 45 -5.25 24.43 -23.98
C PHE A 45 -6.65 23.89 -23.70
N ASP A 46 -7.55 24.10 -24.65
CA ASP A 46 -8.92 23.56 -24.61
C ASP A 46 -9.68 23.95 -23.35
N GLY A 47 -9.39 25.15 -22.83
CA GLY A 47 -10.16 25.73 -21.75
C GLY A 47 -9.80 25.29 -20.34
N GLY A 48 -9.11 24.17 -20.20
CA GLY A 48 -8.83 23.64 -18.87
C GLY A 48 -7.40 23.17 -18.65
N CYS A 49 -6.61 23.09 -19.70
CA CYS A 49 -5.23 22.66 -19.59
C CYS A 49 -4.27 23.76 -20.00
N THR A 50 -2.98 23.52 -19.79
CA THR A 50 -1.94 24.43 -20.24
C THR A 50 -1.13 23.77 -21.36
N GLY A 51 -0.60 24.56 -22.28
CA GLY A 51 0.25 24.05 -23.32
C GLY A 51 1.36 25.02 -23.63
N GLU A 52 2.27 24.63 -24.50
CA GLU A 52 3.35 25.51 -24.90
C GLU A 52 3.77 25.29 -26.36
N VAL A 53 4.05 26.39 -27.05
CA VAL A 53 4.55 26.32 -28.41
C VAL A 53 6.03 25.93 -28.36
N VAL A 54 6.41 24.97 -29.20
CA VAL A 54 7.73 24.38 -29.10
C VAL A 54 8.54 24.57 -30.39
N SER A 55 7.85 24.80 -31.50
CA SER A 55 8.54 25.07 -32.77
C SER A 55 7.97 26.31 -33.46
N ASP A 56 8.67 26.79 -34.48
CA ASP A 56 8.23 27.97 -35.22
C ASP A 56 7.22 27.61 -36.31
N ARG A 57 6.68 26.40 -36.24
CA ARG A 57 5.61 26.00 -37.14
C ARG A 57 4.37 25.60 -36.35
N GLY A 58 4.22 26.19 -35.17
CA GLY A 58 3.01 26.05 -34.38
C GLY A 58 2.89 24.76 -33.58
N LEU A 59 3.99 24.04 -33.42
CA LEU A 59 3.98 22.79 -32.67
C LEU A 59 3.68 23.04 -31.20
N VAL A 60 2.66 22.36 -30.68
CA VAL A 60 2.21 22.58 -29.30
C VAL A 60 2.32 21.33 -28.46
N LEU A 61 2.93 21.46 -27.28
CA LEU A 61 3.08 20.35 -26.35
C LEU A 61 2.13 20.47 -25.16
N THR A 62 1.47 19.37 -24.83
CA THR A 62 0.61 19.30 -23.65
C THR A 62 0.59 17.86 -23.15
N ASN A 63 -0.23 17.58 -22.14
CA ASN A 63 -0.31 16.23 -21.59
C ASN A 63 -1.03 15.25 -22.50
N HIS A 64 -0.88 13.96 -22.18
CA HIS A 64 -1.62 12.92 -22.88
C HIS A 64 -3.07 12.91 -22.44
N HIS A 65 -3.31 13.11 -21.14
CA HIS A 65 -4.67 13.10 -20.61
C HIS A 65 -5.43 14.36 -21.01
N CYS A 66 -4.69 15.39 -21.43
CA CYS A 66 -5.32 16.60 -21.93
C CYS A 66 -5.78 16.42 -23.37
N GLY A 67 -5.03 15.66 -24.15
CA GLY A 67 -5.38 15.38 -25.53
C GLY A 67 -6.07 14.04 -25.69
N TYR A 68 -6.44 13.43 -24.56
CA TYR A 68 -7.00 12.08 -24.53
C TYR A 68 -8.27 11.94 -25.38
N ASP A 69 -9.26 12.78 -25.08
CA ASP A 69 -10.56 12.70 -25.77
C ASP A 69 -10.43 12.88 -27.28
N MET A 70 -9.43 13.65 -27.70
CA MET A 70 -9.21 13.93 -29.11
C MET A 70 -8.55 12.74 -29.82
N ILE A 71 -7.61 12.11 -29.13
CA ILE A 71 -6.99 10.88 -29.64
C ILE A 71 -8.06 9.80 -29.76
N GLN A 72 -8.94 9.76 -28.77
CA GLN A 72 -10.02 8.77 -28.73
C GLN A 72 -11.03 9.00 -29.85
N ALA A 73 -11.24 10.26 -30.21
CA ALA A 73 -12.19 10.62 -31.26
C ALA A 73 -11.71 10.13 -32.62
N HIS A 74 -10.40 10.14 -32.83
CA HIS A 74 -9.81 9.70 -34.09
C HIS A 74 -9.45 8.21 -34.04
N SER A 75 -9.92 7.52 -33.02
CA SER A 75 -9.59 6.11 -32.85
C SER A 75 -10.76 5.20 -33.23
N THR A 76 -10.44 4.16 -33.98
CA THR A 76 -11.43 3.13 -34.29
C THR A 76 -10.88 1.77 -33.85
N LEU A 77 -11.75 0.76 -33.83
CA LEU A 77 -11.33 -0.59 -33.46
C LEU A 77 -10.16 -1.15 -34.29
N GLU A 78 -10.24 -0.97 -35.61
CA GLU A 78 -9.22 -1.45 -36.53
C GLU A 78 -7.91 -0.69 -36.35
N HIS A 79 -8.03 0.62 -36.39
CA HIS A 79 -6.88 1.48 -36.38
C HIS A 79 -6.81 2.31 -35.12
N ASN A 80 -6.49 1.67 -33.99
CA ASN A 80 -6.59 2.23 -32.64
C ASN A 80 -5.43 3.14 -32.17
N TYR A 81 -5.55 4.45 -32.36
CA TYR A 81 -4.49 5.39 -31.98
C TYR A 81 -4.34 5.54 -30.48
N LEU A 82 -5.43 5.30 -29.75
CA LEU A 82 -5.44 5.49 -28.31
C LEU A 82 -4.53 4.48 -27.60
N GLU A 83 -4.36 3.31 -28.19
CA GLU A 83 -3.54 2.26 -27.58
C GLU A 83 -2.22 2.05 -28.32
N ASN A 84 -2.20 2.34 -29.61
CA ASN A 84 -1.00 2.14 -30.42
C ASN A 84 -0.19 3.41 -30.58
N GLY A 85 -0.84 4.55 -30.36
CA GLY A 85 -0.19 5.84 -30.55
C GLY A 85 -0.46 6.38 -31.94
N PHE A 86 -0.18 7.67 -32.12
CA PHE A 86 -0.36 8.31 -33.42
C PHE A 86 0.84 9.17 -33.77
N TRP A 87 1.32 9.04 -35.01
CA TRP A 87 2.47 9.80 -35.47
C TRP A 87 2.33 10.18 -36.94
N ALA A 88 1.83 11.37 -37.20
CA ALA A 88 1.72 11.89 -38.56
C ALA A 88 3.12 12.10 -39.15
N MET A 89 3.43 11.36 -40.20
CA MET A 89 4.75 11.42 -40.81
C MET A 89 4.89 12.63 -41.73
N ARG A 90 3.79 13.35 -41.93
CA ARG A 90 3.81 14.61 -42.65
C ARG A 90 2.71 15.52 -42.12
N GLU A 91 2.85 16.82 -42.34
CA GLU A 91 1.92 17.80 -41.80
C GLU A 91 0.49 17.61 -42.32
N ALA A 92 0.38 17.01 -43.50
CA ALA A 92 -0.92 16.78 -44.12
C ALA A 92 -1.69 15.66 -43.40
N ASP A 93 -0.97 14.77 -42.73
CA ASP A 93 -1.60 13.63 -42.05
C ASP A 93 -2.10 13.99 -40.66
N GLU A 94 -1.90 15.24 -40.25
CA GLU A 94 -2.31 15.68 -38.93
C GLU A 94 -3.83 15.86 -38.88
N LEU A 95 -4.44 15.28 -37.84
CA LEU A 95 -5.90 15.16 -37.77
C LEU A 95 -6.56 16.36 -37.11
N PRO A 96 -7.49 17.00 -37.84
CA PRO A 96 -8.26 18.16 -37.35
C PRO A 96 -9.17 17.79 -36.19
N ASN A 97 -9.45 18.75 -35.32
CA ASN A 97 -10.32 18.51 -34.17
C ASN A 97 -11.44 19.53 -34.08
N LYS A 98 -12.63 19.06 -33.70
CA LYS A 98 -13.78 19.91 -33.49
C LYS A 98 -13.93 20.20 -32.00
N ASP A 99 -14.47 21.38 -31.67
CA ASP A 99 -14.64 21.83 -30.30
C ASP A 99 -13.30 21.96 -29.57
N ILE A 100 -12.26 22.30 -30.32
CA ILE A 100 -10.94 22.50 -29.75
C ILE A 100 -10.55 23.98 -29.87
N SER A 101 -9.74 24.45 -28.93
CA SER A 101 -9.28 25.83 -28.96
C SER A 101 -7.95 25.99 -28.25
N VAL A 102 -7.20 27.01 -28.65
CA VAL A 102 -5.96 27.35 -27.97
C VAL A 102 -5.97 28.87 -27.77
N VAL A 103 -5.49 29.33 -26.62
CA VAL A 103 -5.61 30.74 -26.28
C VAL A 103 -4.29 31.37 -25.83
N PHE A 104 -3.81 32.33 -26.61
CA PHE A 104 -2.66 33.13 -26.22
C PHE A 104 -3.12 34.31 -25.37
N ILE A 105 -2.37 34.59 -24.29
CA ILE A 105 -2.61 35.80 -23.52
C ILE A 105 -1.70 36.90 -24.07
N ASP A 106 -2.22 37.67 -25.02
CA ASP A 106 -1.40 38.64 -25.75
C ASP A 106 -1.03 39.85 -24.91
N LYS A 107 -2.00 40.36 -24.14
CA LYS A 107 -1.77 41.56 -23.34
C LYS A 107 -2.47 41.47 -21.99
N ILE A 108 -1.78 41.95 -20.95
CA ILE A 108 -2.35 42.02 -19.61
C ILE A 108 -2.25 43.44 -19.07
N GLU A 109 -3.38 43.99 -18.62
CA GLU A 109 -3.39 45.37 -18.14
C GLU A 109 -4.16 45.52 -16.83
N ASP A 110 -3.58 46.28 -15.91
CA ASP A 110 -4.21 46.59 -14.63
C ASP A 110 -5.27 47.68 -14.84
N VAL A 111 -6.52 47.35 -14.50
CA VAL A 111 -7.61 48.30 -14.68
C VAL A 111 -8.38 48.51 -13.37
N THR A 112 -7.68 48.35 -12.25
CA THR A 112 -8.29 48.47 -10.93
C THR A 112 -8.95 49.83 -10.71
N ASP A 113 -8.24 50.90 -11.06
CA ASP A 113 -8.77 52.26 -10.90
C ASP A 113 -9.98 52.48 -11.79
N TYR A 114 -9.91 51.98 -13.02
CA TYR A 114 -11.01 52.10 -13.96
C TYR A 114 -12.26 51.38 -13.47
N VAL A 115 -12.09 50.14 -13.02
CA VAL A 115 -13.21 49.35 -12.52
C VAL A 115 -13.82 49.98 -11.27
N LYS A 116 -12.96 50.38 -10.33
CA LYS A 116 -13.42 51.01 -9.08
C LYS A 116 -14.18 52.30 -9.35
N LYS A 117 -13.74 53.04 -10.37
CA LYS A 117 -14.40 54.28 -10.75
C LYS A 117 -15.82 54.00 -11.24
N GLU A 118 -15.95 52.99 -12.10
CA GLU A 118 -17.25 52.59 -12.63
C GLU A 118 -18.15 52.01 -11.54
N LEU A 119 -17.53 51.53 -10.46
CA LEU A 119 -18.27 50.94 -9.35
C LEU A 119 -18.83 51.99 -8.41
N LYS A 120 -18.25 53.18 -8.43
CA LYS A 120 -18.75 54.27 -7.58
C LYS A 120 -20.00 54.92 -8.18
N ALA A 121 -20.52 54.32 -9.25
CA ALA A 121 -21.85 54.64 -9.76
C ALA A 121 -22.86 53.86 -8.94
N ILE A 122 -22.55 53.72 -7.66
CA ILE A 122 -23.32 52.95 -6.69
C ILE A 122 -24.84 52.98 -6.86
N LYS A 123 -25.45 51.81 -6.79
CA LYS A 123 -26.89 51.71 -6.64
C LYS A 123 -27.14 51.29 -5.21
N ASP A 124 -26.27 50.42 -4.74
CA ASP A 124 -26.40 49.78 -3.44
C ASP A 124 -25.00 49.48 -2.90
N PRO A 125 -24.70 50.00 -1.69
CA PRO A 125 -23.41 49.78 -1.03
C PRO A 125 -22.98 48.32 -0.98
N ASN A 126 -23.93 47.40 -0.85
CA ASN A 126 -23.58 45.98 -0.80
C ASN A 126 -23.98 45.21 -2.07
N SER A 127 -23.86 45.87 -3.22
CA SER A 127 -24.11 45.23 -4.50
C SER A 127 -22.96 44.31 -4.87
N MET A 128 -23.28 43.17 -5.51
CA MET A 128 -22.27 42.17 -5.81
C MET A 128 -21.81 42.24 -7.28
N ASP A 129 -21.95 43.42 -7.89
CA ASP A 129 -21.56 43.60 -9.27
C ASP A 129 -20.04 43.61 -9.44
N TYR A 130 -19.32 43.87 -8.35
CA TYR A 130 -17.87 43.95 -8.40
C TYR A 130 -17.23 42.57 -8.60
N LEU A 131 -18.03 41.53 -8.45
CA LEU A 131 -17.57 40.16 -8.72
C LEU A 131 -18.34 39.53 -9.87
N SER A 132 -19.34 40.25 -10.38
CA SER A 132 -20.18 39.75 -11.46
C SER A 132 -19.45 39.77 -12.80
N PRO A 133 -19.22 38.59 -13.39
CA PRO A 133 -18.54 38.47 -14.68
C PRO A 133 -19.34 39.14 -15.80
N LYS A 134 -20.67 39.08 -15.70
CA LYS A 134 -21.54 39.75 -16.66
C LYS A 134 -21.31 41.25 -16.65
N TYR A 135 -21.26 41.83 -15.46
CA TYR A 135 -21.02 43.25 -15.29
C TYR A 135 -19.61 43.65 -15.73
N LEU A 136 -18.65 42.81 -15.37
CA LEU A 136 -17.25 43.09 -15.70
C LEU A 136 -17.00 43.01 -17.20
N GLN A 137 -17.76 42.17 -17.89
CA GLN A 137 -17.65 42.03 -19.33
C GLN A 137 -18.16 43.29 -20.03
N LYS A 138 -19.16 43.93 -19.44
CA LYS A 138 -19.68 45.20 -19.96
C LYS A 138 -18.64 46.30 -19.79
N LEU A 139 -17.95 46.27 -18.66
CA LEU A 139 -16.85 47.20 -18.41
C LEU A 139 -15.69 46.89 -19.35
N ALA A 140 -15.56 45.62 -19.71
CA ALA A 140 -14.52 45.17 -20.62
C ALA A 140 -14.76 45.67 -22.04
N ASP A 141 -15.98 45.48 -22.52
CA ASP A 141 -16.36 45.91 -23.86
C ASP A 141 -16.33 47.42 -23.99
N LYS A 142 -16.61 48.13 -22.89
CA LYS A 142 -16.65 49.58 -22.88
C LYS A 142 -15.27 50.19 -23.13
N LYS A 143 -14.26 49.64 -22.46
CA LYS A 143 -12.90 50.18 -22.58
C LYS A 143 -12.26 49.76 -23.90
N ALA A 144 -12.63 48.59 -24.40
CA ALA A 144 -12.05 48.07 -25.64
C ALA A 144 -12.61 48.78 -26.86
N GLY A 145 -13.91 49.05 -26.85
CA GLY A 145 -14.57 49.69 -27.98
C GLY A 145 -15.87 49.02 -28.36
N LYS A 146 -16.62 49.64 -29.25
CA LYS A 146 -17.93 49.15 -29.65
C LYS A 146 -17.87 47.78 -30.33
N ASN A 147 -17.22 47.72 -31.49
CA ASN A 147 -17.03 46.45 -32.19
C ASN A 147 -15.57 46.09 -32.35
N PHE A 148 -14.89 45.99 -31.20
CA PHE A 148 -13.55 45.40 -31.09
C PHE A 148 -13.58 44.01 -31.72
N SER A 149 -14.77 43.41 -31.71
CA SER A 149 -15.08 42.17 -32.38
C SER A 149 -14.53 42.11 -33.81
N ALA A 150 -14.90 43.12 -34.62
CA ALA A 150 -14.59 43.12 -36.04
C ALA A 150 -13.28 43.82 -36.36
N LYS A 151 -12.92 44.81 -35.55
CA LYS A 151 -11.69 45.57 -35.76
C LYS A 151 -10.46 44.69 -35.54
N ASN A 152 -10.60 43.68 -34.67
CA ASN A 152 -9.50 42.79 -34.36
C ASN A 152 -9.93 41.32 -34.33
N PRO A 153 -9.98 40.69 -35.52
CA PRO A 153 -10.35 39.28 -35.63
C PRO A 153 -9.43 38.36 -34.86
N GLY A 154 -9.99 37.46 -34.06
CA GLY A 154 -9.19 36.54 -33.27
C GLY A 154 -8.92 37.03 -31.87
N LEU A 155 -9.16 38.33 -31.65
CA LEU A 155 -8.91 38.94 -30.34
C LEU A 155 -10.20 39.12 -29.55
N SER A 156 -10.10 38.87 -28.24
CA SER A 156 -11.20 39.12 -27.33
C SER A 156 -10.66 39.73 -26.05
N VAL A 157 -11.54 40.36 -25.26
CA VAL A 157 -11.11 41.05 -24.05
C VAL A 157 -11.93 40.58 -22.85
N GLU A 158 -11.28 40.47 -21.69
CA GLU A 158 -11.93 39.99 -20.48
C GLU A 158 -11.38 40.68 -19.23
N ILE A 159 -12.25 40.96 -18.27
CA ILE A 159 -11.84 41.52 -16.99
C ILE A 159 -12.15 40.56 -15.86
N LYS A 160 -11.13 40.23 -15.05
CA LYS A 160 -11.33 39.32 -13.93
C LYS A 160 -11.00 39.98 -12.59
N ALA A 161 -11.64 39.49 -11.54
CA ALA A 161 -11.41 40.01 -10.19
C ALA A 161 -10.36 39.20 -9.44
N PHE A 162 -9.55 39.89 -8.66
CA PHE A 162 -8.52 39.26 -7.85
C PHE A 162 -8.60 39.77 -6.42
N TYR A 163 -8.01 39.02 -5.48
CA TYR A 163 -7.95 39.40 -4.07
C TYR A 163 -9.33 39.76 -3.49
N GLY A 164 -10.34 38.95 -3.82
CA GLY A 164 -11.67 39.18 -3.31
C GLY A 164 -12.29 40.48 -3.79
N GLY A 165 -11.78 41.02 -4.89
CA GLY A 165 -12.32 42.22 -5.49
C GLY A 165 -11.56 43.50 -5.18
N ASN A 166 -10.28 43.37 -4.86
CA ASN A 166 -9.45 44.55 -4.58
C ASN A 166 -8.49 44.86 -5.73
N LEU A 167 -8.52 44.03 -6.76
CA LEU A 167 -7.65 44.22 -7.91
C LEU A 167 -8.28 43.62 -9.17
N TYR A 168 -8.21 44.35 -10.27
CA TYR A 168 -8.81 43.91 -11.53
C TYR A 168 -7.82 43.94 -12.67
N LEU A 169 -7.76 42.85 -13.43
CA LEU A 169 -6.89 42.77 -14.59
C LEU A 169 -7.70 42.59 -15.87
N MET A 170 -7.29 43.27 -16.93
CA MET A 170 -7.89 43.08 -18.24
C MET A 170 -6.98 42.23 -19.12
N PHE A 171 -7.53 41.19 -19.72
CA PHE A 171 -6.76 40.30 -20.58
C PHE A 171 -7.18 40.44 -22.04
N THR A 172 -6.21 40.56 -22.93
CA THR A 172 -6.46 40.50 -24.35
C THR A 172 -6.08 39.11 -24.86
N LYS A 173 -7.08 38.33 -25.24
CA LYS A 173 -6.86 36.94 -25.61
C LYS A 173 -6.83 36.73 -27.12
N LYS A 174 -5.99 35.79 -27.56
CA LYS A 174 -5.85 35.43 -28.97
C LYS A 174 -6.23 33.97 -29.15
N THR A 175 -7.37 33.71 -29.78
CA THR A 175 -7.95 32.37 -29.81
C THR A 175 -7.88 31.68 -31.17
N TYR A 176 -7.13 30.60 -31.25
CA TYR A 176 -7.08 29.76 -32.45
C TYR A 176 -7.89 28.49 -32.23
N THR A 177 -8.68 28.10 -33.24
CA THR A 177 -9.55 26.94 -33.12
C THR A 177 -9.24 25.84 -34.13
N ASP A 178 -8.20 26.07 -34.95
CA ASP A 178 -7.74 25.03 -35.86
C ASP A 178 -6.48 24.38 -35.30
N VAL A 179 -6.67 23.47 -34.34
CA VAL A 179 -5.56 22.78 -33.71
C VAL A 179 -5.65 21.28 -33.98
N ARG A 180 -4.62 20.73 -34.62
CA ARG A 180 -4.67 19.36 -35.11
C ARG A 180 -3.74 18.42 -34.36
N LEU A 181 -4.17 17.17 -34.22
CA LEU A 181 -3.37 16.13 -33.57
C LEU A 181 -2.15 15.78 -34.41
N VAL A 182 -0.97 15.83 -33.78
CA VAL A 182 0.27 15.55 -34.48
C VAL A 182 0.90 14.25 -34.00
N GLY A 183 1.17 14.17 -32.70
CA GLY A 183 1.81 13.01 -32.12
C GLY A 183 1.21 12.60 -30.79
N ALA A 184 1.26 11.29 -30.51
CA ALA A 184 0.75 10.76 -29.26
C ALA A 184 1.38 9.39 -28.98
N PRO A 185 1.90 9.22 -27.76
CA PRO A 185 2.43 7.92 -27.33
C PRO A 185 1.30 6.92 -27.08
N PRO A 186 1.60 5.62 -27.08
CA PRO A 186 0.58 4.63 -26.73
C PRO A 186 0.07 4.82 -25.30
N SER A 187 -1.11 4.30 -25.01
CA SER A 187 -1.71 4.43 -23.68
C SER A 187 -0.82 3.83 -22.60
N SER A 188 0.00 2.87 -22.98
CA SER A 188 0.89 2.19 -22.05
C SER A 188 2.01 3.12 -21.56
N ILE A 189 2.19 4.24 -22.25
CA ILE A 189 3.21 5.21 -21.88
C ILE A 189 2.61 6.48 -21.29
N GLY A 190 1.65 7.05 -22.01
CA GLY A 190 1.02 8.29 -21.59
C GLY A 190 0.08 8.12 -20.41
N LYS A 191 -0.32 6.88 -20.16
CA LYS A 191 -1.27 6.57 -19.11
C LYS A 191 -0.76 5.38 -18.29
N PHE A 192 0.56 5.21 -18.29
CA PHE A 192 1.21 4.06 -17.66
C PHE A 192 0.81 3.85 -16.21
N GLY A 193 0.73 4.94 -15.45
CA GLY A 193 0.35 4.86 -14.05
C GLY A 193 -1.10 4.51 -13.86
N ALA A 194 -1.94 4.96 -14.80
CA ALA A 194 -3.38 4.80 -14.73
C ALA A 194 -3.96 5.39 -13.44
N ASP A 195 -4.74 4.61 -12.71
CA ASP A 195 -5.42 5.11 -11.52
C ASP A 195 -4.71 4.77 -10.22
N THR A 196 -3.89 3.71 -10.23
CA THR A 196 -3.20 3.29 -9.01
C THR A 196 -1.98 4.17 -8.73
N ASP A 197 -1.42 4.78 -9.77
CA ASP A 197 -0.30 5.68 -9.61
C ASP A 197 -0.72 7.14 -9.76
N ASN A 198 -2.03 7.37 -9.83
CA ASN A 198 -2.56 8.72 -9.93
C ASN A 198 -2.34 9.47 -8.63
N TRP A 199 -1.86 10.72 -8.74
CA TRP A 199 -1.52 11.56 -7.60
C TRP A 199 -0.40 10.96 -6.76
N ILE A 200 0.39 10.08 -7.37
CA ILE A 200 1.45 9.37 -6.64
C ILE A 200 2.84 9.73 -7.14
N TRP A 201 3.72 10.06 -6.20
CA TRP A 201 5.15 10.16 -6.47
C TRP A 201 5.86 9.10 -5.63
N PRO A 202 6.86 8.41 -6.20
CA PRO A 202 7.41 8.52 -7.56
C PRO A 202 6.44 8.06 -8.65
N ARG A 203 6.68 8.52 -9.87
CA ARG A 203 5.81 8.21 -11.00
C ARG A 203 6.63 7.99 -12.26
N HIS A 204 6.14 7.14 -13.15
CA HIS A 204 6.88 6.77 -14.34
C HIS A 204 6.02 6.88 -15.61
N THR A 205 5.22 7.93 -15.68
CA THR A 205 4.27 8.09 -16.77
C THR A 205 4.74 9.12 -17.80
N GLY A 206 4.78 8.71 -19.07
CA GLY A 206 5.14 9.61 -20.15
C GLY A 206 3.93 10.40 -20.62
N ASP A 207 3.42 11.26 -19.73
CA ASP A 207 2.18 11.98 -19.97
C ASP A 207 2.36 13.18 -20.89
N PHE A 208 2.26 12.95 -22.20
CA PHE A 208 2.35 14.04 -23.16
C PHE A 208 1.58 13.74 -24.45
N SER A 209 1.32 14.79 -25.22
CA SER A 209 0.73 14.67 -26.55
C SER A 209 1.14 15.88 -27.39
N ILE A 210 1.18 15.71 -28.70
CA ILE A 210 1.69 16.75 -29.59
C ILE A 210 0.62 17.28 -30.55
N PHE A 211 0.55 18.60 -30.68
CA PHE A 211 -0.42 19.23 -31.56
C PHE A 211 0.21 20.36 -32.36
N ARG A 212 -0.55 20.90 -33.32
CA ARG A 212 -0.09 22.03 -34.12
C ARG A 212 -1.21 23.04 -34.35
N ILE A 213 -0.88 24.31 -34.16
CA ILE A 213 -1.81 25.40 -34.42
C ILE A 213 -1.85 25.76 -35.90
N TYR A 214 -3.05 25.84 -36.47
CA TYR A 214 -3.21 26.25 -37.85
C TYR A 214 -3.96 27.58 -37.94
N ALA A 215 -3.69 28.33 -39.00
CA ALA A 215 -4.33 29.63 -39.21
C ALA A 215 -4.34 29.97 -40.70
N ASP A 216 -4.69 31.21 -41.02
CA ASP A 216 -4.66 31.64 -42.42
C ASP A 216 -3.24 31.98 -42.84
N LYS A 217 -3.10 32.65 -43.99
CA LYS A 217 -1.79 32.94 -44.55
C LYS A 217 -1.01 33.99 -43.76
N ASN A 218 -1.73 34.85 -43.05
CA ASN A 218 -1.09 35.90 -42.26
C ASN A 218 -0.87 35.51 -40.81
N GLY A 219 -1.40 34.36 -40.42
CA GLY A 219 -1.26 33.87 -39.06
C GLY A 219 -2.39 34.27 -38.15
N ASN A 220 -3.48 34.78 -38.75
CA ASN A 220 -4.66 35.16 -38.00
C ASN A 220 -5.58 33.96 -37.79
N PRO A 221 -6.19 33.87 -36.60
CA PRO A 221 -7.09 32.76 -36.23
C PRO A 221 -8.20 32.52 -37.24
N ALA A 222 -8.43 31.24 -37.56
CA ALA A 222 -9.47 30.86 -38.50
C ALA A 222 -9.95 29.44 -38.20
N PRO A 223 -11.25 29.17 -38.43
CA PRO A 223 -11.80 27.82 -38.26
C PRO A 223 -11.14 26.82 -39.22
N TYR A 224 -11.45 25.54 -39.07
CA TYR A 224 -10.83 24.52 -39.90
C TYR A 224 -11.11 24.73 -41.39
N SER A 225 -10.06 24.65 -42.20
CA SER A 225 -10.16 24.70 -43.65
C SER A 225 -8.88 24.13 -44.24
N GLU A 226 -9.00 23.41 -45.35
CA GLU A 226 -7.86 22.72 -45.96
C GLU A 226 -6.81 23.70 -46.49
N ASP A 227 -7.18 24.97 -46.62
CA ASP A 227 -6.26 25.99 -47.10
C ASP A 227 -5.52 26.68 -45.96
N ASN A 228 -5.76 26.23 -44.73
CA ASN A 228 -5.06 26.79 -43.58
C ASN A 228 -3.59 26.37 -43.56
N VAL A 229 -2.76 27.24 -42.99
CA VAL A 229 -1.32 27.03 -42.96
C VAL A 229 -0.81 27.10 -41.52
N PRO A 230 0.13 26.21 -41.16
CA PRO A 230 0.71 26.15 -39.82
C PRO A 230 1.14 27.52 -39.30
N LEU A 231 0.77 27.83 -38.06
CA LEU A 231 1.08 29.13 -37.47
C LEU A 231 2.57 29.30 -37.21
N LYS A 232 3.10 30.45 -37.62
CA LYS A 232 4.44 30.85 -37.21
C LYS A 232 4.31 31.73 -35.98
N PRO A 233 4.58 31.16 -34.80
CA PRO A 233 4.37 31.84 -33.52
C PRO A 233 5.31 33.01 -33.32
N LYS A 234 4.91 33.94 -32.46
CA LYS A 234 5.73 35.09 -32.11
C LYS A 234 6.91 34.63 -31.26
N ARG A 235 6.73 33.53 -30.55
CA ARG A 235 7.77 32.98 -29.68
C ARG A 235 7.52 31.50 -29.42
N PHE A 236 8.60 30.73 -29.24
CA PHE A 236 8.48 29.32 -28.89
C PHE A 236 9.63 28.87 -27.99
N PHE A 237 9.38 27.85 -27.19
CA PHE A 237 10.38 27.32 -26.26
C PHE A 237 11.49 26.56 -26.96
N ASN A 238 12.72 26.72 -26.47
CA ASN A 238 13.83 25.87 -26.87
C ASN A 238 13.87 24.61 -26.02
N ILE A 239 14.24 23.49 -26.64
CA ILE A 239 14.34 22.23 -25.91
C ILE A 239 15.74 22.03 -25.34
N SER A 240 15.80 21.68 -24.06
CA SER A 240 17.09 21.40 -23.43
C SER A 240 17.30 19.91 -23.21
N LEU A 241 18.50 19.44 -23.51
CA LEU A 241 18.88 18.06 -23.23
C LEU A 241 19.94 18.01 -22.15
N GLY A 242 20.17 19.16 -21.51
CA GLY A 242 21.12 19.25 -20.42
C GLY A 242 20.63 18.56 -19.17
N GLY A 243 19.31 18.35 -19.09
CA GLY A 243 18.72 17.63 -17.99
C GLY A 243 18.59 18.43 -16.71
N VAL A 244 18.26 17.74 -15.63
CA VAL A 244 18.11 18.38 -14.32
C VAL A 244 18.96 17.69 -13.26
N GLN A 245 19.43 18.47 -12.30
CA GLN A 245 20.14 17.93 -11.14
C GLN A 245 19.34 18.27 -9.89
N GLU A 246 19.69 17.63 -8.77
CA GLU A 246 19.06 17.93 -7.50
C GLU A 246 19.33 19.40 -7.14
N ASN A 247 18.30 20.08 -6.65
CA ASN A 247 18.36 21.49 -6.26
C ASN A 247 18.52 22.45 -7.45
N ASP A 248 18.32 21.94 -8.66
CA ASP A 248 18.36 22.81 -9.84
C ASP A 248 17.16 23.75 -9.86
N TYR A 249 17.40 24.98 -10.31
CA TYR A 249 16.33 25.97 -10.45
C TYR A 249 15.29 25.48 -11.46
N ALA A 250 14.03 25.58 -11.08
CA ALA A 250 12.94 25.22 -11.97
C ALA A 250 11.81 26.23 -11.83
N MET A 251 11.20 26.60 -12.95
CA MET A 251 10.07 27.52 -12.92
C MET A 251 9.00 27.09 -13.92
N ILE A 252 7.77 27.54 -13.68
CA ILE A 252 6.61 27.08 -14.44
C ILE A 252 5.63 28.22 -14.73
N MET A 253 5.19 28.30 -15.98
CA MET A 253 4.09 29.19 -16.35
C MET A 253 2.87 28.36 -16.75
N GLY A 254 1.70 28.77 -16.28
CA GLY A 254 0.48 28.04 -16.58
C GLY A 254 -0.77 28.72 -16.07
N PHE A 255 -1.88 27.98 -16.08
CA PHE A 255 -3.17 28.53 -15.68
C PHE A 255 -3.80 27.76 -14.53
N PRO A 256 -3.32 27.98 -13.29
CA PRO A 256 -3.90 27.31 -12.12
C PRO A 256 -5.36 27.68 -11.93
N GLY A 257 -6.19 26.69 -11.59
CA GLY A 257 -7.62 26.87 -11.54
C GLY A 257 -8.16 27.60 -10.33
N THR A 258 -8.13 26.95 -9.18
CA THR A 258 -8.74 27.51 -7.97
C THR A 258 -7.95 27.20 -6.71
N THR A 259 -7.76 28.22 -5.87
CA THR A 259 -7.20 28.04 -4.55
C THR A 259 -8.02 28.82 -3.52
N HIS A 260 -7.79 28.54 -2.24
CA HIS A 260 -8.50 29.22 -1.17
C HIS A 260 -7.57 29.52 0.00
N ARG A 261 -6.50 30.27 -0.29
CA ARG A 261 -5.46 30.53 0.70
C ARG A 261 -5.87 31.57 1.74
N TYR A 262 -6.98 32.26 1.48
CA TYR A 262 -7.43 33.31 2.39
C TYR A 262 -8.64 32.88 3.22
N PHE A 263 -8.88 31.58 3.29
CA PHE A 263 -9.90 31.02 4.17
C PHE A 263 -9.62 31.39 5.63
N THR A 264 -10.67 31.69 6.37
CA THR A 264 -10.54 31.91 7.80
C THR A 264 -10.42 30.57 8.49
N ALA A 265 -10.16 30.57 9.79
CA ALA A 265 -10.04 29.33 10.54
C ALA A 265 -11.37 28.58 10.57
N SER A 266 -12.45 29.34 10.69
CA SER A 266 -13.79 28.76 10.73
C SER A 266 -14.16 28.11 9.40
N GLU A 267 -13.63 28.67 8.31
CA GLU A 267 -13.88 28.13 6.98
C GLU A 267 -13.14 26.81 6.77
N VAL A 268 -11.99 26.68 7.43
CA VAL A 268 -11.23 25.43 7.39
C VAL A 268 -11.96 24.36 8.18
N ASP A 269 -12.51 24.75 9.33
CA ASP A 269 -13.29 23.84 10.17
C ASP A 269 -14.54 23.36 9.43
N GLU A 270 -15.21 24.28 8.74
CA GLU A 270 -16.40 23.97 7.96
C GLU A 270 -16.08 23.00 6.84
N TRP A 271 -14.98 23.26 6.15
CA TRP A 271 -14.54 22.41 5.05
C TRP A 271 -14.25 20.99 5.51
N LYS A 272 -13.69 20.88 6.71
CA LYS A 272 -13.33 19.58 7.27
C LYS A 272 -14.53 18.83 7.83
N SER A 273 -15.23 19.48 8.77
CA SER A 273 -16.25 18.80 9.57
C SER A 273 -17.59 18.63 8.84
N ILE A 274 -17.77 19.34 7.73
CA ILE A 274 -19.02 19.24 6.98
C ILE A 274 -18.79 18.75 5.56
N ASP A 275 -18.05 19.51 4.77
CA ASP A 275 -17.84 19.18 3.36
C ASP A 275 -17.11 17.85 3.18
N ASN A 276 -15.93 17.74 3.78
CA ASN A 276 -15.09 16.56 3.59
C ASN A 276 -15.61 15.32 4.33
N ASP A 277 -15.95 15.49 5.60
CA ASP A 277 -16.38 14.37 6.44
C ASP A 277 -17.64 13.68 5.92
N ILE A 278 -18.60 14.46 5.47
CA ILE A 278 -19.84 13.90 4.92
C ILE A 278 -19.56 13.21 3.58
N ARG A 279 -18.73 13.83 2.75
CA ARG A 279 -18.35 13.26 1.46
C ARG A 279 -17.61 11.94 1.64
N ILE A 280 -16.68 11.91 2.59
CA ILE A 280 -15.91 10.71 2.88
C ILE A 280 -16.83 9.59 3.38
N ARG A 281 -17.71 9.93 4.31
CA ARG A 281 -18.59 8.96 4.94
C ARG A 281 -19.58 8.35 3.95
N MET A 282 -20.27 9.19 3.20
CA MET A 282 -21.30 8.74 2.28
C MET A 282 -20.74 7.96 1.09
N ARG A 283 -19.58 8.38 0.60
CA ARG A 283 -18.97 7.73 -0.56
C ARG A 283 -18.31 6.40 -0.19
N ASP A 284 -17.82 6.29 1.05
CA ASP A 284 -17.23 5.04 1.50
C ASP A 284 -18.29 3.95 1.59
N ILE A 285 -19.50 4.35 1.94
CA ILE A 285 -20.63 3.44 1.96
C ILE A 285 -21.03 3.04 0.54
N ARG A 286 -21.14 4.05 -0.33
CA ARG A 286 -21.53 3.82 -1.72
C ARG A 286 -20.52 2.96 -2.46
N GLN A 287 -19.24 3.32 -2.34
CA GLN A 287 -18.18 2.57 -3.00
C GLN A 287 -18.02 1.18 -2.42
N GLY A 288 -18.30 1.05 -1.13
CA GLY A 288 -18.22 -0.23 -0.45
C GLY A 288 -19.20 -1.24 -1.01
N VAL A 289 -20.46 -0.83 -1.11
CA VAL A 289 -21.49 -1.67 -1.70
C VAL A 289 -21.19 -1.93 -3.18
N MET A 290 -20.77 -0.89 -3.86
CA MET A 290 -20.47 -0.96 -5.29
C MET A 290 -19.31 -1.92 -5.57
N LEU A 291 -18.26 -1.82 -4.76
CA LEU A 291 -17.09 -2.70 -4.89
C LEU A 291 -17.46 -4.16 -4.73
N ARG A 292 -18.29 -4.46 -3.73
CA ARG A 292 -18.72 -5.81 -3.44
C ARG A 292 -19.47 -6.43 -4.62
N GLU A 293 -20.29 -5.63 -5.29
CA GLU A 293 -21.07 -6.11 -6.42
C GLU A 293 -20.21 -6.30 -7.66
N MET A 294 -19.15 -5.51 -7.78
CA MET A 294 -18.27 -5.58 -8.95
C MET A 294 -17.39 -6.83 -8.91
N LEU A 295 -16.95 -7.20 -7.71
CA LEU A 295 -16.09 -8.37 -7.54
C LEU A 295 -16.85 -9.68 -7.76
N ALA A 296 -18.09 -9.71 -7.30
CA ALA A 296 -18.91 -10.92 -7.36
C ALA A 296 -19.41 -11.19 -8.77
N ASP A 297 -19.49 -10.16 -9.59
CA ASP A 297 -20.01 -10.29 -10.95
C ASP A 297 -19.15 -9.49 -11.92
N PRO A 298 -18.44 -10.20 -12.81
CA PRO A 298 -17.56 -9.58 -13.80
C PRO A 298 -18.31 -8.68 -14.78
N GLN A 299 -19.62 -8.89 -14.91
CA GLN A 299 -20.44 -8.07 -15.79
C GLN A 299 -20.81 -6.75 -15.12
N ILE A 300 -21.07 -6.80 -13.82
CA ILE A 300 -21.34 -5.60 -13.04
C ILE A 300 -20.10 -4.72 -13.02
N LYS A 301 -18.93 -5.36 -13.02
CA LYS A 301 -17.65 -4.66 -12.98
C LYS A 301 -17.45 -3.77 -14.20
N ILE A 302 -17.73 -4.30 -15.39
CA ILE A 302 -17.52 -3.53 -16.63
C ILE A 302 -18.56 -2.42 -16.77
N MET A 303 -19.67 -2.55 -16.07
CA MET A 303 -20.74 -1.55 -16.13
C MET A 303 -20.48 -0.40 -15.16
N TYR A 304 -19.99 -0.73 -13.97
CA TYR A 304 -19.83 0.27 -12.92
C TYR A 304 -18.37 0.66 -12.67
N SER A 305 -17.49 0.33 -13.61
CA SER A 305 -16.07 0.68 -13.47
C SER A 305 -15.86 2.18 -13.50
N ALA A 306 -16.54 2.86 -14.41
CA ALA A 306 -16.40 4.31 -14.56
C ALA A 306 -17.04 5.05 -13.39
N LYS A 307 -18.25 4.63 -13.00
CA LYS A 307 -18.96 5.26 -11.90
C LYS A 307 -18.19 5.12 -10.58
N TYR A 308 -17.58 3.95 -10.39
CA TYR A 308 -16.79 3.69 -9.19
C TYR A 308 -15.56 4.58 -9.15
N ALA A 309 -14.81 4.59 -10.25
CA ALA A 309 -13.59 5.39 -10.35
C ALA A 309 -13.88 6.87 -10.21
N ALA A 310 -15.00 7.31 -10.76
CA ALA A 310 -15.40 8.72 -10.70
C ALA A 310 -15.67 9.15 -9.27
N SER A 311 -16.39 8.31 -8.53
CA SER A 311 -16.71 8.59 -7.13
C SER A 311 -15.46 8.61 -6.27
N GLN A 312 -14.48 7.78 -6.65
CA GLN A 312 -13.23 7.67 -5.91
C GLN A 312 -12.39 8.93 -5.96
N ASN A 313 -12.53 9.70 -7.04
CA ASN A 313 -11.69 10.86 -7.29
C ASN A 313 -11.81 11.93 -6.20
N ALA A 314 -13.00 12.49 -6.05
CA ALA A 314 -13.25 13.50 -5.02
C ALA A 314 -13.14 12.89 -3.62
N TYR A 315 -13.39 11.58 -3.54
CA TYR A 315 -13.26 10.85 -2.29
C TYR A 315 -11.83 10.85 -1.78
N LYS A 316 -10.89 10.49 -2.64
CA LYS A 316 -9.47 10.47 -2.29
C LYS A 316 -8.97 11.88 -1.99
N ARG A 317 -9.47 12.86 -2.75
CA ARG A 317 -9.09 14.25 -2.57
C ARG A 317 -9.51 14.75 -1.19
N ALA A 318 -10.68 14.32 -0.74
CA ALA A 318 -11.19 14.71 0.57
C ALA A 318 -10.37 14.04 1.69
N ILE A 319 -9.94 12.81 1.44
CA ILE A 319 -9.10 12.08 2.39
C ILE A 319 -7.77 12.81 2.58
N GLY A 320 -7.13 13.14 1.46
CA GLY A 320 -5.85 13.84 1.50
C GLY A 320 -5.97 15.22 2.11
N ALA A 321 -7.10 15.89 1.85
CA ALA A 321 -7.34 17.22 2.38
C ALA A 321 -7.42 17.20 3.90
N ASN A 322 -8.19 16.25 4.43
CA ASN A 322 -8.33 16.11 5.88
C ASN A 322 -7.04 15.65 6.55
N TRP A 323 -6.21 14.93 5.80
CA TRP A 323 -4.89 14.55 6.30
C TRP A 323 -4.02 15.78 6.47
N ALA A 324 -4.10 16.70 5.51
CA ALA A 324 -3.34 17.93 5.55
C ALA A 324 -3.81 18.82 6.69
N ILE A 325 -5.13 18.88 6.88
CA ILE A 325 -5.71 19.68 7.95
C ILE A 325 -5.25 19.19 9.32
N LYS A 326 -5.19 17.87 9.48
CA LYS A 326 -4.86 17.28 10.78
C LYS A 326 -3.37 17.31 11.11
N THR A 327 -2.52 17.13 10.11
CA THR A 327 -1.09 16.96 10.36
C THR A 327 -0.24 18.17 10.00
N ARG A 328 -0.68 18.98 9.05
CA ARG A 328 0.09 20.14 8.62
C ARG A 328 -0.31 21.40 9.39
N GLY A 329 -1.41 21.30 10.14
CA GLY A 329 -1.87 22.39 10.96
C GLY A 329 -2.36 23.58 10.14
N LEU A 330 -3.19 23.31 9.14
CA LEU A 330 -3.71 24.36 8.27
C LEU A 330 -4.63 25.31 9.01
N ARG A 331 -5.45 24.77 9.89
CA ARG A 331 -6.39 25.58 10.65
C ARG A 331 -5.66 26.60 11.52
N GLN A 332 -4.58 26.15 12.16
CA GLN A 332 -3.82 26.99 13.08
C GLN A 332 -3.12 28.17 12.40
N ASN A 333 -2.62 27.96 11.18
CA ASN A 333 -1.93 29.03 10.47
C ASN A 333 -2.89 30.10 9.95
N LYS A 334 -4.10 29.69 9.63
CA LYS A 334 -5.12 30.64 9.18
C LYS A 334 -5.57 31.45 10.39
N GLN A 335 -5.40 30.84 11.55
CA GLN A 335 -5.95 31.38 12.78
C GLN A 335 -4.92 32.40 13.23
N ALA A 336 -3.65 32.04 13.09
CA ALA A 336 -2.51 32.94 13.31
C ALA A 336 -2.50 34.11 12.32
N MET A 337 -2.89 33.87 11.07
CA MET A 337 -2.88 34.91 10.06
C MET A 337 -3.93 35.99 10.36
N GLN A 338 -5.13 35.57 10.71
CA GLN A 338 -6.21 36.53 10.96
C GLN A 338 -6.02 37.23 12.31
N ASP A 339 -5.46 36.53 13.28
CA ASP A 339 -5.16 37.13 14.58
C ASP A 339 -4.11 38.22 14.44
N ARG A 340 -3.18 38.01 13.51
CA ARG A 340 -2.10 38.95 13.28
C ARG A 340 -2.63 40.23 12.63
N LEU A 341 -3.63 40.08 11.77
CA LEU A 341 -4.28 41.23 11.14
C LEU A 341 -5.12 42.01 12.15
N ILE A 342 -5.77 41.28 13.05
CA ILE A 342 -6.61 41.89 14.07
C ILE A 342 -5.78 42.71 15.04
N ALA A 343 -4.66 42.16 15.48
CA ALA A 343 -3.74 42.86 16.36
C ALA A 343 -3.15 44.08 15.68
N TRP A 344 -2.90 43.95 14.38
CA TRP A 344 -2.37 45.04 13.57
C TRP A 344 -3.43 46.13 13.38
N GLY A 345 -4.66 45.70 13.13
CA GLY A 345 -5.77 46.62 12.93
C GLY A 345 -6.07 47.44 14.17
N ALA A 346 -5.97 46.80 15.34
CA ALA A 346 -6.21 47.49 16.60
C ALA A 346 -5.16 48.58 16.83
N LYS A 347 -3.90 48.25 16.55
CA LYS A 347 -2.82 49.22 16.67
C LYS A 347 -2.98 50.36 15.68
N GLN A 348 -3.47 50.04 14.49
CA GLN A 348 -3.71 51.04 13.44
C GLN A 348 -4.88 51.94 13.82
N GLY A 349 -5.83 51.39 14.55
CA GLY A 349 -7.01 52.13 14.96
C GLY A 349 -8.19 51.91 14.02
N THR A 350 -8.17 50.80 13.30
CA THR A 350 -9.22 50.46 12.36
C THR A 350 -9.82 49.08 12.68
N PRO A 351 -11.02 49.07 13.25
CA PRO A 351 -11.66 47.83 13.73
C PRO A 351 -12.37 47.04 12.63
N ARG A 352 -12.45 47.59 11.42
CA ARG A 352 -13.24 46.96 10.35
C ARG A 352 -12.69 45.60 9.93
N TYR A 353 -11.41 45.36 10.19
CA TYR A 353 -10.81 44.08 9.82
C TYR A 353 -11.22 42.98 10.80
N GLU A 354 -11.25 43.31 12.08
CA GLU A 354 -11.74 42.38 13.09
C GLU A 354 -13.23 42.15 12.91
N GLU A 355 -13.94 43.20 12.54
CA GLU A 355 -15.38 43.13 12.31
C GLU A 355 -15.70 42.21 11.12
N ALA A 356 -14.85 42.23 10.10
CA ALA A 356 -15.04 41.41 8.92
C ALA A 356 -14.82 39.93 9.23
N VAL A 357 -13.77 39.64 10.00
CA VAL A 357 -13.48 38.27 10.41
C VAL A 357 -14.62 37.71 11.26
N HIS A 358 -15.11 38.54 12.17
CA HIS A 358 -16.24 38.17 13.02
C HIS A 358 -17.50 37.93 12.19
N GLU A 359 -17.69 38.74 11.15
CA GLU A 359 -18.82 38.58 10.24
C GLU A 359 -18.78 37.21 9.57
N ILE A 360 -17.59 36.81 9.14
CA ILE A 360 -17.40 35.51 8.50
C ILE A 360 -17.65 34.37 9.49
N ASP A 361 -17.07 34.47 10.68
CA ASP A 361 -17.22 33.46 11.72
C ASP A 361 -18.69 33.24 12.08
N ALA A 362 -19.43 34.33 12.26
CA ALA A 362 -20.82 34.27 12.67
C ALA A 362 -21.70 33.68 11.57
N THR A 363 -21.35 33.96 10.31
CA THR A 363 -22.13 33.48 9.18
C THR A 363 -21.91 31.98 8.98
N VAL A 364 -20.66 31.55 9.11
CA VAL A 364 -20.30 30.13 8.99
C VAL A 364 -21.03 29.30 10.05
N ALA A 365 -21.06 29.80 11.28
CA ALA A 365 -21.71 29.10 12.37
C ALA A 365 -23.22 29.05 12.19
N LYS A 366 -23.78 30.11 11.61
CA LYS A 366 -25.23 30.23 11.42
C LYS A 366 -25.76 29.23 10.41
N ARG A 367 -24.99 28.96 9.36
CA ARG A 367 -25.45 28.13 8.25
C ARG A 367 -25.04 26.68 8.37
N ALA A 368 -24.40 26.33 9.49
CA ALA A 368 -23.81 25.00 9.68
C ALA A 368 -24.81 23.86 9.51
N ASP A 369 -25.97 23.98 10.12
CA ASP A 369 -26.96 22.91 10.07
C ASP A 369 -27.62 22.80 8.70
N LEU A 370 -27.85 23.94 8.05
CA LEU A 370 -28.39 23.95 6.70
C LEU A 370 -27.39 23.36 5.71
N ARG A 371 -26.12 23.71 5.87
CA ARG A 371 -25.06 23.21 5.01
C ARG A 371 -24.86 21.72 5.21
N ARG A 372 -25.07 21.27 6.44
CA ARG A 372 -24.97 19.85 6.78
C ARG A 372 -26.03 19.05 6.05
N ARG A 373 -27.27 19.52 6.12
CA ARG A 373 -28.39 18.86 5.45
C ARG A 373 -28.21 18.89 3.92
N TYR A 374 -27.61 19.96 3.43
CA TYR A 374 -27.36 20.10 2.00
C TYR A 374 -26.39 19.03 1.49
N TRP A 375 -25.22 18.96 2.12
CA TRP A 375 -24.20 17.99 1.73
C TRP A 375 -24.67 16.56 1.97
N MET A 376 -25.48 16.37 3.01
CA MET A 376 -25.98 15.04 3.35
C MET A 376 -26.89 14.50 2.24
N ILE A 377 -27.72 15.38 1.69
CA ILE A 377 -28.66 14.97 0.65
C ILE A 377 -27.99 14.98 -0.74
N GLU A 378 -26.93 15.77 -0.87
CA GLU A 378 -26.20 15.85 -2.13
C GLU A 378 -25.28 14.65 -2.30
N GLU A 379 -24.56 14.31 -1.24
CA GLU A 379 -23.67 13.15 -1.26
C GLU A 379 -24.44 11.85 -1.09
N GLY A 380 -25.49 11.89 -0.27
CA GLY A 380 -26.25 10.70 0.05
C GLY A 380 -27.24 10.25 -1.00
N ILE A 381 -28.03 11.18 -1.52
CA ILE A 381 -29.11 10.82 -2.44
C ILE A 381 -28.86 11.32 -3.86
N ILE A 382 -28.58 12.63 -3.99
CA ILE A 382 -28.40 13.24 -5.31
C ILE A 382 -27.25 12.60 -6.09
N ARG A 383 -26.12 12.36 -5.42
CA ARG A 383 -24.98 11.71 -6.06
C ARG A 383 -24.94 10.21 -5.80
N GLY A 384 -25.41 9.79 -4.64
CA GLY A 384 -25.28 8.41 -4.20
C GLY A 384 -26.28 7.44 -4.79
N ILE A 385 -27.49 7.90 -5.03
CA ILE A 385 -28.57 7.04 -5.50
C ILE A 385 -28.95 7.34 -6.94
N GLU A 386 -28.78 6.34 -7.81
CA GLU A 386 -28.98 6.52 -9.24
C GLU A 386 -30.42 6.89 -9.62
N PHE A 387 -31.41 6.26 -8.98
CA PHE A 387 -32.80 6.52 -9.37
C PHE A 387 -33.32 7.81 -8.78
N ALA A 388 -32.46 8.55 -8.09
CA ALA A 388 -32.80 9.91 -7.68
C ALA A 388 -32.85 10.80 -8.92
N ARG A 389 -32.04 10.46 -9.90
CA ARG A 389 -32.02 11.17 -11.17
C ARG A 389 -32.85 10.45 -12.23
N SER A 390 -33.85 9.71 -11.78
CA SER A 390 -34.80 9.08 -12.68
C SER A 390 -35.70 10.15 -13.30
N PRO A 391 -36.29 9.86 -14.48
CA PRO A 391 -37.09 10.85 -15.21
C PRO A 391 -38.24 11.47 -14.40
N ILE A 392 -38.33 12.79 -14.46
CA ILE A 392 -39.43 13.51 -13.85
C ILE A 392 -40.21 14.25 -14.91
N PRO A 393 -41.52 13.97 -15.04
CA PRO A 393 -42.39 14.61 -16.02
C PRO A 393 -42.44 16.12 -15.84
N THR A 394 -42.07 16.86 -16.89
CA THR A 394 -42.08 18.32 -16.83
C THR A 394 -43.52 18.84 -16.74
N GLU A 395 -43.64 20.14 -16.51
CA GLU A 395 -44.96 20.77 -16.41
C GLU A 395 -45.72 20.67 -17.73
N ASP A 396 -45.02 20.93 -18.83
CA ASP A 396 -45.65 20.90 -20.15
C ASP A 396 -45.71 19.50 -20.73
N GLU A 397 -45.13 18.54 -20.02
CA GLU A 397 -45.30 17.12 -20.37
C GLU A 397 -46.54 16.60 -19.67
N THR A 398 -46.82 17.13 -18.48
CA THR A 398 -48.01 16.79 -17.73
C THR A 398 -49.26 17.30 -18.46
N LYS A 399 -49.24 18.58 -18.79
CA LYS A 399 -50.38 19.21 -19.48
C LYS A 399 -50.70 18.52 -20.80
N ALA A 400 -49.67 18.00 -21.47
CA ALA A 400 -49.83 17.37 -22.77
C ALA A 400 -50.43 15.97 -22.67
N LEU A 401 -50.30 15.34 -21.50
CA LEU A 401 -50.88 14.02 -21.27
C LEU A 401 -52.23 14.14 -20.58
N GLN A 402 -52.34 15.11 -19.68
CA GLN A 402 -53.60 15.48 -19.04
C GLN A 402 -54.59 15.95 -20.11
N GLY A 403 -55.84 16.25 -19.73
CA GLY A 403 -56.80 16.90 -20.60
C GLY A 403 -56.25 17.76 -21.73
N ASN A 404 -55.52 17.08 -22.61
CA ASN A 404 -55.00 17.65 -23.85
C ASN A 404 -55.31 16.67 -24.95
N ASP A 405 -56.15 17.09 -25.88
CA ASP A 405 -56.79 16.18 -26.81
C ASP A 405 -55.90 15.79 -27.98
N ALA A 406 -55.00 16.70 -28.36
CA ALA A 406 -54.05 16.44 -29.44
C ALA A 406 -53.14 15.27 -29.08
N SER A 407 -52.60 14.60 -30.09
CA SER A 407 -51.72 13.47 -29.85
C SER A 407 -50.25 13.86 -29.86
N ALA A 408 -49.98 15.09 -29.43
CA ALA A 408 -48.66 15.46 -28.95
C ALA A 408 -48.51 14.77 -27.60
N ARG A 409 -49.66 14.39 -27.05
CA ARG A 409 -49.83 13.26 -26.14
C ARG A 409 -48.67 12.28 -26.24
N LYS A 410 -48.46 11.79 -27.46
CA LYS A 410 -47.47 10.78 -27.77
C LYS A 410 -46.05 11.35 -27.82
N GLU A 411 -45.93 12.58 -28.32
CA GLU A 411 -44.64 13.25 -28.41
C GLU A 411 -44.01 13.42 -27.02
N ALA A 412 -44.86 13.67 -26.03
CA ALA A 412 -44.40 13.82 -24.66
C ALA A 412 -43.88 12.49 -24.12
N ILE A 413 -44.48 11.40 -24.57
CA ILE A 413 -44.07 10.07 -24.16
C ILE A 413 -42.70 9.72 -24.75
N ASP A 414 -42.46 10.15 -25.99
CA ASP A 414 -41.20 9.90 -26.65
C ASP A 414 -40.05 10.60 -25.92
N LYS A 415 -40.32 11.81 -25.45
CA LYS A 415 -39.33 12.55 -24.67
C LYS A 415 -39.05 11.88 -23.33
N ILE A 416 -40.09 11.29 -22.74
CA ILE A 416 -39.96 10.58 -21.48
C ILE A 416 -39.19 9.27 -21.69
N ARG A 417 -39.49 8.59 -22.79
CA ARG A 417 -38.82 7.33 -23.11
C ARG A 417 -37.32 7.52 -23.31
N THR A 418 -36.95 8.64 -23.93
CA THR A 418 -35.55 8.96 -24.17
C THR A 418 -34.80 9.17 -22.87
N ARG A 419 -35.44 9.84 -21.92
CA ARG A 419 -34.82 10.11 -20.62
C ARG A 419 -34.76 8.85 -19.78
N TYR A 420 -35.71 7.93 -19.99
CA TYR A 420 -35.72 6.67 -19.26
C TYR A 420 -34.61 5.75 -19.76
N SER A 421 -34.39 5.73 -21.06
CA SER A 421 -33.37 4.87 -21.66
C SER A 421 -31.97 5.35 -21.31
N LYS A 422 -31.82 6.65 -21.06
CA LYS A 422 -30.54 7.21 -20.65
C LYS A 422 -30.30 6.90 -19.18
N PHE A 423 -31.36 6.94 -18.38
CA PHE A 423 -31.29 6.56 -16.97
C PHE A 423 -31.01 5.07 -16.84
N ALA A 424 -31.88 4.25 -17.42
CA ALA A 424 -31.69 2.81 -17.42
C ALA A 424 -30.91 2.36 -18.64
N ASN A 425 -29.67 2.81 -18.74
CA ASN A 425 -28.83 2.50 -19.88
C ASN A 425 -28.14 1.13 -19.77
N LYS A 426 -27.13 0.91 -20.58
CA LYS A 426 -26.44 -0.37 -20.64
C LYS A 426 -25.50 -0.59 -19.47
N ASP A 427 -25.20 0.49 -18.74
CA ASP A 427 -24.33 0.39 -17.57
C ASP A 427 -25.13 0.38 -16.27
N TYR A 428 -26.44 0.57 -16.38
CA TYR A 428 -27.29 0.65 -15.20
C TYR A 428 -27.80 -0.71 -14.75
N SER A 429 -27.79 -0.92 -13.43
CA SER A 429 -28.31 -2.14 -12.84
C SER A 429 -29.25 -1.80 -11.69
N ALA A 430 -30.51 -2.19 -11.81
CA ALA A 430 -31.51 -1.89 -10.79
C ALA A 430 -31.19 -2.59 -9.47
N GLU A 431 -30.75 -3.84 -9.56
CA GLU A 431 -30.43 -4.63 -8.38
C GLU A 431 -29.27 -4.03 -7.60
N VAL A 432 -28.25 -3.54 -8.31
CA VAL A 432 -27.11 -2.89 -7.68
C VAL A 432 -27.55 -1.54 -7.11
N ASP A 433 -28.36 -0.82 -7.88
CA ASP A 433 -28.87 0.48 -7.46
C ASP A 433 -29.73 0.36 -6.21
N LYS A 434 -30.51 -0.71 -6.12
CA LYS A 434 -31.35 -0.96 -4.96
C LYS A 434 -30.52 -1.16 -3.70
N LYS A 435 -29.47 -1.99 -3.80
CA LYS A 435 -28.61 -2.28 -2.66
C LYS A 435 -27.85 -1.04 -2.20
N VAL A 436 -27.39 -0.24 -3.16
CA VAL A 436 -26.73 1.02 -2.84
C VAL A 436 -27.70 1.96 -2.14
N ALA A 437 -28.92 2.05 -2.66
CA ALA A 437 -29.95 2.92 -2.11
C ALA A 437 -30.25 2.57 -0.65
N VAL A 438 -30.43 1.29 -0.37
CA VAL A 438 -30.76 0.83 0.98
C VAL A 438 -29.68 1.22 1.99
N ALA A 439 -28.42 1.06 1.60
CA ALA A 439 -27.30 1.41 2.47
C ALA A 439 -27.19 2.92 2.67
N MET A 440 -27.29 3.67 1.58
CA MET A 440 -27.19 5.12 1.62
C MET A 440 -28.36 5.74 2.38
N LEU A 441 -29.56 5.23 2.13
CA LEU A 441 -30.77 5.76 2.76
C LEU A 441 -30.77 5.50 4.26
N THR A 442 -30.25 4.34 4.65
CA THR A 442 -30.17 3.96 6.06
C THR A 442 -29.31 4.95 6.83
N GLU A 443 -28.19 5.34 6.23
CA GLU A 443 -27.28 6.30 6.83
C GLU A 443 -27.90 7.70 6.84
N TYR A 444 -28.57 8.04 5.75
CA TYR A 444 -29.22 9.34 5.61
C TYR A 444 -30.34 9.51 6.63
N LEU A 445 -31.16 8.46 6.78
CA LEU A 445 -32.26 8.48 7.75
C LEU A 445 -31.73 8.51 9.17
N LYS A 446 -30.51 8.01 9.37
CA LYS A 446 -29.87 8.03 10.68
C LYS A 446 -29.45 9.44 11.07
N GLU A 447 -28.90 10.17 10.11
CA GLU A 447 -28.37 11.51 10.37
C GLU A 447 -29.44 12.59 10.30
N ILE A 448 -30.42 12.42 9.43
CA ILE A 448 -31.45 13.43 9.22
C ILE A 448 -32.75 13.06 9.93
N PRO A 449 -33.22 13.92 10.84
CA PRO A 449 -34.46 13.68 11.59
C PRO A 449 -35.70 13.75 10.69
N TYR A 450 -36.81 13.19 11.19
CA TYR A 450 -38.06 13.13 10.44
C TYR A 450 -38.56 14.48 9.96
N GLU A 451 -38.35 15.51 10.78
CA GLU A 451 -38.88 16.84 10.50
C GLU A 451 -38.13 17.54 9.38
N ASN A 452 -36.91 17.08 9.09
CA ASN A 452 -36.10 17.71 8.06
C ASN A 452 -35.94 16.87 6.80
N LEU A 453 -36.51 15.67 6.83
CA LEU A 453 -36.49 14.81 5.65
C LEU A 453 -37.25 15.44 4.50
N PRO A 454 -36.94 15.03 3.25
CA PRO A 454 -37.85 15.32 2.14
C PRO A 454 -39.23 14.73 2.47
N LEU A 455 -40.28 15.16 1.79
CA LEU A 455 -41.62 14.73 2.19
C LEU A 455 -41.99 13.31 1.79
N HIS A 456 -41.17 12.68 0.95
CA HIS A 456 -41.21 11.23 0.90
C HIS A 456 -40.27 10.75 2.00
N LEU A 457 -39.71 9.56 1.91
CA LEU A 457 -38.82 9.03 2.96
C LEU A 457 -39.44 9.05 4.37
N ARG A 458 -40.42 9.93 4.57
CA ARG A 458 -41.25 9.92 5.76
C ARG A 458 -42.08 8.64 5.81
N LEU A 459 -42.34 8.07 4.63
CA LEU A 459 -43.15 6.86 4.55
C LEU A 459 -42.45 5.62 5.08
N VAL A 460 -41.14 5.71 5.31
CA VAL A 460 -40.44 4.56 5.90
C VAL A 460 -40.89 4.41 7.35
N LYS A 461 -41.31 5.51 7.96
CA LYS A 461 -41.74 5.53 9.35
C LYS A 461 -43.25 5.39 9.45
N ASP A 462 -43.96 5.97 8.49
CA ASP A 462 -45.41 6.07 8.54
C ASP A 462 -46.11 4.91 7.82
N ARG A 463 -45.41 4.31 6.87
CA ARG A 463 -46.04 3.31 6.00
C ARG A 463 -45.30 1.97 5.99
N PHE A 464 -43.97 2.02 6.02
CA PHE A 464 -43.18 0.80 5.91
C PHE A 464 -42.56 0.38 7.25
N ALA A 465 -42.98 1.05 8.32
CA ALA A 465 -42.59 0.69 9.69
C ALA A 465 -41.09 0.59 9.90
N GLY A 466 -40.33 1.45 9.25
CA GLY A 466 -38.89 1.51 9.43
C GLY A 466 -38.10 0.59 8.49
N ASP A 467 -38.80 -0.13 7.63
CA ASP A 467 -38.16 -1.05 6.71
C ASP A 467 -37.69 -0.32 5.45
N VAL A 468 -36.41 0.02 5.41
CA VAL A 468 -35.84 0.70 4.25
C VAL A 468 -35.87 -0.19 3.02
N GLN A 469 -35.58 -1.47 3.21
CA GLN A 469 -35.57 -2.44 2.10
C GLN A 469 -36.94 -2.56 1.44
N ALA A 470 -37.99 -2.64 2.25
CA ALA A 470 -39.35 -2.73 1.74
C ALA A 470 -39.75 -1.44 1.04
N TYR A 471 -39.25 -0.32 1.56
CA TYR A 471 -39.50 0.98 0.97
C TYR A 471 -38.89 1.07 -0.44
N VAL A 472 -37.65 0.61 -0.57
CA VAL A 472 -36.96 0.60 -1.84
C VAL A 472 -37.59 -0.42 -2.79
N ASP A 473 -37.96 -1.58 -2.25
CA ASP A 473 -38.61 -2.63 -3.03
C ASP A 473 -39.93 -2.15 -3.61
N ASP A 474 -40.72 -1.47 -2.78
CA ASP A 474 -42.02 -0.97 -3.20
C ASP A 474 -41.89 0.05 -4.32
N ILE A 475 -40.82 0.83 -4.28
CA ILE A 475 -40.56 1.82 -5.32
C ILE A 475 -40.39 1.16 -6.67
N PHE A 476 -39.43 0.24 -6.77
CA PHE A 476 -39.15 -0.44 -8.04
C PHE A 476 -40.28 -1.35 -8.50
N ALA A 477 -41.10 -1.80 -7.55
CA ALA A 477 -42.16 -2.75 -7.86
C ALA A 477 -43.35 -2.09 -8.57
N ARG A 478 -43.84 -0.99 -8.00
CA ARG A 478 -45.06 -0.36 -8.51
C ARG A 478 -44.79 0.85 -9.39
N SER A 479 -43.53 1.08 -9.75
CA SER A 479 -43.19 2.24 -10.56
C SER A 479 -43.24 1.94 -12.06
N VAL A 480 -43.21 3.00 -12.84
CA VAL A 480 -43.17 2.90 -14.29
C VAL A 480 -41.74 2.66 -14.76
N PHE A 481 -40.79 3.29 -14.08
CA PHE A 481 -39.39 3.19 -14.45
C PHE A 481 -38.68 2.04 -13.72
N GLY A 482 -39.46 1.21 -13.05
CA GLY A 482 -38.93 0.07 -12.31
C GLY A 482 -38.25 -0.94 -13.19
N SER A 483 -38.80 -1.15 -14.39
CA SER A 483 -38.21 -2.05 -15.37
C SER A 483 -38.66 -1.66 -16.78
N GLU A 484 -38.12 -2.35 -17.78
CA GLU A 484 -38.46 -2.06 -19.17
C GLU A 484 -39.91 -2.39 -19.47
N ALA A 485 -40.37 -3.52 -18.96
CA ALA A 485 -41.74 -3.98 -19.19
C ALA A 485 -42.76 -3.08 -18.51
N GLN A 486 -42.41 -2.58 -17.32
CA GLN A 486 -43.31 -1.72 -16.57
C GLN A 486 -43.46 -0.36 -17.23
N PHE A 487 -42.44 0.06 -17.98
CA PHE A 487 -42.50 1.33 -18.70
C PHE A 487 -43.32 1.18 -19.97
N ASP A 488 -43.13 0.06 -20.67
CA ASP A 488 -43.86 -0.20 -21.91
C ASP A 488 -45.35 -0.35 -21.64
N ALA A 489 -45.68 -0.88 -20.47
CA ALA A 489 -47.08 -1.01 -20.05
C ALA A 489 -47.69 0.37 -19.85
N PHE A 490 -46.90 1.29 -19.29
CA PHE A 490 -47.34 2.66 -19.11
C PHE A 490 -47.41 3.39 -20.45
N ALA A 491 -46.42 3.15 -21.31
CA ALA A 491 -46.35 3.81 -22.60
C ALA A 491 -47.53 3.41 -23.49
N ALA A 492 -48.03 2.19 -23.28
CA ALA A 492 -49.16 1.69 -24.05
C ALA A 492 -50.45 2.38 -23.63
N VAL A 493 -50.67 2.46 -22.32
CA VAL A 493 -51.84 3.15 -21.76
C VAL A 493 -51.39 4.17 -20.73
N PRO A 494 -50.99 5.36 -21.19
CA PRO A 494 -50.49 6.42 -20.31
C PRO A 494 -51.58 7.26 -19.66
N SER A 495 -51.44 7.52 -18.37
CA SER A 495 -52.36 8.38 -17.65
C SER A 495 -51.58 9.31 -16.72
N VAL A 496 -52.00 10.58 -16.66
CA VAL A 496 -51.32 11.57 -15.84
C VAL A 496 -51.37 11.20 -14.36
N GLU A 497 -52.44 10.53 -13.95
CA GLU A 497 -52.62 10.15 -12.56
C GLU A 497 -51.64 9.06 -12.13
N LYS A 498 -51.30 8.17 -13.06
CA LYS A 498 -50.38 7.08 -12.75
C LYS A 498 -48.96 7.61 -12.55
N LEU A 499 -48.63 8.69 -13.25
CA LEU A 499 -47.34 9.35 -13.09
C LEU A 499 -47.33 10.22 -11.84
N ALA A 500 -48.48 10.83 -11.54
CA ALA A 500 -48.60 11.74 -10.41
C ALA A 500 -48.44 11.01 -9.07
N GLU A 501 -48.77 9.72 -9.06
CA GLU A 501 -48.68 8.93 -7.83
C GLU A 501 -47.57 7.88 -7.92
N ASP A 502 -46.76 7.95 -8.98
CA ASP A 502 -45.67 7.00 -9.16
C ASP A 502 -44.66 7.12 -8.03
N PRO A 503 -44.36 6.00 -7.36
CA PRO A 503 -43.49 5.96 -6.17
C PRO A 503 -42.08 6.48 -6.43
N MET A 504 -41.52 6.19 -7.60
CA MET A 504 -40.17 6.63 -7.93
C MET A 504 -40.15 8.10 -8.31
N VAL A 505 -41.17 8.54 -9.05
CA VAL A 505 -41.29 9.93 -9.45
C VAL A 505 -41.48 10.82 -8.23
N LEU A 506 -42.30 10.36 -7.29
CA LEU A 506 -42.52 11.08 -6.04
C LEU A 506 -41.23 11.21 -5.24
N PHE A 507 -40.43 10.16 -5.24
CA PHE A 507 -39.14 10.17 -4.55
C PHE A 507 -38.20 11.18 -5.18
N ALA A 508 -37.97 11.05 -6.48
CA ALA A 508 -37.05 11.91 -7.21
C ALA A 508 -37.44 13.38 -7.12
N SER A 509 -38.75 13.64 -7.13
CA SER A 509 -39.25 15.00 -7.01
C SER A 509 -39.07 15.54 -5.60
N SER A 510 -39.32 14.68 -4.60
CA SER A 510 -39.25 15.10 -3.21
C SER A 510 -37.82 15.40 -2.76
N VAL A 511 -36.87 14.57 -3.20
CA VAL A 511 -35.48 14.77 -2.83
C VAL A 511 -34.88 15.98 -3.53
N PHE A 512 -35.40 16.30 -4.71
CA PHE A 512 -34.91 17.46 -5.46
C PHE A 512 -35.57 18.75 -5.00
N ASP A 513 -36.78 18.64 -4.46
CA ASP A 513 -37.45 19.78 -3.86
C ASP A 513 -36.69 20.24 -2.62
N GLU A 514 -36.32 19.28 -1.78
CA GLU A 514 -35.55 19.56 -0.57
C GLU A 514 -34.15 20.04 -0.92
N TYR A 515 -33.58 19.47 -1.99
CA TYR A 515 -32.26 19.83 -2.46
C TYR A 515 -32.19 21.29 -2.90
N ARG A 516 -33.23 21.75 -3.58
CA ARG A 516 -33.29 23.13 -4.05
C ARG A 516 -33.70 24.09 -2.93
N LYS A 517 -34.52 23.60 -2.00
CA LYS A 517 -34.99 24.41 -0.88
C LYS A 517 -33.85 24.77 0.07
N LEU A 518 -33.04 23.77 0.42
CA LEU A 518 -31.85 24.00 1.25
C LEU A 518 -30.89 24.94 0.55
N TYR A 519 -30.80 24.78 -0.77
CA TYR A 519 -29.93 25.60 -1.60
C TYR A 519 -30.36 27.06 -1.57
N ASN A 520 -31.65 27.30 -1.77
CA ASN A 520 -32.20 28.65 -1.75
C ASN A 520 -32.09 29.28 -0.37
N GLU A 521 -32.01 28.44 0.65
CA GLU A 521 -31.97 28.91 2.03
C GLU A 521 -30.54 29.16 2.48
N LEU A 522 -29.58 28.60 1.75
CA LEU A 522 -28.16 28.75 2.07
C LEU A 522 -27.50 29.89 1.31
N ARG A 523 -28.04 30.20 0.14
CA ARG A 523 -27.43 31.16 -0.77
C ARG A 523 -27.31 32.60 -0.25
N PRO A 524 -28.30 33.10 0.54
CA PRO A 524 -28.10 34.48 1.02
C PRO A 524 -26.99 34.61 2.07
N TYR A 525 -26.31 33.51 2.41
CA TYR A 525 -25.19 33.55 3.33
C TYR A 525 -23.88 33.80 2.61
N ASP A 526 -23.92 33.72 1.28
CA ASP A 526 -22.70 33.86 0.48
C ASP A 526 -22.24 35.31 0.34
N ASP A 527 -23.18 36.21 0.05
CA ASP A 527 -22.86 37.61 -0.18
C ASP A 527 -22.22 38.33 1.02
N PRO A 528 -22.75 38.14 2.25
CA PRO A 528 -22.07 38.82 3.37
C PRO A 528 -20.66 38.30 3.61
N ILE A 529 -20.43 37.02 3.31
CA ILE A 529 -19.10 36.43 3.46
C ILE A 529 -18.14 37.02 2.43
N LEU A 530 -18.59 37.12 1.19
CA LEU A 530 -17.77 37.66 0.11
C LEU A 530 -17.38 39.12 0.37
N ARG A 531 -18.34 39.91 0.82
CA ARG A 531 -18.07 41.32 1.11
C ARG A 531 -17.09 41.47 2.28
N ALA A 532 -17.18 40.58 3.24
CA ALA A 532 -16.28 40.60 4.39
C ALA A 532 -14.88 40.16 3.97
N GLN A 533 -14.81 39.19 3.05
CA GLN A 533 -13.55 38.69 2.55
C GLN A 533 -12.79 39.79 1.77
N ARG A 534 -13.54 40.64 1.09
CA ARG A 534 -12.94 41.77 0.38
C ARG A 534 -12.22 42.70 1.36
N THR A 535 -12.86 42.95 2.49
CA THR A 535 -12.25 43.78 3.54
C THR A 535 -11.09 43.05 4.19
N TYR A 536 -11.26 41.75 4.41
CA TYR A 536 -10.22 40.93 5.03
C TYR A 536 -8.93 40.91 4.22
N ILE A 537 -9.06 40.58 2.94
CA ILE A 537 -7.90 40.50 2.05
C ILE A 537 -7.25 41.88 1.86
N ALA A 538 -8.08 42.91 1.78
CA ALA A 538 -7.57 44.28 1.65
C ALA A 538 -6.67 44.64 2.82
N GLY A 539 -7.02 44.17 4.00
CA GLY A 539 -6.21 44.40 5.18
C GLY A 539 -4.92 43.62 5.14
N LEU A 540 -4.99 42.37 4.71
CA LEU A 540 -3.82 41.51 4.59
C LEU A 540 -2.83 42.09 3.58
N LEU A 541 -3.35 42.61 2.47
CA LEU A 541 -2.52 43.24 1.46
C LEU A 541 -1.80 44.47 2.00
N GLU A 542 -2.53 45.28 2.77
CA GLU A 542 -1.98 46.51 3.33
C GLU A 542 -0.95 46.22 4.42
N MET A 543 -1.14 45.12 5.15
CA MET A 543 -0.27 44.77 6.25
C MET A 543 1.00 44.05 5.80
N ASP A 544 0.84 42.88 5.19
CA ASP A 544 1.97 42.04 4.82
C ASP A 544 2.63 42.47 3.52
N GLY A 545 1.95 43.32 2.76
CA GLY A 545 2.49 43.81 1.50
C GLY A 545 1.93 43.09 0.29
N ASP A 546 2.22 43.61 -0.91
CA ASP A 546 1.71 43.04 -2.14
C ASP A 546 2.77 42.25 -2.90
N GLN A 547 3.90 42.00 -2.25
CA GLN A 547 5.01 41.31 -2.89
C GLN A 547 5.16 39.87 -2.42
N ASP A 548 5.03 39.66 -1.10
CA ASP A 548 5.24 38.34 -0.52
C ASP A 548 3.94 37.57 -0.32
N GLN A 549 2.92 37.95 -1.06
CA GLN A 549 1.66 37.20 -1.08
C GLN A 549 1.03 37.30 -2.46
N PHE A 550 0.22 36.29 -2.80
CA PHE A 550 -0.35 36.20 -4.14
C PHE A 550 -1.86 35.97 -4.09
N PRO A 551 -2.58 36.40 -5.14
CA PRO A 551 -4.04 36.20 -5.16
C PRO A 551 -4.40 34.76 -5.51
N ASP A 552 -5.59 34.33 -5.07
CA ASP A 552 -6.09 33.00 -5.37
C ASP A 552 -6.13 32.72 -6.87
N ALA A 553 -5.87 31.48 -7.26
CA ALA A 553 -5.93 31.08 -8.65
C ALA A 553 -7.34 31.24 -9.20
N ASN A 554 -7.44 31.66 -10.47
CA ASN A 554 -8.73 31.86 -11.11
C ASN A 554 -8.66 31.63 -12.61
N LEU A 555 -8.00 30.54 -13.00
CA LEU A 555 -7.77 30.21 -14.41
C LEU A 555 -7.09 31.36 -15.14
N THR A 556 -6.12 31.97 -14.46
CA THR A 556 -5.36 33.09 -15.01
C THR A 556 -3.89 32.71 -15.07
N LEU A 557 -3.19 33.19 -16.11
CA LEU A 557 -1.77 32.92 -16.28
C LEU A 557 -0.94 33.35 -15.08
N ARG A 558 -0.25 32.39 -14.46
CA ARG A 558 0.62 32.65 -13.32
C ARG A 558 1.99 32.01 -13.53
N PHE A 559 3.00 32.49 -12.81
CA PHE A 559 4.29 31.82 -12.82
C PHE A 559 4.67 31.38 -11.40
N THR A 560 5.35 30.24 -11.32
CA THR A 560 5.82 29.71 -10.04
C THR A 560 7.22 29.14 -10.21
N TYR A 561 8.02 29.25 -9.15
CA TYR A 561 9.39 28.76 -9.21
C TYR A 561 9.81 28.03 -7.93
N GLY A 562 10.87 27.24 -8.05
CA GLY A 562 11.37 26.45 -6.94
C GLY A 562 12.56 25.64 -7.39
N GLN A 563 12.76 24.48 -6.76
CA GLN A 563 13.89 23.62 -7.10
C GLN A 563 13.48 22.18 -7.34
N VAL A 564 14.27 21.49 -8.16
CA VAL A 564 14.10 20.05 -8.35
C VAL A 564 14.54 19.35 -7.07
N LYS A 565 13.58 18.80 -6.34
CA LYS A 565 13.86 18.23 -5.03
C LYS A 565 12.82 17.18 -4.63
N GLY A 566 13.28 16.10 -4.01
CA GLY A 566 12.39 15.09 -3.48
C GLY A 566 11.85 15.51 -2.13
N TYR A 567 11.33 14.54 -1.37
CA TYR A 567 10.79 14.81 -0.05
C TYR A 567 10.62 13.52 0.75
N SER A 568 10.34 13.66 2.04
CA SER A 568 10.11 12.50 2.90
C SER A 568 8.63 12.40 3.25
N PRO A 569 7.93 11.41 2.67
CA PRO A 569 6.49 11.23 2.87
C PRO A 569 6.16 10.75 4.28
N ARG A 570 7.06 9.98 4.87
CA ARG A 570 6.84 9.42 6.20
C ARG A 570 8.17 9.02 6.84
N ASP A 571 8.10 8.49 8.05
CA ASP A 571 9.29 8.14 8.81
C ASP A 571 10.16 7.12 8.07
N ASN A 572 11.46 7.42 8.02
CA ASN A 572 12.47 6.53 7.46
C ASN A 572 12.31 6.26 5.97
N VAL A 573 11.47 7.04 5.30
CA VAL A 573 11.26 6.89 3.87
C VAL A 573 11.56 8.18 3.13
N TYR A 574 12.37 8.11 2.08
CA TYR A 574 12.63 9.29 1.26
C TYR A 574 12.41 9.00 -0.23
N TYR A 575 11.61 9.84 -0.87
CA TYR A 575 11.42 9.78 -2.31
C TYR A 575 12.39 10.74 -3.00
N GLY A 576 13.13 10.24 -3.98
CA GLY A 576 14.10 11.05 -4.68
C GLY A 576 13.48 12.03 -5.66
N HIS A 577 14.33 12.78 -6.35
CA HIS A 577 13.86 13.85 -7.23
C HIS A 577 13.66 13.41 -8.67
N GLN A 578 14.13 12.22 -9.02
CA GLN A 578 14.07 11.78 -10.41
C GLN A 578 13.87 10.27 -10.58
N THR A 579 12.86 9.91 -11.36
CA THR A 579 12.61 8.51 -11.70
C THR A 579 13.31 8.15 -13.00
N THR A 580 13.52 6.84 -13.21
CA THR A 580 14.21 6.38 -14.42
C THR A 580 13.41 5.30 -15.14
N LEU A 581 13.84 4.98 -16.36
CA LEU A 581 13.18 3.97 -17.17
C LEU A 581 13.25 2.59 -16.50
N ASP A 582 14.23 2.44 -15.61
CA ASP A 582 14.36 1.23 -14.79
C ASP A 582 13.08 1.01 -13.99
N GLY A 583 12.54 2.09 -13.42
CA GLY A 583 11.33 2.02 -12.63
C GLY A 583 10.13 1.53 -13.42
N VAL A 584 10.09 1.86 -14.70
CA VAL A 584 9.03 1.41 -15.59
C VAL A 584 9.06 -0.11 -15.70
N MET A 585 10.25 -0.65 -15.88
CA MET A 585 10.44 -2.09 -16.05
C MET A 585 10.17 -2.86 -14.77
N GLU A 586 10.49 -2.25 -13.63
CA GLU A 586 10.24 -2.88 -12.34
C GLU A 586 8.74 -3.05 -12.10
N LYS A 587 7.95 -2.15 -12.69
CA LYS A 587 6.50 -2.17 -12.49
C LYS A 587 5.77 -2.96 -13.58
N GLU A 588 6.51 -3.48 -14.55
CA GLU A 588 5.90 -4.18 -15.68
C GLU A 588 5.04 -5.36 -15.24
N ASP A 589 3.78 -5.35 -15.67
CA ASP A 589 2.85 -6.42 -15.35
C ASP A 589 1.92 -6.68 -16.54
N PRO A 590 2.21 -7.75 -17.29
CA PRO A 590 1.45 -8.13 -18.49
C PRO A 590 -0.03 -8.39 -18.22
N ASP A 591 -0.34 -8.85 -17.02
CA ASP A 591 -1.72 -9.19 -16.66
C ASP A 591 -2.52 -7.97 -16.22
N ASN A 592 -1.82 -6.87 -15.96
CA ASN A 592 -2.48 -5.63 -15.56
C ASN A 592 -2.44 -4.62 -16.71
N TRP A 593 -3.61 -4.19 -17.16
CA TRP A 593 -3.74 -3.25 -18.26
C TRP A 593 -3.04 -1.93 -17.95
N GLU A 594 -2.98 -1.59 -16.68
CA GLU A 594 -2.33 -0.37 -16.25
C GLU A 594 -0.83 -0.40 -16.53
N PHE A 595 -0.17 -1.45 -16.05
CA PHE A 595 1.29 -1.52 -16.09
C PHE A 595 1.80 -2.37 -17.26
N VAL A 596 1.05 -2.38 -18.36
CA VAL A 596 1.53 -2.99 -19.60
C VAL A 596 2.63 -2.12 -20.19
N VAL A 597 3.74 -2.75 -20.58
CA VAL A 597 4.87 -2.03 -21.14
C VAL A 597 4.99 -2.24 -22.65
N ASP A 598 5.04 -1.14 -23.39
CA ASP A 598 5.19 -1.18 -24.84
C ASP A 598 6.49 -1.89 -25.22
N PRO A 599 6.40 -2.82 -26.19
CA PRO A 599 7.53 -3.64 -26.65
C PRO A 599 8.72 -2.80 -27.13
N LYS A 600 8.46 -1.76 -27.92
CA LYS A 600 9.52 -0.93 -28.45
C LYS A 600 10.28 -0.21 -27.33
N LEU A 601 9.55 0.19 -26.29
CA LEU A 601 10.17 0.86 -25.15
C LEU A 601 11.12 -0.06 -24.40
N LYS A 602 10.69 -1.29 -24.16
CA LYS A 602 11.51 -2.26 -23.45
C LYS A 602 12.74 -2.64 -24.26
N ALA A 603 12.59 -2.71 -25.57
CA ALA A 603 13.71 -3.00 -26.45
C ALA A 603 14.75 -1.89 -26.38
N VAL A 604 14.28 -0.65 -26.38
CA VAL A 604 15.15 0.51 -26.21
C VAL A 604 15.90 0.43 -24.89
N TYR A 605 15.18 0.05 -23.82
CA TYR A 605 15.76 -0.09 -22.50
C TYR A 605 16.83 -1.18 -22.45
N GLU A 606 16.50 -2.35 -22.99
CA GLU A 606 17.40 -3.49 -22.93
C GLU A 606 18.62 -3.32 -23.84
N ARG A 607 18.48 -2.52 -24.88
CA ARG A 607 19.59 -2.25 -25.78
C ARG A 607 20.32 -0.97 -25.40
N LYS A 608 19.81 -0.30 -24.37
CA LYS A 608 20.36 0.96 -23.90
C LYS A 608 20.44 1.99 -25.02
N ASP A 609 19.49 1.92 -25.95
CA ASP A 609 19.46 2.82 -27.10
C ASP A 609 18.85 4.16 -26.71
N PHE A 610 19.58 4.92 -25.90
CA PHE A 610 19.06 6.16 -25.33
C PHE A 610 19.61 7.40 -26.04
N GLY A 611 20.64 7.22 -26.85
CA GLY A 611 21.24 8.31 -27.58
C GLY A 611 21.77 9.41 -26.68
N ARG A 612 21.35 10.63 -26.94
CA ARG A 612 21.79 11.79 -26.15
C ARG A 612 20.71 12.21 -25.15
N TYR A 613 19.77 11.32 -24.88
CA TYR A 613 18.65 11.62 -23.99
C TYR A 613 18.94 11.18 -22.55
N ALA A 614 19.89 10.26 -22.39
CA ALA A 614 20.26 9.77 -21.07
C ALA A 614 21.22 10.73 -20.37
N ASP A 615 21.34 10.58 -19.06
CA ASP A 615 22.21 11.45 -18.27
C ASP A 615 23.67 10.99 -18.31
N ARG A 616 24.47 11.47 -17.36
CA ARG A 616 25.88 11.15 -17.30
C ARG A 616 26.11 9.71 -16.85
N SER A 617 25.36 9.28 -15.85
CA SER A 617 25.46 7.92 -15.32
C SER A 617 25.14 6.88 -16.38
N GLY A 618 24.37 7.29 -17.39
CA GLY A 618 23.98 6.40 -18.47
C GLY A 618 22.56 5.92 -18.31
N ARG A 619 21.85 6.50 -17.35
CA ARG A 619 20.48 6.11 -17.06
C ARG A 619 19.48 6.97 -17.82
N MET A 620 18.36 6.38 -18.18
CA MET A 620 17.32 7.10 -18.91
C MET A 620 16.27 7.66 -17.95
N PRO A 621 16.22 8.99 -17.83
CA PRO A 621 15.23 9.64 -16.95
C PRO A 621 13.82 9.55 -17.51
N VAL A 622 12.82 9.51 -16.65
CA VAL A 622 11.44 9.50 -17.07
C VAL A 622 10.71 10.73 -16.54
N ALA A 623 10.74 10.91 -15.22
CA ALA A 623 10.06 12.03 -14.59
C ALA A 623 10.89 12.63 -13.47
N PHE A 624 10.54 13.86 -13.08
CA PHE A 624 11.15 14.48 -11.91
C PHE A 624 10.13 15.38 -11.22
N CYS A 625 10.41 15.75 -9.98
CA CYS A 625 9.49 16.57 -9.20
C CYS A 625 10.15 17.85 -8.69
N ALA A 626 9.34 18.89 -8.50
CA ALA A 626 9.85 20.19 -8.07
C ALA A 626 9.01 20.82 -6.97
N THR A 627 9.59 21.77 -6.26
CA THR A 627 8.93 22.43 -5.15
C THR A 627 8.05 23.60 -5.60
N THR A 628 7.76 23.66 -6.89
CA THR A 628 6.91 24.72 -7.43
C THR A 628 5.48 24.58 -6.91
N HIS A 629 4.71 25.67 -7.01
CA HIS A 629 3.34 25.69 -6.52
C HIS A 629 2.35 25.59 -7.66
N THR A 630 1.71 24.43 -7.80
CA THR A 630 0.75 24.20 -8.87
C THR A 630 -0.53 23.54 -8.38
N THR A 631 -1.58 23.63 -9.18
CA THR A 631 -2.84 22.95 -8.90
C THR A 631 -3.55 22.62 -10.21
N GLY A 632 -4.78 22.13 -10.11
CA GLY A 632 -5.56 21.82 -11.29
C GLY A 632 -5.67 22.99 -12.23
N GLY A 633 -5.23 22.79 -13.48
CA GLY A 633 -5.16 23.86 -14.45
C GLY A 633 -3.76 23.96 -15.00
N ASN A 634 -2.77 23.69 -14.15
CA ASN A 634 -1.38 23.60 -14.58
C ASN A 634 -1.09 22.27 -15.28
N ALA A 635 -2.17 21.64 -15.76
CA ALA A 635 -2.14 20.29 -16.30
C ALA A 635 -0.98 20.05 -17.26
N GLY A 636 -0.78 20.95 -18.21
CA GLY A 636 0.27 20.76 -19.20
C GLY A 636 1.29 21.88 -19.25
N SER A 637 1.56 22.48 -18.10
CA SER A 637 2.45 23.64 -18.03
C SER A 637 3.89 23.30 -18.39
N PRO A 638 4.55 24.21 -19.14
CA PRO A 638 5.97 24.07 -19.47
C PRO A 638 6.86 24.32 -18.27
N VAL A 639 7.89 23.49 -18.10
CA VAL A 639 8.83 23.66 -17.00
C VAL A 639 10.17 24.14 -17.57
N MET A 640 10.66 25.27 -17.06
CA MET A 640 11.77 25.97 -17.69
C MET A 640 13.10 25.85 -16.95
N ASN A 641 14.18 26.05 -17.70
CA ASN A 641 15.53 26.07 -17.15
C ASN A 641 15.81 27.37 -16.41
N ALA A 642 17.06 27.54 -15.99
CA ALA A 642 17.52 28.82 -15.46
C ALA A 642 17.60 29.82 -16.61
N ASN A 643 17.75 29.31 -17.82
CA ASN A 643 17.82 30.14 -19.02
C ASN A 643 16.53 30.09 -19.84
N GLY A 644 15.45 29.63 -19.21
CA GLY A 644 14.15 29.59 -19.87
C GLY A 644 14.01 28.50 -20.90
N GLU A 645 14.86 27.48 -20.80
CA GLU A 645 14.82 26.36 -21.73
C GLU A 645 13.92 25.25 -21.19
N LEU A 646 13.11 24.65 -22.07
CA LEU A 646 12.18 23.61 -21.67
C LEU A 646 12.92 22.36 -21.21
N ILE A 647 12.66 21.96 -19.96
CA ILE A 647 13.33 20.80 -19.38
C ILE A 647 12.33 19.70 -19.01
N GLY A 648 11.05 20.04 -19.05
CA GLY A 648 10.02 19.08 -18.69
C GLY A 648 8.60 19.57 -18.90
N LEU A 649 7.65 18.70 -18.61
CA LEU A 649 6.23 19.01 -18.78
C LEU A 649 5.47 18.58 -17.52
N ASN A 650 4.95 19.56 -16.79
CA ASN A 650 4.16 19.27 -15.60
C ASN A 650 2.89 18.50 -16.00
N PHE A 651 2.48 17.54 -15.19
CA PHE A 651 1.25 16.80 -15.49
C PHE A 651 0.46 16.35 -14.27
N ASP A 652 1.03 16.50 -13.08
CA ASP A 652 0.32 16.10 -11.87
C ASP A 652 0.92 16.71 -10.60
N ARG A 653 0.26 16.43 -9.49
CA ARG A 653 0.71 16.85 -8.16
C ARG A 653 0.50 15.69 -7.20
N ASN A 654 1.44 15.48 -6.27
CA ASN A 654 1.31 14.37 -5.33
C ASN A 654 0.14 14.60 -4.39
N TRP A 655 -0.43 13.51 -3.87
CA TRP A 655 -1.66 13.58 -3.09
C TRP A 655 -1.47 14.33 -1.78
N GLU A 656 -0.24 14.35 -1.26
CA GLU A 656 0.05 15.08 -0.04
C GLU A 656 -0.10 16.60 -0.24
N GLY A 657 0.05 17.03 -1.48
CA GLY A 657 0.01 18.44 -1.80
C GLY A 657 -1.37 18.96 -2.14
N VAL A 658 -2.40 18.16 -1.87
CA VAL A 658 -3.77 18.56 -2.13
C VAL A 658 -4.17 19.68 -1.16
N GLY A 659 -3.50 19.75 -0.02
CA GLY A 659 -3.72 20.80 0.94
C GLY A 659 -3.11 22.11 0.47
N GLY A 660 -2.38 22.04 -0.63
CA GLY A 660 -1.74 23.21 -1.21
C GLY A 660 -2.72 24.25 -1.72
N ASP A 661 -3.96 23.83 -1.97
CA ASP A 661 -5.00 24.75 -2.42
C ASP A 661 -5.44 25.68 -1.29
N ILE A 662 -5.05 25.33 -0.07
CA ILE A 662 -5.34 26.16 1.09
C ILE A 662 -4.06 26.76 1.64
N GLN A 663 -3.01 25.95 1.67
CA GLN A 663 -1.70 26.38 2.15
C GLN A 663 -0.59 25.55 1.54
N TYR A 664 0.38 26.22 0.93
CA TYR A 664 1.54 25.56 0.35
C TYR A 664 2.28 24.72 1.40
N LEU A 665 2.56 23.47 1.07
CA LEU A 665 3.24 22.56 1.99
C LEU A 665 4.67 22.31 1.53
N ALA A 666 5.61 23.03 2.15
CA ALA A 666 7.00 23.03 1.71
C ALA A 666 7.66 21.65 1.70
N ASP A 667 7.37 20.84 2.71
CA ASP A 667 8.06 19.57 2.87
C ASP A 667 7.27 18.38 2.32
N TYR A 668 6.15 18.63 1.66
CA TYR A 668 5.31 17.54 1.18
C TYR A 668 4.73 17.76 -0.22
N GLN A 669 4.46 19.01 -0.57
CA GLN A 669 3.86 19.32 -1.86
C GLN A 669 4.88 19.35 -2.99
N ARG A 670 4.65 18.55 -4.03
CA ARG A 670 5.57 18.48 -5.16
C ARG A 670 4.84 18.43 -6.50
N SER A 671 5.30 19.24 -7.45
CA SER A 671 4.80 19.18 -8.82
C SER A 671 5.42 17.98 -9.53
N ILE A 672 4.59 17.17 -10.16
CA ILE A 672 5.08 15.98 -10.85
C ILE A 672 5.27 16.27 -12.34
N ILE A 673 6.52 16.12 -12.80
CA ILE A 673 6.91 16.57 -14.13
C ILE A 673 7.55 15.46 -14.96
N VAL A 674 7.11 15.30 -16.21
CA VAL A 674 7.76 14.33 -17.09
C VAL A 674 8.97 14.99 -17.78
N ASP A 675 10.10 14.29 -17.72
CA ASP A 675 11.35 14.80 -18.30
C ASP A 675 11.22 14.96 -19.81
N ILE A 676 11.69 16.09 -20.32
CA ILE A 676 11.60 16.38 -21.75
C ILE A 676 12.52 15.47 -22.55
N ARG A 677 13.56 14.96 -21.90
CA ARG A 677 14.46 14.01 -22.53
C ARG A 677 13.73 12.69 -22.79
N TYR A 678 12.82 12.34 -21.88
CA TYR A 678 12.01 11.14 -22.03
C TYR A 678 10.95 11.34 -23.09
N VAL A 679 10.45 12.57 -23.18
CA VAL A 679 9.49 12.92 -24.22
C VAL A 679 10.11 12.74 -25.60
N LEU A 680 11.31 13.29 -25.78
CA LEU A 680 12.03 13.21 -27.05
C LEU A 680 12.49 11.78 -27.33
N LEU A 681 12.66 10.99 -26.28
CA LEU A 681 13.03 9.59 -26.44
C LEU A 681 11.90 8.80 -27.09
N VAL A 682 10.69 9.04 -26.60
CA VAL A 682 9.51 8.37 -27.13
C VAL A 682 9.25 8.77 -28.58
N ILE A 683 9.41 10.06 -28.85
CA ILE A 683 9.24 10.59 -30.21
C ILE A 683 10.23 9.95 -31.17
N ASP A 684 11.48 9.83 -30.72
CA ASP A 684 12.55 9.32 -31.57
C ASP A 684 12.54 7.79 -31.70
N LYS A 685 12.61 7.11 -30.57
CA LYS A 685 12.85 5.66 -30.57
C LYS A 685 11.57 4.83 -30.64
N VAL A 686 10.44 5.40 -30.21
CA VAL A 686 9.18 4.67 -30.24
C VAL A 686 8.30 5.14 -31.40
N GLY A 687 8.18 6.45 -31.56
CA GLY A 687 7.37 7.02 -32.62
C GLY A 687 8.07 7.01 -33.96
N GLY A 688 9.38 7.23 -33.93
CA GLY A 688 10.18 7.27 -35.14
C GLY A 688 9.88 8.49 -35.99
N CYS A 689 9.20 9.46 -35.40
CA CYS A 689 8.82 10.68 -36.11
C CYS A 689 9.96 11.70 -36.04
N GLN A 690 10.94 11.54 -36.93
CA GLN A 690 12.14 12.35 -36.91
C GLN A 690 11.87 13.81 -37.28
N ARG A 691 10.84 14.05 -38.07
CA ARG A 691 10.53 15.39 -38.56
C ARG A 691 10.18 16.34 -37.42
N LEU A 692 9.65 15.79 -36.33
CA LEU A 692 9.27 16.61 -35.18
C LEU A 692 10.52 17.08 -34.43
N LEU A 693 11.55 16.24 -34.41
CA LEU A 693 12.79 16.58 -33.74
C LEU A 693 13.56 17.67 -34.49
N ASP A 694 13.63 17.51 -35.82
CA ASP A 694 14.30 18.50 -36.66
C ASP A 694 13.60 19.85 -36.57
N GLU A 695 12.29 19.80 -36.30
CA GLU A 695 11.47 21.00 -36.24
C GLU A 695 11.74 21.80 -34.97
N MET A 696 12.06 21.11 -33.89
CA MET A 696 12.35 21.75 -32.62
C MET A 696 13.76 22.33 -32.61
N ASN A 697 13.98 23.28 -31.70
CA ASN A 697 15.31 23.85 -31.52
C ASN A 697 15.95 23.35 -30.24
N ILE A 698 16.95 22.48 -30.39
CA ILE A 698 17.57 21.81 -29.24
C ILE A 698 18.94 22.39 -28.91
N VAL A 699 19.13 22.74 -27.64
CA VAL A 699 20.39 23.28 -27.16
C VAL A 699 21.29 22.15 -26.64
N PRO A 700 22.62 22.38 -26.60
CA PRO A 700 23.60 21.40 -26.09
C PRO A 700 23.17 20.66 -24.82
N GLU B 3 25.80 -13.72 3.19
CA GLU B 3 27.11 -13.21 3.60
C GLU B 3 27.74 -14.16 4.61
N GLY B 4 26.90 -14.98 5.25
CA GLY B 4 27.41 -16.04 6.10
C GLY B 4 26.72 -16.24 7.44
N MET B 5 26.33 -17.49 7.70
CA MET B 5 25.92 -17.92 9.03
C MET B 5 26.99 -18.85 9.58
N TRP B 6 28.05 -18.26 10.14
CA TRP B 6 29.27 -18.99 10.44
C TRP B 6 29.22 -19.79 11.74
N LEU B 7 29.89 -20.93 11.73
CA LEU B 7 30.10 -21.72 12.94
C LEU B 7 31.01 -20.95 13.87
N MET B 8 30.96 -21.27 15.17
CA MET B 8 31.81 -20.62 16.14
C MET B 8 33.29 -20.97 15.89
N GLN B 9 33.51 -22.11 15.23
CA GLN B 9 34.86 -22.55 14.89
C GLN B 9 35.50 -21.65 13.83
N GLN B 10 34.66 -21.02 13.01
CA GLN B 10 35.15 -20.21 11.90
C GLN B 10 35.42 -18.77 12.31
N LEU B 11 35.31 -18.49 13.61
CA LEU B 11 35.55 -17.13 14.12
C LEU B 11 36.99 -16.71 13.89
N GLY B 12 37.93 -17.64 14.07
CA GLY B 12 39.33 -17.36 13.89
C GLY B 12 39.66 -16.90 12.47
N ARG B 13 38.99 -17.52 11.50
CA ARG B 13 39.19 -17.17 10.09
C ARG B 13 38.62 -15.79 9.76
N LYS B 14 37.45 -15.50 10.32
CA LYS B 14 36.73 -14.27 9.99
C LYS B 14 37.12 -13.08 10.86
N TYR B 15 37.78 -13.34 11.98
CA TYR B 15 38.11 -12.31 12.95
C TYR B 15 38.85 -11.13 12.34
N ALA B 16 39.71 -11.42 11.37
CA ALA B 16 40.45 -10.38 10.65
C ALA B 16 39.51 -9.48 9.87
N GLN B 17 38.61 -10.10 9.11
CA GLN B 17 37.66 -9.36 8.28
C GLN B 17 36.64 -8.62 9.13
N MET B 18 36.32 -9.17 10.30
CA MET B 18 35.31 -8.58 11.18
C MET B 18 35.80 -7.26 11.77
N LYS B 19 37.08 -7.20 12.10
CA LYS B 19 37.68 -5.97 12.61
C LYS B 19 37.94 -5.01 11.46
N GLU B 20 38.17 -5.57 10.28
CA GLU B 20 38.38 -4.77 9.08
C GLU B 20 37.10 -4.01 8.74
N ARG B 21 35.97 -4.56 9.12
CA ARG B 21 34.69 -3.90 8.92
C ARG B 21 34.14 -3.28 10.20
N GLY B 22 34.95 -3.22 11.25
CA GLY B 22 34.60 -2.40 12.41
C GLY B 22 34.63 -3.00 13.80
N LEU B 23 34.89 -4.30 13.92
CA LEU B 23 34.90 -4.94 15.23
C LEU B 23 36.12 -4.49 16.04
N LYS B 24 35.90 -4.02 17.27
CA LYS B 24 37.01 -3.72 18.17
C LYS B 24 36.82 -4.43 19.51
N MET B 25 37.03 -5.74 19.47
CA MET B 25 36.84 -6.62 20.61
C MET B 25 37.73 -7.85 20.42
N LYS B 26 38.40 -8.30 21.46
CA LYS B 26 39.28 -9.44 21.34
C LYS B 26 38.50 -10.72 21.02
N GLU B 27 39.12 -11.59 20.23
CA GLU B 27 38.46 -12.78 19.69
C GLU B 27 37.92 -13.71 20.77
N TYR B 28 38.76 -14.03 21.75
CA TYR B 28 38.39 -15.03 22.75
C TYR B 28 37.35 -14.54 23.76
N ASP B 29 37.07 -13.24 23.81
CA ASP B 29 35.95 -12.77 24.61
C ASP B 29 34.64 -12.95 23.88
N LEU B 30 34.72 -13.04 22.56
CA LEU B 30 33.53 -13.30 21.75
C LEU B 30 33.20 -14.79 21.82
N TYR B 31 34.16 -15.61 21.43
CA TYR B 31 34.03 -17.06 21.58
C TYR B 31 35.34 -17.68 22.03
N ASN B 32 35.30 -18.36 23.17
CA ASN B 32 36.46 -19.06 23.70
C ASN B 32 36.16 -20.55 23.81
N PRO B 33 36.85 -21.37 23.02
CA PRO B 33 36.64 -22.82 23.03
C PRO B 33 37.02 -23.45 24.37
N ASN B 34 37.92 -22.80 25.11
CA ASN B 34 38.37 -23.32 26.40
C ASN B 34 38.28 -22.27 27.51
N GLY B 35 37.18 -21.55 27.57
CA GLY B 35 36.99 -20.53 28.58
C GLY B 35 35.65 -19.82 28.47
N THR B 36 35.45 -18.82 29.33
CA THR B 36 34.20 -18.07 29.34
C THR B 36 34.24 -16.92 28.34
N SER B 37 33.21 -16.85 27.50
CA SER B 37 33.11 -15.78 26.51
C SER B 37 31.68 -15.28 26.40
N LEU B 38 31.47 -14.29 25.53
CA LEU B 38 30.16 -13.69 25.34
C LEU B 38 29.15 -14.69 24.80
N LYS B 39 29.67 -15.74 24.17
CA LYS B 39 28.86 -16.85 23.67
C LYS B 39 27.99 -17.46 24.76
N ASP B 40 28.52 -17.48 25.98
CA ASP B 40 27.84 -18.12 27.11
C ASP B 40 26.66 -17.30 27.63
N ALA B 41 26.41 -16.16 27.00
CA ALA B 41 25.28 -15.32 27.38
C ALA B 41 24.12 -15.47 26.40
N VAL B 42 24.31 -16.33 25.40
CA VAL B 42 23.30 -16.58 24.39
C VAL B 42 22.60 -17.91 24.63
N VAL B 43 21.27 -17.93 24.52
CA VAL B 43 20.51 -19.15 24.77
C VAL B 43 19.54 -19.49 23.65
N LEU B 44 19.25 -20.78 23.53
CA LEU B 44 18.15 -21.24 22.70
C LEU B 44 16.88 -21.18 23.55
N PHE B 45 15.97 -20.29 23.18
CA PHE B 45 14.79 -20.04 24.00
C PHE B 45 13.60 -20.90 23.56
N ASP B 46 13.17 -21.79 24.45
CA ASP B 46 12.00 -22.63 24.23
C ASP B 46 12.08 -23.45 22.95
N GLY B 47 13.29 -23.85 22.58
CA GLY B 47 13.51 -24.71 21.44
C GLY B 47 13.29 -24.10 20.07
N GLY B 48 12.80 -22.87 20.03
CA GLY B 48 12.48 -22.22 18.77
C GLY B 48 13.15 -20.87 18.58
N CYS B 49 13.12 -20.03 19.60
CA CYS B 49 13.65 -18.68 19.50
C CYS B 49 15.07 -18.57 20.07
N THR B 50 15.64 -17.38 19.96
CA THR B 50 16.92 -17.07 20.57
C THR B 50 16.69 -16.05 21.68
N GLY B 51 17.47 -16.15 22.75
CA GLY B 51 17.41 -15.19 23.82
C GLY B 51 18.82 -14.85 24.30
N GLU B 52 18.93 -13.92 25.23
CA GLU B 52 20.23 -13.57 25.78
C GLU B 52 20.15 -13.20 27.25
N VAL B 53 21.16 -13.61 28.01
CA VAL B 53 21.23 -13.28 29.42
C VAL B 53 21.63 -11.81 29.58
N VAL B 54 20.83 -11.07 30.34
CA VAL B 54 20.95 -9.62 30.37
C VAL B 54 21.54 -9.09 31.68
N SER B 55 21.34 -9.82 32.78
CA SER B 55 21.89 -9.40 34.06
C SER B 55 22.57 -10.55 34.80
N ASP B 56 23.17 -10.24 35.95
CA ASP B 56 23.88 -11.24 36.73
C ASP B 56 22.97 -11.98 37.69
N ARG B 57 21.66 -11.85 37.48
CA ARG B 57 20.68 -12.60 38.25
C ARG B 57 19.73 -13.36 37.33
N GLY B 58 20.20 -13.63 36.12
CA GLY B 58 19.51 -14.51 35.20
C GLY B 58 18.41 -13.89 34.35
N LEU B 59 18.47 -12.58 34.17
CA LEU B 59 17.46 -11.90 33.36
C LEU B 59 17.65 -12.23 31.88
N VAL B 60 16.56 -12.60 31.21
CA VAL B 60 16.63 -13.01 29.81
C VAL B 60 15.73 -12.17 28.92
N LEU B 61 16.31 -11.65 27.85
CA LEU B 61 15.54 -10.90 26.85
C LEU B 61 15.31 -11.74 25.60
N THR B 62 14.09 -11.66 25.07
CA THR B 62 13.73 -12.32 23.83
C THR B 62 12.60 -11.52 23.17
N ASN B 63 12.09 -12.01 22.05
CA ASN B 63 11.01 -11.32 21.37
C ASN B 63 9.67 -11.47 22.08
N HIS B 64 8.73 -10.60 21.74
CA HIS B 64 7.39 -10.67 22.30
C HIS B 64 6.61 -11.83 21.68
N HIS B 65 6.87 -12.11 20.41
CA HIS B 65 6.20 -13.20 19.72
C HIS B 65 6.83 -14.54 20.08
N CYS B 66 7.95 -14.49 20.79
CA CYS B 66 8.59 -15.69 21.31
C CYS B 66 7.96 -16.09 22.63
N GLY B 67 7.60 -15.11 23.44
CA GLY B 67 7.01 -15.37 24.74
C GLY B 67 5.50 -15.21 24.72
N TYR B 68 4.93 -15.11 23.52
CA TYR B 68 3.50 -14.87 23.35
C TYR B 68 2.62 -15.94 24.00
N ASP B 69 2.99 -17.20 23.82
CA ASP B 69 2.23 -18.31 24.37
C ASP B 69 2.20 -18.28 25.89
N MET B 70 3.28 -17.81 26.48
CA MET B 70 3.44 -17.82 27.94
C MET B 70 2.75 -16.63 28.59
N ILE B 71 2.70 -15.51 27.88
CA ILE B 71 2.00 -14.32 28.37
C ILE B 71 0.50 -14.57 28.43
N GLN B 72 -0.02 -15.22 27.39
CA GLN B 72 -1.44 -15.53 27.31
C GLN B 72 -1.83 -16.59 28.34
N ALA B 73 -0.94 -17.55 28.55
CA ALA B 73 -1.19 -18.67 29.47
C ALA B 73 -1.46 -18.18 30.90
N HIS B 74 -0.91 -17.01 31.24
CA HIS B 74 -1.12 -16.44 32.56
C HIS B 74 -2.20 -15.37 32.51
N SER B 75 -2.62 -15.02 31.30
CA SER B 75 -3.72 -14.08 31.11
C SER B 75 -5.04 -14.76 31.38
N THR B 76 -5.58 -14.43 32.56
CA THR B 76 -6.93 -14.75 33.04
C THR B 76 -8.11 -14.38 32.13
N LEU B 77 -9.27 -14.21 32.75
CA LEU B 77 -10.48 -13.77 32.05
C LEU B 77 -10.42 -12.25 31.78
N GLU B 78 -10.15 -11.42 32.79
CA GLU B 78 -10.09 -9.98 32.54
C GLU B 78 -9.04 -9.08 33.27
N HIS B 79 -8.10 -9.65 34.00
CA HIS B 79 -6.78 -9.00 34.29
C HIS B 79 -5.79 -9.79 33.40
N ASN B 80 -5.94 -9.43 32.13
CA ASN B 80 -5.21 -9.85 30.95
C ASN B 80 -3.85 -9.17 30.81
N TYR B 81 -2.78 -9.95 30.77
CA TYR B 81 -1.44 -9.39 30.58
C TYR B 81 -1.10 -9.28 29.09
N LEU B 82 -1.78 -10.07 28.27
CA LEU B 82 -1.50 -10.10 26.84
C LEU B 82 -1.85 -8.78 26.18
N GLU B 83 -2.86 -8.10 26.71
CA GLU B 83 -3.34 -6.87 26.11
C GLU B 83 -2.87 -5.63 26.85
N ASN B 84 -2.70 -5.76 28.17
CA ASN B 84 -2.30 -4.62 28.99
C ASN B 84 -0.82 -4.63 29.36
N GLY B 85 -0.18 -5.79 29.22
CA GLY B 85 1.21 -5.92 29.60
C GLY B 85 1.35 -6.59 30.96
N PHE B 86 2.56 -6.99 31.31
CA PHE B 86 2.83 -7.63 32.59
C PHE B 86 4.16 -7.16 33.16
N TRP B 87 4.15 -6.76 34.43
CA TRP B 87 5.36 -6.28 35.09
C TRP B 87 5.40 -6.68 36.56
N ALA B 88 6.12 -7.74 36.86
CA ALA B 88 6.31 -8.17 38.24
C ALA B 88 7.19 -7.16 38.98
N MET B 89 6.66 -6.60 40.06
CA MET B 89 7.37 -5.55 40.79
C MET B 89 8.39 -6.11 41.76
N ARG B 90 8.45 -7.44 41.85
CA ARG B 90 9.48 -8.11 42.63
C ARG B 90 9.66 -9.54 42.13
N GLU B 91 10.78 -10.16 42.49
CA GLU B 91 11.13 -11.48 41.98
C GLU B 91 10.18 -12.58 42.46
N ALA B 92 9.33 -12.25 43.42
CA ALA B 92 8.44 -13.23 44.04
C ALA B 92 7.18 -13.50 43.20
N ASP B 93 6.76 -12.51 42.42
CA ASP B 93 5.56 -12.67 41.60
C ASP B 93 5.88 -12.88 40.13
N GLU B 94 7.14 -13.22 39.85
CA GLU B 94 7.52 -13.63 38.50
C GLU B 94 6.92 -15.02 38.25
N LEU B 95 6.13 -15.13 37.19
CA LEU B 95 5.31 -16.31 36.96
C LEU B 95 6.07 -17.43 36.25
N PRO B 96 6.15 -18.60 36.90
CA PRO B 96 6.78 -19.78 36.28
C PRO B 96 5.96 -20.30 35.11
N ASN B 97 6.65 -20.86 34.11
CA ASN B 97 6.00 -21.41 32.94
C ASN B 97 6.36 -22.88 32.77
N LYS B 98 5.36 -23.74 32.63
CA LYS B 98 5.66 -25.15 32.44
C LYS B 98 5.81 -25.46 30.96
N ASP B 99 6.63 -26.47 30.66
CA ASP B 99 7.03 -26.82 29.30
C ASP B 99 7.83 -25.69 28.65
N ILE B 100 8.60 -24.96 29.48
CA ILE B 100 9.53 -23.96 28.99
C ILE B 100 10.95 -24.50 29.17
N SER B 101 11.89 -23.95 28.41
CA SER B 101 13.28 -24.40 28.51
CA SER B 101 13.28 -24.40 28.51
C SER B 101 14.26 -23.34 28.02
N VAL B 102 15.47 -23.38 28.57
CA VAL B 102 16.55 -22.49 28.15
C VAL B 102 17.81 -23.35 27.99
N VAL B 103 18.49 -23.19 26.87
CA VAL B 103 19.64 -24.03 26.56
C VAL B 103 20.91 -23.22 26.31
N PHE B 104 21.92 -23.45 27.14
CA PHE B 104 23.24 -22.87 26.92
C PHE B 104 24.10 -23.84 26.12
N ILE B 105 24.91 -23.32 25.21
CA ILE B 105 25.87 -24.14 24.50
C ILE B 105 27.22 -24.06 25.22
N ASP B 106 27.43 -25.00 26.15
CA ASP B 106 28.58 -24.97 27.03
C ASP B 106 29.89 -25.25 26.29
N LYS B 107 29.87 -26.22 25.38
CA LYS B 107 31.08 -26.58 24.64
C LYS B 107 30.78 -27.05 23.22
N ILE B 108 31.69 -26.74 22.30
CA ILE B 108 31.58 -27.15 20.90
C ILE B 108 32.91 -27.75 20.44
N GLU B 109 32.87 -28.97 19.93
CA GLU B 109 34.09 -29.62 19.44
C GLU B 109 33.85 -30.37 18.13
N ASP B 110 34.88 -30.43 17.31
CA ASP B 110 34.82 -31.12 16.03
C ASP B 110 35.05 -32.62 16.22
N VAL B 111 34.11 -33.43 15.76
CA VAL B 111 34.21 -34.88 15.88
C VAL B 111 34.06 -35.56 14.52
N THR B 112 34.41 -34.84 13.46
CA THR B 112 34.26 -35.32 12.09
C THR B 112 34.98 -36.64 11.84
N ASP B 113 36.27 -36.67 12.15
CA ASP B 113 37.09 -37.85 11.93
C ASP B 113 36.62 -39.02 12.79
N TYR B 114 36.17 -38.73 14.00
CA TYR B 114 35.63 -39.75 14.89
C TYR B 114 34.37 -40.37 14.31
N VAL B 115 33.44 -39.53 13.87
CA VAL B 115 32.20 -40.01 13.28
C VAL B 115 32.45 -40.78 11.99
N LYS B 116 33.35 -40.26 11.16
CA LYS B 116 33.64 -40.86 9.86
C LYS B 116 34.25 -42.26 9.97
N LYS B 117 35.15 -42.45 10.94
CA LYS B 117 35.77 -43.76 11.11
C LYS B 117 34.78 -44.74 11.74
N GLU B 118 33.85 -44.21 12.53
CA GLU B 118 32.74 -45.00 13.04
C GLU B 118 31.82 -45.35 11.89
N LEU B 119 31.71 -44.43 10.92
CA LEU B 119 30.88 -44.63 9.75
C LEU B 119 31.49 -45.62 8.77
N LYS B 120 32.82 -45.65 8.67
CA LYS B 120 33.49 -46.60 7.77
C LYS B 120 33.58 -47.94 8.54
N ALA B 121 32.46 -48.31 9.13
CA ALA B 121 32.32 -49.58 9.84
C ALA B 121 30.90 -50.10 9.66
N ILE B 122 30.19 -49.52 8.70
CA ILE B 122 28.83 -49.94 8.41
C ILE B 122 28.77 -50.55 6.99
N LYS B 123 27.95 -51.57 6.83
CA LYS B 123 27.91 -52.35 5.59
C LYS B 123 27.36 -51.55 4.41
N ASP B 124 26.07 -51.20 4.47
CA ASP B 124 25.38 -50.56 3.36
C ASP B 124 25.96 -49.19 3.03
N PRO B 125 26.50 -49.03 1.82
CA PRO B 125 27.06 -47.76 1.35
C PRO B 125 25.99 -46.68 1.19
N ASN B 126 24.74 -47.09 1.07
CA ASN B 126 23.64 -46.14 0.91
C ASN B 126 22.88 -45.90 2.22
N SER B 127 23.44 -46.40 3.31
CA SER B 127 22.83 -46.21 4.64
C SER B 127 22.71 -44.73 4.97
N MET B 128 21.59 -44.36 5.59
CA MET B 128 21.34 -42.96 5.93
C MET B 128 21.67 -42.67 7.39
N ASP B 129 22.39 -43.58 8.03
CA ASP B 129 22.74 -43.43 9.43
C ASP B 129 23.67 -42.25 9.68
N TYR B 130 24.31 -41.76 8.62
CA TYR B 130 25.23 -40.63 8.75
C TYR B 130 24.46 -39.33 8.99
N LEU B 131 23.14 -39.38 8.83
CA LEU B 131 22.27 -38.24 9.13
C LEU B 131 21.26 -38.58 10.22
N SER B 132 21.24 -39.83 10.63
CA SER B 132 20.27 -40.30 11.63
C SER B 132 20.61 -39.79 13.03
N PRO B 133 19.69 -39.03 13.63
CA PRO B 133 19.88 -38.51 14.99
C PRO B 133 20.03 -39.63 16.01
N LYS B 134 19.33 -40.74 15.79
CA LYS B 134 19.43 -41.91 16.67
C LYS B 134 20.85 -42.47 16.68
N TYR B 135 21.43 -42.62 15.50
CA TYR B 135 22.78 -43.14 15.36
C TYR B 135 23.81 -42.13 15.87
N LEU B 136 23.62 -40.86 15.54
CA LEU B 136 24.55 -39.81 15.94
C LEU B 136 24.53 -39.60 17.45
N GLN B 137 23.37 -39.79 18.07
CA GLN B 137 23.26 -39.66 19.52
C GLN B 137 23.99 -40.80 20.22
N LYS B 138 23.86 -42.00 19.66
CA LYS B 138 24.52 -43.16 20.22
C LYS B 138 26.04 -43.02 20.10
N LEU B 139 26.49 -42.33 19.06
CA LEU B 139 27.90 -42.00 18.91
C LEU B 139 28.31 -40.97 19.95
N ALA B 140 27.40 -40.05 20.26
CA ALA B 140 27.65 -38.99 21.23
C ALA B 140 27.75 -39.57 22.64
N ASP B 141 26.85 -40.50 22.96
CA ASP B 141 26.85 -41.15 24.27
C ASP B 141 28.13 -41.97 24.47
N LYS B 142 28.64 -42.53 23.38
CA LYS B 142 29.85 -43.34 23.44
C LYS B 142 31.08 -42.49 23.74
N LYS B 143 31.20 -41.36 23.06
CA LYS B 143 32.37 -40.50 23.21
C LYS B 143 32.34 -39.73 24.52
N ALA B 144 31.14 -39.42 25.00
CA ALA B 144 30.98 -38.66 26.24
C ALA B 144 31.13 -39.56 27.47
N GLY B 145 30.78 -40.83 27.31
CA GLY B 145 30.79 -41.77 28.41
C GLY B 145 29.38 -42.20 28.76
N LYS B 146 29.25 -43.38 29.35
CA LYS B 146 27.94 -43.96 29.65
C LYS B 146 27.17 -43.14 30.68
N ASN B 147 27.83 -42.80 31.79
CA ASN B 147 27.18 -42.07 32.87
C ASN B 147 27.52 -40.58 32.85
N PHE B 148 27.56 -39.99 31.66
CA PHE B 148 27.94 -38.59 31.52
C PHE B 148 26.98 -37.64 32.23
N SER B 149 25.69 -37.77 31.94
CA SER B 149 24.67 -36.91 32.52
C SER B 149 24.64 -37.05 34.04
N ALA B 150 24.89 -38.25 34.53
CA ALA B 150 24.91 -38.52 35.96
C ALA B 150 26.16 -37.96 36.63
N LYS B 151 27.27 -37.96 35.89
CA LYS B 151 28.53 -37.45 36.40
C LYS B 151 28.69 -35.97 36.09
N ASN B 152 27.81 -35.44 35.24
CA ASN B 152 27.81 -34.02 34.92
C ASN B 152 26.40 -33.45 35.00
N PRO B 153 26.01 -32.99 36.20
CA PRO B 153 24.66 -32.48 36.47
C PRO B 153 24.27 -31.30 35.59
N GLY B 154 23.15 -31.43 34.87
CA GLY B 154 22.64 -30.37 34.04
C GLY B 154 23.15 -30.41 32.62
N LEU B 155 24.16 -31.23 32.37
CA LEU B 155 24.78 -31.31 31.06
C LEU B 155 24.29 -32.50 30.24
N SER B 156 24.15 -32.28 28.94
CA SER B 156 23.84 -33.36 28.00
C SER B 156 24.69 -33.17 26.75
N VAL B 157 24.75 -34.19 25.90
CA VAL B 157 25.61 -34.13 24.72
C VAL B 157 24.85 -34.49 23.45
N GLU B 158 25.25 -33.90 22.33
CA GLU B 158 24.57 -34.10 21.05
C GLU B 158 25.52 -33.88 19.88
N ILE B 159 25.38 -34.72 18.85
CA ILE B 159 26.16 -34.59 17.63
C ILE B 159 25.27 -34.22 16.45
N LYS B 160 25.66 -33.19 15.71
CA LYS B 160 24.90 -32.74 14.54
C LYS B 160 25.74 -32.82 13.27
N ALA B 161 25.07 -33.06 12.15
CA ALA B 161 25.74 -33.13 10.85
C ALA B 161 25.73 -31.76 10.16
N PHE B 162 26.85 -31.44 9.52
CA PHE B 162 26.98 -30.18 8.79
C PHE B 162 27.47 -30.44 7.37
N TYR B 163 27.23 -29.47 6.48
CA TYR B 163 27.67 -29.55 5.09
C TYR B 163 27.23 -30.84 4.39
N GLY B 164 25.99 -31.24 4.64
CA GLY B 164 25.44 -32.43 4.01
C GLY B 164 26.09 -33.72 4.48
N GLY B 165 26.75 -33.67 5.64
CA GLY B 165 27.36 -34.86 6.22
C GLY B 165 28.86 -34.92 6.05
N ASN B 166 29.48 -33.80 5.69
CA ASN B 166 30.93 -33.74 5.54
C ASN B 166 31.60 -33.14 6.76
N LEU B 167 30.79 -32.71 7.73
CA LEU B 167 31.28 -32.11 8.96
C LEU B 167 30.36 -32.45 10.14
N TYR B 168 30.96 -32.84 11.26
CA TYR B 168 30.19 -33.19 12.44
C TYR B 168 30.70 -32.45 13.68
N LEU B 169 29.79 -31.79 14.38
CA LEU B 169 30.13 -31.10 15.61
C LEU B 169 29.44 -31.74 16.82
N MET B 170 30.13 -31.74 17.95
CA MET B 170 29.57 -32.26 19.19
C MET B 170 29.26 -31.10 20.13
N PHE B 171 28.01 -31.04 20.60
CA PHE B 171 27.59 -29.96 21.48
C PHE B 171 27.33 -30.44 22.89
N THR B 172 27.90 -29.73 23.86
CA THR B 172 27.60 -29.97 25.26
C THR B 172 26.61 -28.90 25.73
N LYS B 173 25.42 -29.33 26.14
CA LYS B 173 24.35 -28.40 26.43
C LYS B 173 23.97 -28.37 27.91
N LYS B 174 23.78 -27.17 28.44
CA LYS B 174 23.26 -26.99 29.79
C LYS B 174 21.83 -26.47 29.70
N THR B 175 20.88 -27.28 30.16
CA THR B 175 19.46 -26.96 29.98
C THR B 175 18.74 -26.60 31.27
N TYR B 176 18.14 -25.42 31.31
CA TYR B 176 17.33 -25.00 32.44
C TYR B 176 15.85 -25.02 32.07
N THR B 177 15.01 -25.49 32.98
CA THR B 177 13.59 -25.60 32.71
C THR B 177 12.74 -24.76 33.66
N ASP B 178 13.40 -24.03 34.55
CA ASP B 178 12.71 -23.12 35.45
C ASP B 178 12.93 -21.67 34.99
N VAL B 179 12.16 -21.26 33.98
CA VAL B 179 12.27 -19.92 33.43
C VAL B 179 10.96 -19.16 33.62
N ARG B 180 10.96 -18.17 34.50
CA ARG B 180 9.74 -17.45 34.85
C ARG B 180 9.53 -16.19 34.01
N LEU B 181 8.27 -15.82 33.81
CA LEU B 181 7.93 -14.59 33.12
C LEU B 181 8.12 -13.39 34.05
N VAL B 182 8.81 -12.37 33.55
CA VAL B 182 9.12 -11.19 34.35
C VAL B 182 8.40 -9.95 33.86
N GLY B 183 8.67 -9.57 32.61
CA GLY B 183 8.09 -8.36 32.05
C GLY B 183 7.61 -8.54 30.62
N ALA B 184 6.59 -7.78 30.25
CA ALA B 184 6.04 -7.83 28.90
C ALA B 184 5.27 -6.55 28.58
N PRO B 185 5.58 -5.93 27.44
CA PRO B 185 4.86 -4.74 26.99
C PRO B 185 3.47 -5.11 26.48
N PRO B 186 2.55 -4.13 26.43
CA PRO B 186 1.23 -4.37 25.85
C PRO B 186 1.34 -4.86 24.40
N SER B 187 0.35 -5.62 23.94
CA SER B 187 0.37 -6.15 22.58
C SER B 187 0.38 -5.04 21.54
N SER B 188 -0.17 -3.88 21.91
CA SER B 188 -0.19 -2.72 21.04
C SER B 188 1.23 -2.28 20.68
N ILE B 189 2.17 -2.53 21.58
CA ILE B 189 3.57 -2.20 21.35
C ILE B 189 4.33 -3.42 20.84
N GLY B 190 4.16 -4.55 21.53
CA GLY B 190 4.85 -5.78 21.18
C GLY B 190 4.47 -6.31 19.82
N LYS B 191 3.28 -5.94 19.34
CA LYS B 191 2.80 -6.40 18.03
C LYS B 191 2.23 -5.25 17.21
N PHE B 192 2.86 -4.07 17.29
CA PHE B 192 2.36 -2.90 16.60
C PHE B 192 2.28 -3.10 15.09
N GLY B 193 3.31 -3.73 14.54
CA GLY B 193 3.32 -4.04 13.12
C GLY B 193 2.24 -5.05 12.76
N ALA B 194 2.12 -6.08 13.61
CA ALA B 194 1.12 -7.13 13.45
C ALA B 194 1.21 -7.81 12.09
N ASP B 195 0.10 -7.81 11.36
CA ASP B 195 0.02 -8.52 10.08
C ASP B 195 0.33 -7.62 8.90
N THR B 196 -0.12 -6.36 8.98
CA THR B 196 0.09 -5.40 7.90
C THR B 196 1.57 -5.14 7.66
N ASP B 197 2.35 -5.07 8.73
CA ASP B 197 3.77 -4.73 8.62
C ASP B 197 4.72 -5.90 8.80
N ASN B 198 4.20 -7.13 8.76
CA ASN B 198 5.08 -8.28 8.91
C ASN B 198 5.87 -8.50 7.62
N TRP B 199 7.15 -8.83 7.76
CA TRP B 199 8.12 -8.88 6.67
C TRP B 199 8.34 -7.51 6.04
N ILE B 200 7.94 -6.46 6.75
CA ILE B 200 7.98 -5.11 6.19
C ILE B 200 8.94 -4.17 6.92
N TRP B 201 9.83 -3.55 6.16
CA TRP B 201 10.65 -2.44 6.65
C TRP B 201 10.29 -1.20 5.83
N PRO B 202 10.14 -0.03 6.49
CA PRO B 202 10.30 0.29 7.91
C PRO B 202 9.32 -0.42 8.84
N ARG B 203 9.77 -0.72 10.05
CA ARG B 203 8.95 -1.37 11.06
C ARG B 203 8.98 -0.59 12.37
N HIS B 204 7.84 -0.55 13.06
CA HIS B 204 7.75 0.21 14.31
C HIS B 204 7.25 -0.66 15.45
N THR B 205 7.80 -1.87 15.54
CA THR B 205 7.36 -2.84 16.54
C THR B 205 8.36 -2.97 17.69
N GLY B 206 7.88 -2.78 18.92
CA GLY B 206 8.69 -3.01 20.11
C GLY B 206 8.59 -4.46 20.53
N ASP B 207 9.10 -5.34 19.67
CA ASP B 207 8.93 -6.78 19.83
C ASP B 207 9.90 -7.37 20.86
N PHE B 208 9.52 -7.33 22.13
CA PHE B 208 10.35 -7.93 23.17
C PHE B 208 9.53 -8.46 24.35
N SER B 209 10.17 -9.30 25.16
CA SER B 209 9.58 -9.79 26.41
C SER B 209 10.70 -10.19 27.35
N ILE B 210 10.41 -10.25 28.65
CA ILE B 210 11.46 -10.47 29.65
C ILE B 210 11.19 -11.70 30.51
N PHE B 211 12.23 -12.53 30.68
CA PHE B 211 12.14 -13.71 31.52
C PHE B 211 13.29 -13.78 32.51
N ARG B 212 13.29 -14.79 33.37
CA ARG B 212 14.39 -15.01 34.31
C ARG B 212 14.64 -16.50 34.54
N ILE B 213 15.90 -16.89 34.53
CA ILE B 213 16.29 -18.28 34.76
C ILE B 213 16.46 -18.57 36.25
N TYR B 214 15.84 -19.64 36.72
CA TYR B 214 15.99 -20.08 38.11
C TYR B 214 16.70 -21.43 38.18
N ALA B 215 17.36 -21.67 39.31
CA ALA B 215 18.09 -22.92 39.52
C ALA B 215 18.16 -23.24 41.01
N ASP B 216 18.88 -24.30 41.36
CA ASP B 216 19.02 -24.67 42.76
C ASP B 216 20.04 -23.79 43.48
N LYS B 217 20.48 -24.22 44.65
CA LYS B 217 21.35 -23.42 45.50
C LYS B 217 22.76 -23.26 44.91
N ASN B 218 23.08 -24.05 43.89
CA ASN B 218 24.42 -24.02 43.31
C ASN B 218 24.42 -23.65 41.82
N GLY B 219 23.29 -23.15 41.33
CA GLY B 219 23.20 -22.71 39.95
C GLY B 219 23.06 -23.84 38.95
N ASN B 220 22.83 -25.06 39.47
CA ASN B 220 22.60 -26.21 38.61
C ASN B 220 21.13 -26.32 38.23
N PRO B 221 20.87 -26.76 36.98
CA PRO B 221 19.51 -26.93 36.44
C PRO B 221 18.58 -27.72 37.35
N ALA B 222 17.32 -27.30 37.40
CA ALA B 222 16.31 -27.98 38.21
C ALA B 222 14.91 -27.61 37.73
N PRO B 223 13.97 -28.57 37.80
CA PRO B 223 12.57 -28.30 37.44
C PRO B 223 11.95 -27.27 38.38
N TYR B 224 10.73 -26.83 38.08
CA TYR B 224 10.08 -25.79 38.87
C TYR B 224 10.00 -26.13 40.36
N SER B 225 10.55 -25.26 41.18
CA SER B 225 10.46 -25.38 42.62
C SER B 225 10.45 -23.99 43.24
N GLU B 226 9.75 -23.84 44.35
CA GLU B 226 9.70 -22.55 45.04
C GLU B 226 10.93 -22.40 45.94
N ASP B 227 11.75 -23.44 45.97
CA ASP B 227 13.03 -23.39 46.65
C ASP B 227 14.11 -22.92 45.69
N ASN B 228 13.75 -22.83 44.41
CA ASN B 228 14.70 -22.42 43.37
C ASN B 228 15.11 -20.96 43.50
N VAL B 229 16.38 -20.70 43.22
CA VAL B 229 16.96 -19.37 43.34
C VAL B 229 17.43 -18.90 41.96
N PRO B 230 17.22 -17.61 41.65
CA PRO B 230 17.62 -17.05 40.36
C PRO B 230 19.09 -17.36 40.03
N LEU B 231 19.32 -17.81 38.79
CA LEU B 231 20.65 -18.22 38.36
C LEU B 231 21.61 -17.04 38.27
N LYS B 232 22.81 -17.21 38.82
CA LYS B 232 23.89 -16.24 38.63
C LYS B 232 24.77 -16.69 37.48
N PRO B 233 24.56 -16.11 36.29
CA PRO B 233 25.26 -16.53 35.07
C PRO B 233 26.74 -16.16 35.09
N LYS B 234 27.54 -16.97 34.39
CA LYS B 234 28.98 -16.71 34.29
C LYS B 234 29.25 -15.61 33.26
N ARG B 235 28.23 -15.25 32.50
CA ARG B 235 28.35 -14.20 31.50
C ARG B 235 26.99 -13.63 31.09
N PHE B 236 26.90 -12.32 31.04
CA PHE B 236 25.70 -11.64 30.56
C PHE B 236 26.08 -10.43 29.72
N PHE B 237 25.17 -9.99 28.86
CA PHE B 237 25.43 -8.85 27.99
C PHE B 237 25.38 -7.52 28.72
N ASN B 238 26.33 -6.64 28.44
CA ASN B 238 26.21 -5.24 28.83
C ASN B 238 25.25 -4.54 27.87
N ILE B 239 24.50 -3.58 28.38
CA ILE B 239 23.56 -2.85 27.54
C ILE B 239 24.08 -1.45 27.22
N SER B 240 24.18 -1.15 25.92
CA SER B 240 24.70 0.13 25.47
C SER B 240 23.57 1.15 25.26
N LEU B 241 23.86 2.39 25.60
CA LEU B 241 22.92 3.49 25.37
C LEU B 241 23.49 4.46 24.35
N GLY B 242 24.64 4.11 23.79
CA GLY B 242 25.28 4.93 22.78
C GLY B 242 24.51 4.91 21.47
N GLY B 243 23.68 3.88 21.29
CA GLY B 243 22.84 3.77 20.12
C GLY B 243 23.62 3.36 18.88
N VAL B 244 23.01 3.56 17.72
CA VAL B 244 23.63 3.19 16.45
C VAL B 244 23.60 4.34 15.45
N GLN B 245 24.52 4.30 14.49
CA GLN B 245 24.55 5.25 13.40
C GLN B 245 24.71 4.47 12.09
N GLU B 246 24.51 5.14 10.96
CA GLU B 246 24.65 4.46 9.67
C GLU B 246 26.08 3.98 9.50
N ASN B 247 26.22 2.78 8.90
CA ASN B 247 27.49 2.12 8.65
C ASN B 247 28.20 1.63 9.92
N ASP B 248 27.52 1.69 11.06
CA ASP B 248 28.07 1.13 12.29
C ASP B 248 28.18 -0.38 12.19
N TYR B 249 29.27 -0.92 12.74
CA TYR B 249 29.45 -2.36 12.81
C TYR B 249 28.36 -2.99 13.68
N ALA B 250 27.82 -4.10 13.22
CA ALA B 250 26.83 -4.84 13.98
C ALA B 250 27.01 -6.33 13.77
N MET B 251 26.80 -7.11 14.82
CA MET B 251 26.92 -8.56 14.73
C MET B 251 25.85 -9.26 15.56
N ILE B 252 25.54 -10.48 15.17
CA ILE B 252 24.47 -11.24 15.81
C ILE B 252 24.89 -12.68 16.12
N MET B 253 24.53 -13.16 17.31
CA MET B 253 24.65 -14.57 17.64
C MET B 253 23.26 -15.14 17.87
N GLY B 254 23.01 -16.34 17.34
CA GLY B 254 21.70 -16.95 17.47
C GLY B 254 21.60 -18.34 16.87
N PHE B 255 20.37 -18.81 16.68
CA PHE B 255 20.13 -20.16 16.19
C PHE B 255 19.24 -20.17 14.94
N PRO B 256 19.82 -19.82 13.78
CA PRO B 256 19.06 -19.92 12.53
C PRO B 256 18.60 -21.35 12.27
N GLY B 257 17.34 -21.52 11.88
CA GLY B 257 16.75 -22.83 11.73
C GLY B 257 17.17 -23.57 10.48
N THR B 258 16.81 -23.03 9.32
CA THR B 258 17.05 -23.72 8.05
C THR B 258 17.39 -22.77 6.92
N THR B 259 18.39 -23.15 6.13
CA THR B 259 18.70 -22.47 4.88
C THR B 259 18.91 -23.51 3.78
N HIS B 260 19.01 -23.06 2.54
CA HIS B 260 19.21 -23.96 1.41
C HIS B 260 20.18 -23.35 0.39
N ARG B 261 21.34 -22.96 0.88
CA ARG B 261 22.37 -22.32 0.05
C ARG B 261 22.86 -23.24 -1.07
N TYR B 262 22.87 -24.54 -0.81
CA TYR B 262 23.45 -25.49 -1.75
C TYR B 262 22.42 -26.22 -2.61
N PHE B 263 21.34 -25.52 -2.94
CA PHE B 263 20.35 -26.07 -3.86
C PHE B 263 20.81 -26.01 -5.30
N THR B 264 20.40 -27.00 -6.08
CA THR B 264 20.67 -27.01 -7.52
C THR B 264 19.67 -26.09 -8.22
N ALA B 265 19.92 -25.80 -9.48
CA ALA B 265 19.05 -24.94 -10.27
C ALA B 265 17.65 -25.52 -10.38
N SER B 266 17.58 -26.85 -10.48
CA SER B 266 16.30 -27.53 -10.62
C SER B 266 15.49 -27.48 -9.33
N GLU B 267 16.17 -27.54 -8.19
CA GLU B 267 15.51 -27.44 -6.89
C GLU B 267 14.90 -26.05 -6.70
N VAL B 268 15.52 -25.04 -7.29
CA VAL B 268 14.98 -23.69 -7.26
C VAL B 268 13.70 -23.62 -8.11
N ASP B 269 13.75 -24.21 -9.30
CA ASP B 269 12.59 -24.26 -10.18
C ASP B 269 11.45 -25.03 -9.51
N GLU B 270 11.80 -26.14 -8.88
CA GLU B 270 10.82 -26.94 -8.13
C GLU B 270 10.20 -26.11 -7.02
N TRP B 271 11.04 -25.37 -6.31
CA TRP B 271 10.60 -24.51 -5.22
C TRP B 271 9.58 -23.47 -5.68
N LYS B 272 9.82 -22.88 -6.85
CA LYS B 272 8.93 -21.86 -7.39
C LYS B 272 7.67 -22.46 -8.01
N SER B 273 7.86 -23.31 -9.01
CA SER B 273 6.77 -23.81 -9.83
C SER B 273 5.80 -24.71 -9.08
N ILE B 274 6.28 -25.35 -8.02
CA ILE B 274 5.44 -26.26 -7.24
C ILE B 274 5.13 -25.69 -5.86
N ASP B 275 6.13 -25.66 -4.98
CA ASP B 275 5.95 -25.25 -3.59
C ASP B 275 5.29 -23.88 -3.46
N ASN B 276 5.93 -22.86 -4.01
CA ASN B 276 5.45 -21.49 -3.85
C ASN B 276 4.18 -21.17 -4.65
N ASP B 277 4.17 -21.57 -5.92
CA ASP B 277 3.05 -21.28 -6.81
C ASP B 277 1.73 -21.88 -6.32
N ILE B 278 1.78 -23.12 -5.85
CA ILE B 278 0.59 -23.79 -5.35
C ILE B 278 0.11 -23.14 -4.04
N ARG B 279 1.06 -22.84 -3.16
CA ARG B 279 0.74 -22.14 -1.92
C ARG B 279 0.14 -20.77 -2.19
N ILE B 280 0.74 -20.04 -3.13
CA ILE B 280 0.25 -18.72 -3.50
C ILE B 280 -1.14 -18.79 -4.11
N ARG B 281 -1.33 -19.71 -5.04
CA ARG B 281 -2.61 -19.83 -5.75
C ARG B 281 -3.75 -20.28 -4.84
N MET B 282 -3.51 -21.31 -4.04
CA MET B 282 -4.55 -21.88 -3.19
C MET B 282 -4.96 -20.96 -2.05
N ARG B 283 -3.98 -20.33 -1.41
CA ARG B 283 -4.27 -19.46 -0.27
C ARG B 283 -4.93 -18.16 -0.73
N ASP B 284 -4.62 -17.72 -1.94
CA ASP B 284 -5.25 -16.53 -2.50
C ASP B 284 -6.74 -16.77 -2.69
N ILE B 285 -7.09 -17.98 -3.10
CA ILE B 285 -8.49 -18.37 -3.26
C ILE B 285 -9.20 -18.45 -1.92
N ARG B 286 -8.55 -19.10 -0.95
CA ARG B 286 -9.13 -19.27 0.38
C ARG B 286 -9.31 -17.93 1.09
N GLN B 287 -8.25 -17.13 1.11
CA GLN B 287 -8.28 -15.82 1.76
C GLN B 287 -9.30 -14.89 1.10
N GLY B 288 -9.47 -15.05 -0.21
CA GLY B 288 -10.43 -14.25 -0.95
C GLY B 288 -11.86 -14.49 -0.50
N VAL B 289 -12.22 -15.76 -0.32
CA VAL B 289 -13.55 -16.11 0.14
C VAL B 289 -13.76 -15.68 1.58
N MET B 290 -12.74 -15.89 2.42
CA MET B 290 -12.79 -15.47 3.82
C MET B 290 -12.97 -13.96 3.94
N LEU B 291 -12.24 -13.21 3.12
CA LEU B 291 -12.30 -11.75 3.15
C LEU B 291 -13.71 -11.26 2.81
N ARG B 292 -14.32 -11.87 1.81
CA ARG B 292 -15.66 -11.49 1.39
C ARG B 292 -16.68 -11.73 2.50
N GLU B 293 -16.56 -12.85 3.19
CA GLU B 293 -17.49 -13.21 4.25
C GLU B 293 -17.24 -12.40 5.52
N MET B 294 -15.98 -12.06 5.77
CA MET B 294 -15.64 -11.26 6.95
C MET B 294 -16.16 -9.84 6.82
N LEU B 295 -16.06 -9.27 5.62
CA LEU B 295 -16.52 -7.92 5.36
C LEU B 295 -18.04 -7.83 5.45
N ALA B 296 -18.72 -8.93 5.13
CA ALA B 296 -20.18 -8.96 5.11
C ALA B 296 -20.78 -9.08 6.50
N ASP B 297 -20.13 -9.86 7.36
CA ASP B 297 -20.63 -10.10 8.70
C ASP B 297 -19.56 -9.80 9.75
N PRO B 298 -19.87 -8.88 10.68
CA PRO B 298 -18.90 -8.42 11.68
C PRO B 298 -18.46 -9.49 12.68
N GLN B 299 -19.28 -10.50 12.93
CA GLN B 299 -18.91 -11.55 13.87
C GLN B 299 -18.12 -12.65 13.16
N ILE B 300 -18.39 -12.83 11.87
CA ILE B 300 -17.56 -13.69 11.03
C ILE B 300 -16.15 -13.10 11.01
N LYS B 301 -16.07 -11.78 10.99
CA LYS B 301 -14.81 -11.06 11.08
C LYS B 301 -14.10 -11.41 12.40
N ILE B 302 -14.88 -11.52 13.47
CA ILE B 302 -14.35 -11.89 14.78
C ILE B 302 -13.89 -13.35 14.78
N MET B 303 -14.70 -14.22 14.17
CA MET B 303 -14.44 -15.65 14.17
C MET B 303 -13.27 -16.05 13.29
N TYR B 304 -13.07 -15.34 12.19
CA TYR B 304 -12.07 -15.73 11.20
C TYR B 304 -10.91 -14.76 11.06
N SER B 305 -10.76 -13.85 12.03
CA SER B 305 -9.68 -12.89 12.01
C SER B 305 -8.32 -13.57 12.12
N ALA B 306 -8.21 -14.49 13.08
CA ALA B 306 -6.95 -15.18 13.34
C ALA B 306 -6.61 -16.17 12.23
N LYS B 307 -7.61 -16.89 11.74
CA LYS B 307 -7.41 -17.87 10.68
C LYS B 307 -6.92 -17.21 9.39
N TYR B 308 -7.54 -16.09 9.05
CA TYR B 308 -7.17 -15.32 7.86
C TYR B 308 -5.73 -14.83 7.97
N ALA B 309 -5.38 -14.30 9.14
CA ALA B 309 -4.05 -13.78 9.38
C ALA B 309 -2.99 -14.87 9.30
N ALA B 310 -3.30 -16.02 9.89
CA ALA B 310 -2.38 -17.15 9.91
C ALA B 310 -2.03 -17.63 8.50
N SER B 311 -3.03 -17.66 7.62
CA SER B 311 -2.83 -18.07 6.24
C SER B 311 -1.94 -17.09 5.49
N GLN B 312 -2.15 -15.80 5.74
CA GLN B 312 -1.41 -14.74 5.07
C GLN B 312 0.09 -14.80 5.34
N ASN B 313 0.46 -15.36 6.50
CA ASN B 313 1.85 -15.39 6.95
C ASN B 313 2.79 -16.04 5.94
N ALA B 314 2.57 -17.32 5.65
CA ALA B 314 3.42 -18.05 4.71
C ALA B 314 3.11 -17.63 3.27
N TYR B 315 1.89 -17.13 3.05
CA TYR B 315 1.48 -16.63 1.74
C TYR B 315 2.36 -15.45 1.32
N LYS B 316 2.50 -14.48 2.21
CA LYS B 316 3.35 -13.32 1.95
C LYS B 316 4.80 -13.71 1.74
N ARG B 317 5.27 -14.68 2.53
CA ARG B 317 6.64 -15.15 2.43
C ARG B 317 6.88 -15.82 1.08
N ALA B 318 5.88 -16.55 0.60
CA ALA B 318 5.96 -17.20 -0.71
C ALA B 318 6.04 -16.16 -1.82
N ILE B 319 5.27 -15.09 -1.69
CA ILE B 319 5.29 -13.98 -2.64
C ILE B 319 6.69 -13.37 -2.71
N GLY B 320 7.26 -13.10 -1.55
CA GLY B 320 8.60 -12.53 -1.48
C GLY B 320 9.65 -13.43 -2.09
N ALA B 321 9.51 -14.73 -1.84
CA ALA B 321 10.46 -15.71 -2.37
C ALA B 321 10.45 -15.74 -3.89
N ASN B 322 9.26 -15.80 -4.48
CA ASN B 322 9.12 -15.83 -5.93
C ASN B 322 9.57 -14.53 -6.57
N TRP B 323 9.47 -13.42 -5.83
CA TRP B 323 9.99 -12.15 -6.30
C TRP B 323 11.50 -12.22 -6.46
N ALA B 324 12.17 -12.81 -5.48
CA ALA B 324 13.62 -12.97 -5.52
C ALA B 324 14.05 -13.85 -6.68
N ILE B 325 13.34 -14.96 -6.87
CA ILE B 325 13.64 -15.90 -7.94
C ILE B 325 13.49 -15.23 -9.30
N LYS B 326 12.50 -14.36 -9.44
CA LYS B 326 12.22 -13.70 -10.71
C LYS B 326 13.15 -12.53 -10.98
N THR B 327 13.46 -11.76 -9.94
CA THR B 327 14.18 -10.51 -10.12
C THR B 327 15.68 -10.58 -9.80
N ARG B 328 16.05 -11.43 -8.85
CA ARG B 328 17.44 -11.50 -8.41
C ARG B 328 18.21 -12.63 -9.09
N GLY B 329 17.50 -13.45 -9.86
CA GLY B 329 18.11 -14.52 -10.62
C GLY B 329 18.82 -15.57 -9.78
N LEU B 330 18.09 -16.14 -8.83
CA LEU B 330 18.66 -17.14 -7.93
C LEU B 330 18.96 -18.44 -8.68
N ARG B 331 18.11 -18.77 -9.65
CA ARG B 331 18.28 -20.01 -10.41
C ARG B 331 19.56 -19.96 -11.24
N GLN B 332 19.81 -18.82 -11.88
CA GLN B 332 20.98 -18.66 -12.73
C GLN B 332 22.27 -18.77 -11.92
N ASN B 333 22.24 -18.27 -10.70
CA ASN B 333 23.41 -18.32 -9.83
C ASN B 333 23.73 -19.74 -9.38
N LYS B 334 22.70 -20.54 -9.13
CA LYS B 334 22.88 -21.93 -8.76
C LYS B 334 23.35 -22.73 -9.97
N GLN B 335 22.83 -22.40 -11.14
CA GLN B 335 23.23 -23.06 -12.38
C GLN B 335 24.70 -22.80 -12.67
N ALA B 336 25.15 -21.58 -12.39
CA ALA B 336 26.55 -21.22 -12.60
C ALA B 336 27.44 -21.88 -11.55
N MET B 337 26.92 -22.01 -10.34
CA MET B 337 27.67 -22.61 -9.24
C MET B 337 27.99 -24.07 -9.51
N GLN B 338 26.99 -24.81 -10.00
CA GLN B 338 27.17 -26.23 -10.27
C GLN B 338 27.95 -26.46 -11.56
N ASP B 339 27.83 -25.54 -12.50
CA ASP B 339 28.57 -25.64 -13.76
C ASP B 339 30.07 -25.45 -13.55
N ARG B 340 30.43 -24.65 -12.55
CA ARG B 340 31.83 -24.45 -12.21
C ARG B 340 32.44 -25.75 -11.67
N LEU B 341 31.68 -26.43 -10.82
CA LEU B 341 32.13 -27.69 -10.24
C LEU B 341 32.28 -28.77 -11.30
N ILE B 342 31.36 -28.77 -12.27
CA ILE B 342 31.39 -29.73 -13.36
C ILE B 342 32.66 -29.54 -14.20
N ALA B 343 32.95 -28.30 -14.56
CA ALA B 343 34.14 -27.99 -15.35
C ALA B 343 35.41 -28.29 -14.55
N TRP B 344 35.36 -28.03 -13.25
CA TRP B 344 36.49 -28.27 -12.38
C TRP B 344 36.74 -29.76 -12.17
N GLY B 345 35.65 -30.51 -12.01
CA GLY B 345 35.74 -31.95 -11.81
C GLY B 345 36.18 -32.67 -13.07
N ALA B 346 35.91 -32.06 -14.22
CA ALA B 346 36.28 -32.64 -15.51
C ALA B 346 37.79 -32.62 -15.72
N LYS B 347 38.42 -31.52 -15.35
CA LYS B 347 39.86 -31.36 -15.55
C LYS B 347 40.68 -32.17 -14.55
N GLN B 348 40.02 -32.69 -13.52
CA GLN B 348 40.71 -33.49 -12.52
C GLN B 348 40.47 -34.98 -12.73
N GLY B 349 39.65 -35.32 -13.70
CA GLY B 349 39.33 -36.71 -13.98
C GLY B 349 38.41 -37.29 -12.91
N THR B 350 37.55 -36.45 -12.35
CA THR B 350 36.62 -36.87 -11.31
C THR B 350 35.18 -36.54 -11.71
N PRO B 351 34.47 -37.54 -12.25
CA PRO B 351 33.09 -37.35 -12.73
C PRO B 351 32.04 -37.46 -11.62
N ARG B 352 32.46 -37.81 -10.41
CA ARG B 352 31.53 -38.05 -9.31
C ARG B 352 30.70 -36.82 -8.95
N TYR B 353 31.24 -35.64 -9.21
CA TYR B 353 30.54 -34.40 -8.89
C TYR B 353 29.46 -34.09 -9.91
N GLU B 354 29.78 -34.29 -11.19
CA GLU B 354 28.82 -34.09 -12.26
C GLU B 354 27.67 -35.10 -12.15
N GLU B 355 28.01 -36.33 -11.79
CA GLU B 355 27.01 -37.38 -11.63
C GLU B 355 26.06 -37.06 -10.47
N ALA B 356 26.60 -36.48 -9.40
CA ALA B 356 25.79 -36.11 -8.25
C ALA B 356 24.75 -35.06 -8.62
N VAL B 357 25.16 -34.09 -9.44
CA VAL B 357 24.24 -33.04 -9.90
C VAL B 357 23.12 -33.61 -10.75
N HIS B 358 23.46 -34.54 -11.64
CA HIS B 358 22.47 -35.17 -12.51
C HIS B 358 21.51 -36.06 -11.72
N GLU B 359 22.02 -36.76 -10.72
CA GLU B 359 21.19 -37.59 -9.85
C GLU B 359 20.13 -36.75 -9.15
N ILE B 360 20.52 -35.57 -8.68
CA ILE B 360 19.59 -34.65 -8.04
C ILE B 360 18.52 -34.18 -9.02
N ASP B 361 18.96 -33.75 -10.20
CA ASP B 361 18.05 -33.30 -11.25
C ASP B 361 17.06 -34.38 -11.65
N ALA B 362 17.55 -35.61 -11.79
CA ALA B 362 16.71 -36.72 -12.19
C ALA B 362 15.66 -37.04 -11.14
N THR B 363 16.06 -36.97 -9.87
CA THR B 363 15.16 -37.27 -8.76
C THR B 363 14.07 -36.20 -8.64
N VAL B 364 14.46 -34.95 -8.83
CA VAL B 364 13.51 -33.84 -8.83
C VAL B 364 12.51 -33.99 -9.96
N ALA B 365 13.00 -34.40 -11.13
CA ALA B 365 12.15 -34.57 -12.30
C ALA B 365 11.12 -35.68 -12.10
N LYS B 366 11.55 -36.81 -11.54
CA LYS B 366 10.67 -37.96 -11.37
C LYS B 366 9.60 -37.76 -10.30
N ARG B 367 9.90 -36.96 -9.30
CA ARG B 367 8.95 -36.74 -8.20
C ARG B 367 8.07 -35.52 -8.46
N ALA B 368 8.26 -34.88 -9.61
CA ALA B 368 7.56 -33.65 -9.95
C ALA B 368 6.04 -33.79 -9.86
N ASP B 369 5.50 -34.83 -10.49
CA ASP B 369 4.05 -35.05 -10.49
C ASP B 369 3.53 -35.38 -9.10
N LEU B 370 4.25 -36.25 -8.39
CA LEU B 370 3.85 -36.65 -7.04
C LEU B 370 3.90 -35.49 -6.06
N ARG B 371 4.95 -34.68 -6.15
CA ARG B 371 5.12 -33.54 -5.26
C ARG B 371 4.06 -32.49 -5.52
N ARG B 372 3.63 -32.37 -6.78
CA ARG B 372 2.59 -31.43 -7.15
C ARG B 372 1.26 -31.84 -6.52
N ARG B 373 0.97 -33.13 -6.53
CA ARG B 373 -0.26 -33.65 -5.95
C ARG B 373 -0.27 -33.47 -4.43
N TYR B 374 0.90 -33.60 -3.82
CA TYR B 374 1.04 -33.46 -2.37
C TYR B 374 0.73 -32.03 -1.93
N TRP B 375 1.36 -31.07 -2.59
CA TRP B 375 1.15 -29.66 -2.26
C TRP B 375 -0.25 -29.20 -2.61
N MET B 376 -0.84 -29.83 -3.63
CA MET B 376 -2.17 -29.47 -4.07
C MET B 376 -3.23 -29.86 -3.04
N ILE B 377 -3.03 -31.02 -2.40
CA ILE B 377 -3.99 -31.51 -1.43
C ILE B 377 -3.73 -30.95 -0.03
N GLU B 378 -2.47 -30.60 0.26
CA GLU B 378 -2.14 -30.04 1.55
C GLU B 378 -2.62 -28.60 1.66
N GLU B 379 -2.34 -27.80 0.64
CA GLU B 379 -2.74 -26.41 0.62
C GLU B 379 -4.23 -26.26 0.30
N GLY B 380 -4.73 -27.11 -0.59
CA GLY B 380 -6.09 -27.01 -1.05
C GLY B 380 -7.15 -27.56 -0.10
N ILE B 381 -6.83 -28.66 0.58
CA ILE B 381 -7.83 -29.36 1.37
C ILE B 381 -7.44 -29.50 2.85
N ILE B 382 -6.27 -30.07 3.11
CA ILE B 382 -5.81 -30.31 4.48
C ILE B 382 -5.73 -29.02 5.27
N ARG B 383 -5.12 -28.00 4.67
CA ARG B 383 -4.98 -26.70 5.30
C ARG B 383 -6.04 -25.73 4.76
N GLY B 384 -6.55 -26.03 3.57
CA GLY B 384 -7.50 -25.15 2.90
C GLY B 384 -8.95 -25.31 3.32
N ILE B 385 -9.36 -26.53 3.65
CA ILE B 385 -10.74 -26.80 4.01
C ILE B 385 -10.86 -27.27 5.46
N GLU B 386 -11.74 -26.62 6.21
CA GLU B 386 -11.85 -26.87 7.66
C GLU B 386 -12.44 -28.24 8.01
N PHE B 387 -13.53 -28.63 7.35
CA PHE B 387 -14.18 -29.89 7.71
C PHE B 387 -13.41 -31.11 7.20
N ALA B 388 -12.25 -30.86 6.59
CA ALA B 388 -11.33 -31.94 6.28
C ALA B 388 -10.76 -32.49 7.57
N ARG B 389 -10.71 -31.65 8.59
CA ARG B 389 -10.24 -32.06 9.91
C ARG B 389 -11.43 -32.28 10.86
N SER B 390 -12.53 -32.74 10.29
CA SER B 390 -13.69 -33.14 11.08
C SER B 390 -13.38 -34.45 11.82
N PRO B 391 -14.09 -34.70 12.93
CA PRO B 391 -13.78 -35.89 13.74
C PRO B 391 -13.93 -37.21 13.00
N ILE B 392 -12.94 -38.08 13.16
CA ILE B 392 -12.97 -39.42 12.59
C ILE B 392 -13.07 -40.47 13.69
N PRO B 393 -14.05 -41.38 13.58
CA PRO B 393 -14.22 -42.46 14.57
C PRO B 393 -13.02 -43.39 14.61
N THR B 394 -12.37 -43.49 15.77
CA THR B 394 -11.22 -44.37 15.92
C THR B 394 -11.66 -45.83 15.97
N GLU B 395 -10.70 -46.73 16.11
CA GLU B 395 -10.99 -48.16 16.12
C GLU B 395 -11.67 -48.61 17.41
N ASP B 396 -11.38 -47.93 18.51
CA ASP B 396 -11.92 -48.30 19.81
C ASP B 396 -13.29 -47.69 20.12
N GLU B 397 -13.75 -46.75 19.27
CA GLU B 397 -15.09 -46.22 19.41
C GLU B 397 -16.03 -46.88 18.39
N THR B 398 -15.47 -47.31 17.26
CA THR B 398 -16.22 -48.11 16.30
C THR B 398 -16.66 -49.39 17.00
N LYS B 399 -15.67 -50.11 17.55
CA LYS B 399 -15.93 -51.25 18.41
C LYS B 399 -16.30 -50.73 19.81
N ALA B 400 -17.60 -50.58 20.04
CA ALA B 400 -18.21 -50.09 21.28
C ALA B 400 -19.64 -49.75 20.93
N LEU B 401 -19.78 -48.79 20.02
CA LEU B 401 -21.07 -48.48 19.42
C LEU B 401 -21.54 -49.72 18.67
N GLN B 402 -20.63 -50.28 17.87
CA GLN B 402 -20.81 -51.61 17.33
C GLN B 402 -20.24 -52.63 18.31
N GLY B 403 -20.82 -53.82 18.32
CA GLY B 403 -20.45 -54.83 19.28
C GLY B 403 -21.58 -55.07 20.27
N ASN B 404 -22.22 -53.96 20.65
CA ASN B 404 -23.44 -53.99 21.47
C ASN B 404 -23.30 -54.70 22.80
N ASP B 405 -22.60 -54.09 23.76
CA ASP B 405 -22.34 -54.78 25.02
C ASP B 405 -21.91 -53.96 26.25
N ALA B 406 -22.25 -52.66 26.30
CA ALA B 406 -21.93 -51.84 27.47
C ALA B 406 -22.55 -50.45 27.44
N SER B 407 -22.27 -49.67 28.48
CA SER B 407 -22.51 -48.24 28.47
C SER B 407 -21.22 -47.56 28.03
N ALA B 408 -20.23 -48.38 27.72
CA ALA B 408 -19.01 -47.92 27.07
C ALA B 408 -19.33 -47.46 25.66
N ARG B 409 -20.51 -47.85 25.18
CA ARG B 409 -21.06 -47.30 23.94
C ARG B 409 -21.24 -45.80 24.07
N LYS B 410 -21.84 -45.39 25.20
CA LYS B 410 -22.09 -43.98 25.46
C LYS B 410 -20.80 -43.27 25.82
N GLU B 411 -19.81 -44.03 26.28
CA GLU B 411 -18.47 -43.50 26.48
C GLU B 411 -17.91 -43.00 25.16
N ALA B 412 -18.07 -43.82 24.13
CA ALA B 412 -17.57 -43.50 22.79
C ALA B 412 -18.26 -42.27 22.22
N ILE B 413 -19.54 -42.11 22.51
CA ILE B 413 -20.32 -41.00 22.00
C ILE B 413 -19.80 -39.66 22.51
N ASP B 414 -19.58 -39.57 23.82
CA ASP B 414 -19.12 -38.32 24.43
C ASP B 414 -17.68 -38.00 24.02
N LYS B 415 -16.92 -39.02 23.65
CA LYS B 415 -15.58 -38.81 23.12
C LYS B 415 -15.66 -38.23 21.72
N ILE B 416 -16.65 -38.68 20.96
CA ILE B 416 -16.91 -38.16 19.62
C ILE B 416 -17.51 -36.77 19.72
N ARG B 417 -18.42 -36.60 20.68
CA ARG B 417 -19.06 -35.31 20.92
C ARG B 417 -18.02 -34.25 21.29
N THR B 418 -17.03 -34.65 22.08
CA THR B 418 -15.97 -33.76 22.51
C THR B 418 -15.17 -33.23 21.33
N ARG B 419 -14.81 -34.12 20.41
CA ARG B 419 -14.02 -33.73 19.24
C ARG B 419 -14.84 -32.91 18.25
N TYR B 420 -16.14 -33.19 18.18
CA TYR B 420 -17.02 -32.42 17.31
C TYR B 420 -17.20 -31.00 17.81
N SER B 421 -17.34 -30.85 19.13
CA SER B 421 -17.46 -29.53 19.74
C SER B 421 -16.20 -28.72 19.52
N LYS B 422 -15.06 -29.38 19.58
CA LYS B 422 -13.77 -28.73 19.33
C LYS B 422 -13.67 -28.31 17.87
N PHE B 423 -14.17 -29.17 16.98
CA PHE B 423 -14.19 -28.86 15.56
C PHE B 423 -15.18 -27.73 15.25
N ALA B 424 -16.43 -27.92 15.65
CA ALA B 424 -17.44 -26.90 15.47
C ALA B 424 -17.51 -25.97 16.69
N ASN B 425 -16.43 -25.23 16.91
CA ASN B 425 -16.35 -24.34 18.05
C ASN B 425 -16.96 -22.97 17.77
N LYS B 426 -16.61 -21.99 18.61
CA LYS B 426 -17.18 -20.65 18.50
C LYS B 426 -16.68 -19.89 17.27
N ASP B 427 -15.51 -20.27 16.78
CA ASP B 427 -14.91 -19.60 15.63
C ASP B 427 -15.22 -20.31 14.31
N TYR B 428 -16.08 -21.32 14.37
CA TYR B 428 -16.39 -22.10 13.18
C TYR B 428 -17.76 -21.76 12.60
N SER B 429 -17.78 -21.52 11.29
CA SER B 429 -19.03 -21.29 10.58
C SER B 429 -19.18 -22.32 9.47
N ALA B 430 -20.28 -23.08 9.51
CA ALA B 430 -20.54 -24.11 8.52
C ALA B 430 -20.76 -23.51 7.14
N GLU B 431 -21.43 -22.37 7.09
CA GLU B 431 -21.74 -21.72 5.82
C GLU B 431 -20.49 -21.14 5.17
N VAL B 432 -19.62 -20.56 5.99
CA VAL B 432 -18.36 -20.02 5.49
C VAL B 432 -17.44 -21.15 5.02
N ASP B 433 -17.35 -22.20 5.82
CA ASP B 433 -16.57 -23.37 5.46
C ASP B 433 -17.12 -24.02 4.19
N LYS B 434 -18.43 -23.93 4.02
CA LYS B 434 -19.10 -24.41 2.81
C LYS B 434 -18.59 -23.68 1.57
N LYS B 435 -18.64 -22.35 1.62
CA LYS B 435 -18.26 -21.51 0.49
C LYS B 435 -16.78 -21.63 0.15
N VAL B 436 -15.94 -21.69 1.19
CA VAL B 436 -14.52 -21.89 1.01
C VAL B 436 -14.26 -23.22 0.29
N ALA B 437 -14.91 -24.28 0.78
CA ALA B 437 -14.77 -25.61 0.21
C ALA B 437 -15.08 -25.65 -1.28
N VAL B 438 -16.21 -25.05 -1.66
CA VAL B 438 -16.64 -25.03 -3.05
C VAL B 438 -15.60 -24.38 -3.96
N ALA B 439 -15.00 -23.29 -3.48
CA ALA B 439 -13.97 -22.59 -4.23
C ALA B 439 -12.69 -23.42 -4.31
N MET B 440 -12.24 -23.94 -3.18
CA MET B 440 -11.01 -24.73 -3.12
C MET B 440 -11.12 -26.01 -3.94
N LEU B 441 -12.24 -26.72 -3.78
CA LEU B 441 -12.45 -27.97 -4.49
C LEU B 441 -12.57 -27.73 -5.99
N THR B 442 -13.17 -26.61 -6.38
CA THR B 442 -13.28 -26.23 -7.78
C THR B 442 -11.91 -26.14 -8.43
N GLU B 443 -10.98 -25.49 -7.72
CA GLU B 443 -9.60 -25.38 -8.20
C GLU B 443 -8.91 -26.73 -8.19
N TYR B 444 -9.07 -27.47 -7.09
CA TYR B 444 -8.43 -28.77 -6.91
C TYR B 444 -8.85 -29.77 -7.99
N LEU B 445 -10.15 -29.84 -8.25
CA LEU B 445 -10.69 -30.78 -9.24
C LEU B 445 -10.25 -30.41 -10.65
N LYS B 446 -9.81 -29.17 -10.83
CA LYS B 446 -9.30 -28.71 -12.12
C LYS B 446 -7.86 -29.14 -12.33
N GLU B 447 -7.09 -29.18 -11.25
CA GLU B 447 -5.67 -29.46 -11.32
C GLU B 447 -5.34 -30.94 -11.08
N ILE B 448 -6.28 -31.67 -10.51
CA ILE B 448 -6.08 -33.09 -10.22
C ILE B 448 -7.06 -33.96 -10.99
N PRO B 449 -6.54 -34.82 -11.88
CA PRO B 449 -7.39 -35.68 -12.71
C PRO B 449 -8.13 -36.74 -11.90
N TYR B 450 -9.21 -37.27 -12.48
CA TYR B 450 -10.07 -38.26 -11.83
C TYR B 450 -9.29 -39.43 -11.22
N GLU B 451 -8.34 -39.95 -11.98
CA GLU B 451 -7.59 -41.13 -11.58
C GLU B 451 -6.66 -40.87 -10.39
N ASN B 452 -6.42 -39.60 -10.09
CA ASN B 452 -5.53 -39.23 -8.99
C ASN B 452 -6.28 -38.58 -7.83
N LEU B 453 -7.60 -38.58 -7.90
CA LEU B 453 -8.42 -37.97 -6.87
C LEU B 453 -8.53 -38.85 -5.63
N PRO B 454 -8.70 -38.21 -4.46
CA PRO B 454 -9.14 -38.95 -3.27
C PRO B 454 -10.47 -39.63 -3.58
N LEU B 455 -10.64 -40.87 -3.16
CA LEU B 455 -11.75 -41.71 -3.61
C LEU B 455 -13.13 -41.09 -3.43
N HIS B 456 -13.29 -40.22 -2.44
CA HIS B 456 -14.60 -39.62 -2.20
C HIS B 456 -14.86 -38.43 -3.14
N LEU B 457 -13.79 -37.73 -3.50
CA LEU B 457 -13.92 -36.54 -4.34
C LEU B 457 -14.38 -36.87 -5.75
N ARG B 458 -14.16 -38.11 -6.18
CA ARG B 458 -14.55 -38.52 -7.52
C ARG B 458 -16.05 -38.79 -7.61
N LEU B 459 -16.78 -38.44 -6.55
CA LEU B 459 -18.23 -38.54 -6.54
C LEU B 459 -18.87 -37.31 -7.16
N VAL B 460 -18.10 -36.23 -7.29
CA VAL B 460 -18.62 -35.00 -7.89
C VAL B 460 -18.93 -35.21 -9.36
N LYS B 461 -18.28 -36.21 -9.96
CA LYS B 461 -18.52 -36.55 -11.36
C LYS B 461 -19.48 -37.73 -11.48
N ASP B 462 -19.30 -38.71 -10.60
CA ASP B 462 -20.05 -39.96 -10.67
C ASP B 462 -21.49 -39.81 -10.20
N ARG B 463 -21.67 -39.30 -8.98
CA ARG B 463 -23.00 -39.19 -8.40
C ARG B 463 -23.64 -37.83 -8.67
N PHE B 464 -22.82 -36.80 -8.81
CA PHE B 464 -23.31 -35.46 -9.09
C PHE B 464 -22.97 -35.06 -10.53
N ALA B 465 -23.70 -34.09 -11.07
CA ALA B 465 -23.50 -33.66 -12.44
C ALA B 465 -22.37 -32.65 -12.56
N GLY B 466 -21.24 -32.95 -11.93
CA GLY B 466 -20.10 -32.04 -11.93
C GLY B 466 -20.34 -30.86 -11.00
N ASP B 467 -21.46 -30.89 -10.29
CA ASP B 467 -21.83 -29.79 -9.41
C ASP B 467 -21.13 -29.91 -8.06
N VAL B 468 -20.08 -29.12 -7.88
CA VAL B 468 -19.32 -29.12 -6.63
C VAL B 468 -20.17 -28.60 -5.48
N GLN B 469 -20.99 -27.60 -5.77
CA GLN B 469 -21.87 -27.00 -4.76
C GLN B 469 -22.85 -28.03 -4.20
N ALA B 470 -23.46 -28.82 -5.10
CA ALA B 470 -24.40 -29.85 -4.69
C ALA B 470 -23.71 -30.94 -3.88
N TYR B 471 -22.47 -31.24 -4.26
CA TYR B 471 -21.66 -32.24 -3.55
C TYR B 471 -21.35 -31.77 -2.13
N VAL B 472 -20.97 -30.50 -1.99
CA VAL B 472 -20.69 -29.93 -0.68
C VAL B 472 -21.97 -29.79 0.13
N ASP B 473 -23.06 -29.39 -0.53
CA ASP B 473 -24.36 -29.29 0.11
C ASP B 473 -24.82 -30.64 0.64
N ASP B 474 -24.62 -31.68 -0.16
CA ASP B 474 -25.00 -33.03 0.23
C ASP B 474 -24.16 -33.52 1.41
N ILE B 475 -22.94 -33.02 1.50
CA ILE B 475 -22.05 -33.41 2.59
C ILE B 475 -22.51 -32.83 3.93
N PHE B 476 -22.81 -31.55 3.97
CA PHE B 476 -23.22 -30.91 5.23
C PHE B 476 -24.64 -31.29 5.62
N ALA B 477 -25.50 -31.50 4.63
CA ALA B 477 -26.77 -32.17 4.88
C ALA B 477 -26.44 -33.65 5.07
N ARG B 478 -27.39 -34.42 5.57
CA ARG B 478 -27.21 -35.87 5.75
C ARG B 478 -26.11 -36.28 6.73
N SER B 479 -25.21 -35.36 7.07
CA SER B 479 -24.07 -35.69 7.92
C SER B 479 -24.37 -35.53 9.40
N VAL B 480 -23.80 -36.42 10.20
CA VAL B 480 -23.89 -36.35 11.65
C VAL B 480 -23.24 -35.08 12.17
N PHE B 481 -22.20 -34.62 11.49
CA PHE B 481 -21.45 -33.46 11.94
C PHE B 481 -21.81 -32.19 11.15
N GLY B 482 -22.92 -32.24 10.43
CA GLY B 482 -23.36 -31.11 9.65
C GLY B 482 -23.87 -29.96 10.49
N SER B 483 -24.49 -30.31 11.62
CA SER B 483 -24.99 -29.32 12.56
C SER B 483 -25.18 -29.96 13.94
N GLU B 484 -25.43 -29.15 14.95
CA GLU B 484 -25.61 -29.65 16.31
C GLU B 484 -26.85 -30.53 16.41
N ALA B 485 -27.93 -30.12 15.75
CA ALA B 485 -29.18 -30.86 15.77
C ALA B 485 -29.03 -32.21 15.09
N GLN B 486 -28.22 -32.27 14.04
CA GLN B 486 -28.01 -33.50 13.29
C GLN B 486 -27.07 -34.45 14.03
N PHE B 487 -26.32 -33.92 14.99
CA PHE B 487 -25.45 -34.75 15.80
C PHE B 487 -26.21 -35.40 16.95
N ASP B 488 -27.04 -34.61 17.61
CA ASP B 488 -27.83 -35.10 18.74
C ASP B 488 -28.78 -36.21 18.29
N ALA B 489 -29.27 -36.10 17.05
CA ALA B 489 -30.12 -37.13 16.47
C ALA B 489 -29.36 -38.44 16.35
N PHE B 490 -28.09 -38.35 15.96
CA PHE B 490 -27.22 -39.52 15.91
C PHE B 490 -26.84 -39.98 17.31
N ALA B 491 -26.59 -39.02 18.18
CA ALA B 491 -26.17 -39.30 19.55
C ALA B 491 -27.26 -40.05 20.33
N ALA B 492 -28.52 -39.82 19.95
CA ALA B 492 -29.64 -40.48 20.59
C ALA B 492 -29.81 -41.90 20.07
N VAL B 493 -29.66 -42.07 18.75
CA VAL B 493 -29.77 -43.39 18.12
C VAL B 493 -28.48 -43.74 17.37
N PRO B 494 -27.41 -44.06 18.10
CA PRO B 494 -26.11 -44.33 17.47
C PRO B 494 -26.07 -45.66 16.73
N SER B 495 -25.78 -45.62 15.43
CA SER B 495 -25.59 -46.83 14.65
C SER B 495 -24.34 -46.69 13.79
N VAL B 496 -23.44 -47.67 13.90
CA VAL B 496 -22.15 -47.61 13.23
C VAL B 496 -22.29 -47.61 11.70
N GLU B 497 -23.24 -48.39 11.19
CA GLU B 497 -23.47 -48.46 9.75
C GLU B 497 -23.87 -47.10 9.16
N LYS B 498 -24.36 -46.21 10.02
CA LYS B 498 -24.65 -44.84 9.61
C LYS B 498 -23.41 -43.97 9.70
N LEU B 499 -22.66 -44.15 10.78
CA LEU B 499 -21.44 -43.37 11.02
C LEU B 499 -20.36 -43.73 10.01
N ALA B 500 -20.36 -44.98 9.57
CA ALA B 500 -19.36 -45.47 8.62
C ALA B 500 -19.69 -45.02 7.19
N GLU B 501 -20.92 -44.56 6.98
CA GLU B 501 -21.34 -44.12 5.67
C GLU B 501 -21.57 -42.61 5.61
N ASP B 502 -21.14 -41.93 6.67
CA ASP B 502 -21.25 -40.48 6.73
C ASP B 502 -20.39 -39.82 5.66
N PRO B 503 -21.01 -38.97 4.82
CA PRO B 503 -20.33 -38.31 3.70
C PRO B 503 -19.21 -37.38 4.15
N MET B 504 -19.27 -36.92 5.40
CA MET B 504 -18.25 -36.03 5.94
C MET B 504 -17.08 -36.82 6.50
N VAL B 505 -17.38 -37.99 7.06
CA VAL B 505 -16.35 -38.89 7.57
C VAL B 505 -15.59 -39.52 6.41
N LEU B 506 -16.33 -39.94 5.38
CA LEU B 506 -15.73 -40.52 4.19
C LEU B 506 -14.83 -39.52 3.50
N PHE B 507 -15.27 -38.26 3.45
CA PHE B 507 -14.49 -37.18 2.87
C PHE B 507 -13.18 -36.99 3.62
N ALA B 508 -13.29 -36.76 4.93
CA ALA B 508 -12.13 -36.46 5.77
C ALA B 508 -11.13 -37.60 5.79
N SER B 509 -11.62 -38.84 5.80
CA SER B 509 -10.74 -39.99 5.85
C SER B 509 -10.03 -40.23 4.52
N SER B 510 -10.74 -39.99 3.42
CA SER B 510 -10.18 -40.28 2.09
C SER B 510 -9.22 -39.20 1.60
N VAL B 511 -9.36 -37.98 2.12
CA VAL B 511 -8.42 -36.93 1.75
C VAL B 511 -7.13 -37.05 2.56
N PHE B 512 -7.24 -37.66 3.75
CA PHE B 512 -6.08 -37.79 4.63
C PHE B 512 -5.25 -39.04 4.30
N ASP B 513 -5.91 -40.13 3.90
CA ASP B 513 -5.14 -41.32 3.54
C ASP B 513 -4.46 -41.11 2.19
N GLU B 514 -5.04 -40.25 1.36
CA GLU B 514 -4.37 -39.83 0.13
C GLU B 514 -3.21 -38.91 0.47
N TYR B 515 -3.43 -38.05 1.47
CA TYR B 515 -2.41 -37.16 1.99
C TYR B 515 -1.20 -37.95 2.49
N ARG B 516 -1.47 -39.01 3.23
CA ARG B 516 -0.41 -39.85 3.79
C ARG B 516 0.20 -40.76 2.72
N LYS B 517 -0.62 -41.23 1.79
CA LYS B 517 -0.15 -42.08 0.71
C LYS B 517 0.89 -41.37 -0.14
N LEU B 518 0.65 -40.09 -0.42
CA LEU B 518 1.59 -39.30 -1.20
C LEU B 518 2.88 -39.04 -0.40
N TYR B 519 2.73 -38.81 0.90
CA TYR B 519 3.86 -38.59 1.78
C TYR B 519 4.78 -39.81 1.79
N ASN B 520 4.19 -40.98 2.00
CA ASN B 520 4.96 -42.23 2.04
C ASN B 520 5.59 -42.57 0.70
N GLU B 521 5.00 -42.06 -0.38
CA GLU B 521 5.50 -42.33 -1.72
C GLU B 521 6.58 -41.33 -2.12
N LEU B 522 6.60 -40.17 -1.47
CA LEU B 522 7.55 -39.12 -1.80
C LEU B 522 8.85 -39.21 -0.99
N ARG B 523 8.76 -39.73 0.23
CA ARG B 523 9.93 -39.77 1.12
C ARG B 523 11.09 -40.64 0.63
N PRO B 524 10.82 -41.76 -0.08
CA PRO B 524 11.97 -42.48 -0.64
C PRO B 524 12.81 -41.67 -1.64
N TYR B 525 12.28 -40.53 -2.10
CA TYR B 525 13.02 -39.69 -3.04
C TYR B 525 14.01 -38.76 -2.32
N ASP B 526 13.87 -38.64 -1.00
CA ASP B 526 14.73 -37.76 -0.22
C ASP B 526 16.17 -38.28 -0.13
N ASP B 527 16.32 -39.58 0.10
CA ASP B 527 17.63 -40.19 0.31
C ASP B 527 18.60 -40.07 -0.88
N PRO B 528 18.14 -40.31 -2.12
CA PRO B 528 19.10 -40.13 -3.22
C PRO B 528 19.62 -38.70 -3.35
N ILE B 529 18.74 -37.72 -3.14
CA ILE B 529 19.12 -36.32 -3.20
C ILE B 529 20.11 -35.97 -2.09
N LEU B 530 19.86 -36.51 -0.90
CA LEU B 530 20.73 -36.28 0.25
C LEU B 530 22.13 -36.83 0.03
N ARG B 531 22.22 -38.08 -0.40
CA ARG B 531 23.52 -38.71 -0.65
C ARG B 531 24.28 -38.00 -1.75
N ALA B 532 23.57 -37.57 -2.79
CA ALA B 532 24.19 -36.83 -3.88
C ALA B 532 24.62 -35.44 -3.42
N GLN B 533 23.89 -34.90 -2.44
CA GLN B 533 24.19 -33.59 -1.90
C GLN B 533 25.49 -33.62 -1.09
N ARG B 534 25.77 -34.77 -0.48
CA ARG B 534 26.99 -34.94 0.29
C ARG B 534 28.22 -34.86 -0.61
N THR B 535 28.13 -35.46 -1.78
CA THR B 535 29.22 -35.43 -2.75
C THR B 535 29.32 -34.04 -3.37
N TYR B 536 28.17 -33.42 -3.62
CA TYR B 536 28.11 -32.09 -4.22
C TYR B 536 28.79 -31.04 -3.35
N ILE B 537 28.38 -30.99 -2.08
CA ILE B 537 28.92 -30.01 -1.15
C ILE B 537 30.40 -30.26 -0.87
N ALA B 538 30.78 -31.54 -0.77
CA ALA B 538 32.18 -31.91 -0.58
C ALA B 538 33.02 -31.44 -1.76
N GLY B 539 32.43 -31.47 -2.95
CA GLY B 539 33.10 -31.00 -4.15
C GLY B 539 33.27 -29.50 -4.14
N LEU B 540 32.23 -28.79 -3.70
CA LEU B 540 32.27 -27.34 -3.62
C LEU B 540 33.27 -26.86 -2.58
N LEU B 541 33.39 -27.60 -1.49
CA LEU B 541 34.33 -27.25 -0.42
C LEU B 541 35.77 -27.45 -0.86
N GLU B 542 36.04 -28.56 -1.52
CA GLU B 542 37.39 -28.88 -1.98
C GLU B 542 37.84 -27.94 -3.09
N MET B 543 36.88 -27.48 -3.90
CA MET B 543 37.20 -26.64 -5.04
C MET B 543 37.54 -25.21 -4.64
N ASP B 544 36.72 -24.60 -3.79
CA ASP B 544 36.86 -23.19 -3.47
C ASP B 544 37.44 -22.93 -2.08
N GLY B 545 37.01 -23.68 -1.07
CA GLY B 545 37.62 -23.56 0.24
C GLY B 545 36.68 -23.52 1.43
N ASP B 546 37.25 -23.20 2.60
CA ASP B 546 36.53 -23.29 3.86
C ASP B 546 36.11 -21.92 4.41
N GLN B 547 36.26 -20.88 3.61
CA GLN B 547 36.16 -19.52 4.14
C GLN B 547 34.95 -18.72 3.63
N ASP B 548 34.61 -18.88 2.35
CA ASP B 548 33.52 -18.09 1.76
C ASP B 548 32.28 -18.94 1.48
N GLN B 549 32.16 -20.06 2.18
CA GLN B 549 30.97 -20.90 2.11
C GLN B 549 30.60 -21.42 3.49
N PHE B 550 29.41 -21.06 3.96
CA PHE B 550 28.96 -21.50 5.28
C PHE B 550 28.03 -22.69 5.16
N PRO B 551 28.01 -23.57 6.18
CA PRO B 551 27.10 -24.71 6.14
C PRO B 551 25.67 -24.27 6.39
N ASP B 552 24.70 -24.95 5.79
CA ASP B 552 23.29 -24.62 5.96
C ASP B 552 22.91 -24.61 7.44
N ALA B 553 21.98 -23.73 7.79
CA ALA B 553 21.51 -23.62 9.16
C ALA B 553 20.80 -24.89 9.59
N ASN B 554 21.00 -25.29 10.85
CA ASN B 554 20.38 -26.50 11.37
C ASN B 554 20.08 -26.37 12.86
N LEU B 555 19.56 -25.21 13.24
CA LEU B 555 19.22 -24.89 14.63
C LEU B 555 20.44 -25.06 15.56
N THR B 556 21.60 -24.62 15.08
CA THR B 556 22.80 -24.58 15.90
C THR B 556 23.30 -23.14 16.00
N LEU B 557 24.12 -22.88 17.01
CA LEU B 557 24.61 -21.53 17.26
C LEU B 557 25.51 -21.02 16.14
N ARG B 558 25.13 -19.89 15.55
CA ARG B 558 25.92 -19.27 14.49
C ARG B 558 26.16 -17.80 14.81
N PHE B 559 27.13 -17.19 14.14
CA PHE B 559 27.29 -15.75 14.22
C PHE B 559 27.33 -15.14 12.82
N THR B 560 26.78 -13.94 12.71
CA THR B 560 26.80 -13.19 11.46
C THR B 560 27.12 -11.74 11.76
N TYR B 561 27.77 -11.06 10.82
CA TYR B 561 28.16 -9.67 11.04
C TYR B 561 27.91 -8.83 9.80
N GLY B 562 27.68 -7.54 10.02
CA GLY B 562 27.43 -6.61 8.93
C GLY B 562 27.46 -5.17 9.40
N GLN B 563 26.56 -4.36 8.84
CA GLN B 563 26.51 -2.94 9.16
C GLN B 563 25.09 -2.43 9.25
N VAL B 564 24.86 -1.47 10.14
CA VAL B 564 23.57 -0.80 10.24
C VAL B 564 23.37 0.09 9.02
N LYS B 565 22.51 -0.34 8.10
CA LYS B 565 22.31 0.38 6.85
C LYS B 565 20.97 0.03 6.21
N GLY B 566 20.36 1.02 5.57
CA GLY B 566 19.10 0.82 4.87
C GLY B 566 19.32 0.31 3.46
N TYR B 567 18.32 0.46 2.61
CA TYR B 567 18.40 -0.03 1.23
C TYR B 567 17.36 0.64 0.33
N SER B 568 17.53 0.49 -0.98
CA SER B 568 16.58 0.99 -1.95
C SER B 568 15.71 -0.15 -2.47
N PRO B 569 14.44 -0.18 -2.06
CA PRO B 569 13.50 -1.25 -2.46
C PRO B 569 13.12 -1.17 -3.93
N ARG B 570 13.06 0.05 -4.46
CA ARG B 570 12.67 0.27 -5.85
C ARG B 570 13.20 1.60 -6.36
N ASP B 571 12.96 1.88 -7.64
CA ASP B 571 13.46 3.08 -8.29
C ASP B 571 13.00 4.35 -7.58
N ASN B 572 13.95 5.23 -7.29
CA ASN B 572 13.71 6.53 -6.68
C ASN B 572 13.10 6.45 -5.27
N VAL B 573 13.30 5.31 -4.61
CA VAL B 573 12.82 5.13 -3.24
C VAL B 573 13.93 4.56 -2.37
N TYR B 574 14.13 5.17 -1.19
CA TYR B 574 15.13 4.67 -0.26
C TYR B 574 14.60 4.58 1.17
N TYR B 575 14.83 3.44 1.81
CA TYR B 575 14.50 3.25 3.21
C TYR B 575 15.74 3.46 4.07
N GLY B 576 15.67 4.39 5.01
CA GLY B 576 16.79 4.67 5.88
C GLY B 576 17.08 3.54 6.86
N HIS B 577 18.13 3.70 7.64
CA HIS B 577 18.61 2.63 8.52
C HIS B 577 17.85 2.56 9.84
N GLN B 578 17.24 3.67 10.25
CA GLN B 578 16.62 3.75 11.57
C GLN B 578 15.23 4.36 11.55
N THR B 579 14.30 3.71 12.26
CA THR B 579 12.95 4.24 12.39
C THR B 579 12.80 4.93 13.75
N THR B 580 11.80 5.80 13.87
CA THR B 580 11.60 6.57 15.10
C THR B 580 10.17 6.48 15.63
N LEU B 581 9.94 7.06 16.80
CA LEU B 581 8.64 7.02 17.44
C LEU B 581 7.61 7.85 16.67
N ASP B 582 8.09 8.77 15.84
CA ASP B 582 7.23 9.57 14.97
C ASP B 582 6.42 8.68 14.04
N GLY B 583 7.07 7.63 13.53
CA GLY B 583 6.43 6.70 12.62
C GLY B 583 5.27 5.95 13.27
N VAL B 584 5.39 5.68 14.56
CA VAL B 584 4.32 5.04 15.31
C VAL B 584 3.08 5.92 15.31
N MET B 585 3.28 7.21 15.55
CA MET B 585 2.18 8.17 15.59
C MET B 585 1.60 8.43 14.21
N GLU B 586 2.45 8.35 13.19
CA GLU B 586 1.99 8.52 11.81
C GLU B 586 1.10 7.36 11.38
N LYS B 587 1.32 6.19 11.96
CA LYS B 587 0.58 4.99 11.59
C LYS B 587 -0.62 4.74 12.48
N GLU B 588 -0.81 5.58 13.48
CA GLU B 588 -1.89 5.39 14.47
C GLU B 588 -3.27 5.35 13.83
N ASP B 589 -4.06 4.35 14.21
CA ASP B 589 -5.44 4.22 13.76
C ASP B 589 -6.24 3.47 14.82
N PRO B 590 -6.96 4.23 15.67
CA PRO B 590 -7.71 3.68 16.81
C PRO B 590 -8.78 2.68 16.41
N ASP B 591 -9.22 2.71 15.16
CA ASP B 591 -10.25 1.79 14.68
C ASP B 591 -9.65 0.47 14.20
N ASN B 592 -8.33 0.45 14.04
CA ASN B 592 -7.62 -0.77 13.65
C ASN B 592 -6.77 -1.27 14.81
N TRP B 593 -7.09 -2.49 15.29
CA TRP B 593 -6.43 -3.05 16.46
C TRP B 593 -4.92 -3.20 16.28
N GLU B 594 -4.49 -3.33 15.03
CA GLU B 594 -3.06 -3.48 14.72
C GLU B 594 -2.29 -2.20 15.05
N PHE B 595 -2.84 -1.06 14.67
CA PHE B 595 -2.15 0.21 14.82
C PHE B 595 -2.71 1.07 15.94
N VAL B 596 -3.03 0.43 17.06
CA VAL B 596 -3.47 1.15 18.25
C VAL B 596 -2.25 1.57 19.08
N VAL B 597 -2.13 2.86 19.34
CA VAL B 597 -1.02 3.39 20.12
C VAL B 597 -1.39 3.44 21.60
N ASP B 598 -0.53 2.86 22.44
CA ASP B 598 -0.74 2.82 23.88
C ASP B 598 -0.82 4.23 24.47
N PRO B 599 -1.80 4.45 25.38
CA PRO B 599 -2.04 5.74 26.03
C PRO B 599 -0.81 6.32 26.73
N LYS B 600 -0.12 5.50 27.52
CA LYS B 600 1.07 5.94 28.22
C LYS B 600 2.19 6.27 27.24
N LEU B 601 2.32 5.43 26.20
CA LEU B 601 3.34 5.64 25.17
C LEU B 601 3.07 6.93 24.42
N LYS B 602 1.79 7.19 24.12
CA LYS B 602 1.38 8.40 23.44
C LYS B 602 1.70 9.63 24.29
N ALA B 603 1.48 9.51 25.60
CA ALA B 603 1.76 10.60 26.53
C ALA B 603 3.26 10.87 26.62
N VAL B 604 4.05 9.79 26.59
CA VAL B 604 5.50 9.89 26.62
C VAL B 604 6.02 10.66 25.41
N TYR B 605 5.43 10.39 24.25
CA TYR B 605 5.84 11.05 23.01
C TYR B 605 5.47 12.52 23.00
N GLU B 606 4.27 12.84 23.48
CA GLU B 606 3.80 14.22 23.49
C GLU B 606 4.61 15.09 24.43
N ARG B 607 5.00 14.54 25.57
CA ARG B 607 5.76 15.27 26.57
C ARG B 607 7.26 15.27 26.27
N LYS B 608 7.65 14.53 25.23
CA LYS B 608 9.06 14.34 24.90
C LYS B 608 9.82 13.77 26.09
N ASP B 609 9.16 12.91 26.85
CA ASP B 609 9.75 12.30 28.04
C ASP B 609 10.55 11.07 27.66
N PHE B 610 11.77 11.28 27.15
CA PHE B 610 12.58 10.19 26.63
C PHE B 610 13.75 9.84 27.56
N GLY B 611 14.06 10.74 28.47
CA GLY B 611 15.16 10.53 29.41
C GLY B 611 16.50 10.41 28.70
N ARG B 612 17.27 9.41 29.07
CA ARG B 612 18.58 9.16 28.46
C ARG B 612 18.45 8.24 27.26
N TYR B 613 17.23 7.81 26.97
CA TYR B 613 16.99 6.81 25.93
C TYR B 613 16.89 7.42 24.53
N ALA B 614 16.78 8.74 24.47
CA ALA B 614 16.72 9.44 23.19
C ALA B 614 18.10 9.51 22.55
N ASP B 615 18.15 9.82 21.25
CA ASP B 615 19.42 9.96 20.55
C ASP B 615 19.86 11.41 20.48
N ARG B 616 21.06 11.64 19.96
CA ARG B 616 21.58 13.01 19.85
C ARG B 616 20.89 13.75 18.71
N SER B 617 19.69 14.24 19.00
CA SER B 617 18.85 15.00 18.08
C SER B 617 17.53 15.29 18.79
N GLY B 618 17.16 14.39 19.69
CA GLY B 618 15.94 14.54 20.48
C GLY B 618 14.79 13.71 19.96
N ARG B 619 15.09 12.77 19.07
CA ARG B 619 14.06 11.88 18.53
C ARG B 619 14.21 10.49 19.13
N MET B 620 13.09 9.87 19.46
CA MET B 620 13.11 8.56 20.11
C MET B 620 13.18 7.42 19.09
N PRO B 621 14.28 6.66 19.13
CA PRO B 621 14.48 5.51 18.24
C PRO B 621 13.55 4.36 18.62
N VAL B 622 13.17 3.56 17.63
CA VAL B 622 12.31 2.40 17.86
C VAL B 622 12.98 1.13 17.35
N ALA B 623 13.41 1.17 16.10
CA ALA B 623 14.03 0.01 15.46
C ALA B 623 15.01 0.43 14.38
N PHE B 624 15.97 -0.45 14.09
CA PHE B 624 16.89 -0.24 12.99
C PHE B 624 17.11 -1.54 12.22
N CYS B 625 17.77 -1.45 11.08
CA CYS B 625 18.04 -2.63 10.26
C CYS B 625 19.52 -2.75 9.93
N ALA B 626 19.98 -3.99 9.74
CA ALA B 626 21.39 -4.25 9.46
C ALA B 626 21.56 -5.26 8.34
N THR B 627 22.77 -5.33 7.79
CA THR B 627 23.05 -6.21 6.66
C THR B 627 23.43 -7.61 7.08
N THR B 628 23.16 -7.95 8.34
CA THR B 628 23.46 -9.29 8.86
C THR B 628 22.62 -10.35 8.16
N HIS B 629 23.09 -11.58 8.19
CA HIS B 629 22.42 -12.68 7.50
C HIS B 629 21.68 -13.57 8.49
N THR B 630 20.36 -13.39 8.58
CA THR B 630 19.54 -14.16 9.51
C THR B 630 18.39 -14.86 8.82
N THR B 631 17.76 -15.78 9.53
CA THR B 631 16.56 -16.45 9.04
C THR B 631 15.72 -16.89 10.22
N GLY B 632 14.64 -17.62 9.96
CA GLY B 632 13.76 -18.13 11.00
C GLY B 632 14.53 -18.90 12.05
N GLY B 633 14.36 -18.51 13.30
CA GLY B 633 15.12 -19.08 14.40
C GLY B 633 16.00 -18.03 15.06
N ASN B 634 16.33 -17.00 14.29
CA ASN B 634 17.14 -15.89 14.80
C ASN B 634 16.31 -14.88 15.59
N ALA B 635 15.02 -15.17 15.74
CA ALA B 635 14.13 -14.28 16.48
C ALA B 635 14.60 -14.14 17.94
N GLY B 636 14.73 -12.90 18.38
CA GLY B 636 15.14 -12.61 19.75
C GLY B 636 16.64 -12.64 19.96
N SER B 637 17.40 -12.71 18.87
CA SER B 637 18.85 -12.78 18.95
C SER B 637 19.45 -11.45 19.41
N PRO B 638 20.52 -11.52 20.23
CA PRO B 638 21.22 -10.31 20.66
C PRO B 638 21.96 -9.65 19.51
N VAL B 639 21.83 -8.32 19.42
CA VAL B 639 22.58 -7.56 18.43
C VAL B 639 23.66 -6.75 19.14
N MET B 640 24.90 -6.90 18.70
CA MET B 640 26.04 -6.33 19.39
C MET B 640 26.73 -5.24 18.58
N ASN B 641 27.22 -4.21 19.27
CA ASN B 641 28.02 -3.18 18.60
C ASN B 641 29.48 -3.62 18.50
N ALA B 642 30.37 -2.65 18.32
CA ALA B 642 31.78 -2.94 18.14
C ALA B 642 32.44 -3.50 19.39
N ASN B 643 31.85 -3.24 20.55
CA ASN B 643 32.42 -3.67 21.82
C ASN B 643 31.74 -4.90 22.40
N GLY B 644 30.76 -5.45 21.69
CA GLY B 644 30.04 -6.62 22.15
C GLY B 644 28.93 -6.24 23.12
N GLU B 645 28.55 -4.97 23.10
CA GLU B 645 27.48 -4.47 23.95
C GLU B 645 26.14 -4.58 23.24
N LEU B 646 25.08 -4.86 23.99
CA LEU B 646 23.76 -5.07 23.41
C LEU B 646 23.16 -3.76 22.91
N ILE B 647 22.84 -3.72 21.61
CA ILE B 647 22.25 -2.53 21.02
C ILE B 647 20.86 -2.81 20.48
N GLY B 648 20.36 -4.03 20.70
CA GLY B 648 19.02 -4.38 20.28
C GLY B 648 18.74 -5.87 20.11
N LEU B 649 17.51 -6.18 19.71
CA LEU B 649 17.10 -7.55 19.46
C LEU B 649 16.57 -7.71 18.04
N ASN B 650 17.09 -8.69 17.32
CA ASN B 650 16.54 -9.05 16.03
C ASN B 650 15.18 -9.71 16.22
N PHE B 651 14.20 -9.36 15.37
CA PHE B 651 12.89 -9.98 15.51
C PHE B 651 12.21 -10.27 14.17
N ASP B 652 12.82 -9.82 13.07
CA ASP B 652 12.23 -10.07 11.76
C ASP B 652 13.22 -9.91 10.61
N ARG B 653 12.67 -9.96 9.39
CA ARG B 653 13.44 -9.89 8.16
C ARG B 653 12.54 -9.36 7.06
N ASN B 654 13.03 -8.42 6.26
CA ASN B 654 12.21 -7.82 5.21
C ASN B 654 11.89 -8.83 4.12
N TRP B 655 10.73 -8.69 3.51
CA TRP B 655 10.23 -9.67 2.52
C TRP B 655 11.14 -9.76 1.29
N GLU B 656 11.87 -8.68 1.00
CA GLU B 656 12.81 -8.69 -0.11
C GLU B 656 13.99 -9.61 0.17
N GLY B 657 14.16 -10.00 1.43
CA GLY B 657 15.25 -10.87 1.82
C GLY B 657 14.81 -12.28 2.18
N VAL B 658 13.57 -12.61 1.83
CA VAL B 658 13.03 -13.94 2.10
C VAL B 658 13.84 -15.02 1.38
N GLY B 659 14.24 -14.72 0.14
CA GLY B 659 15.03 -15.65 -0.64
C GLY B 659 16.48 -15.75 -0.18
N GLY B 660 16.76 -15.18 0.98
CA GLY B 660 18.10 -15.23 1.55
C GLY B 660 18.49 -16.61 2.02
N ASP B 661 17.50 -17.47 2.23
CA ASP B 661 17.75 -18.86 2.63
C ASP B 661 18.39 -19.63 1.49
N ILE B 662 18.23 -19.12 0.27
CA ILE B 662 18.82 -19.74 -0.91
C ILE B 662 20.04 -18.93 -1.36
N GLN B 663 19.90 -17.61 -1.35
CA GLN B 663 20.99 -16.72 -1.72
C GLN B 663 20.87 -15.37 -1.02
N TYR B 664 21.93 -14.97 -0.31
CA TYR B 664 21.97 -13.68 0.36
C TYR B 664 21.95 -12.54 -0.65
N LEU B 665 21.09 -11.56 -0.41
CA LEU B 665 20.95 -10.42 -1.30
C LEU B 665 21.43 -9.13 -0.63
N ALA B 666 22.65 -8.73 -0.94
CA ALA B 666 23.31 -7.62 -0.26
C ALA B 666 22.56 -6.28 -0.41
N ASP B 667 21.89 -6.10 -1.53
CA ASP B 667 21.24 -4.82 -1.83
C ASP B 667 19.80 -4.77 -1.31
N TYR B 668 19.32 -5.84 -0.70
CA TYR B 668 17.93 -5.90 -0.27
C TYR B 668 17.73 -6.52 1.11
N GLN B 669 18.41 -7.64 1.35
CA GLN B 669 18.20 -8.38 2.60
C GLN B 669 18.69 -7.60 3.82
N ARG B 670 17.80 -7.43 4.78
CA ARG B 670 18.12 -6.72 6.03
C ARG B 670 17.49 -7.42 7.22
N SER B 671 18.22 -7.47 8.34
CA SER B 671 17.66 -7.95 9.59
C SER B 671 16.93 -6.81 10.30
N ILE B 672 15.69 -7.06 10.69
CA ILE B 672 14.90 -6.02 11.34
C ILE B 672 15.04 -6.13 12.87
N ILE B 673 15.55 -5.06 13.47
CA ILE B 673 15.99 -5.10 14.86
C ILE B 673 15.37 -3.99 15.72
N VAL B 674 14.75 -4.37 16.83
CA VAL B 674 14.22 -3.39 17.77
C VAL B 674 15.37 -2.76 18.57
N ASP B 675 15.36 -1.44 18.66
CA ASP B 675 16.43 -0.72 19.37
C ASP B 675 16.35 -0.98 20.87
N ILE B 676 17.50 -1.27 21.47
CA ILE B 676 17.54 -1.57 22.91
C ILE B 676 17.20 -0.32 23.73
N ARG B 677 17.38 0.85 23.12
CA ARG B 677 17.01 2.10 23.77
C ARG B 677 15.50 2.19 23.89
N TYR B 678 14.80 1.69 22.88
CA TYR B 678 13.34 1.68 22.87
C TYR B 678 12.80 0.66 23.86
N VAL B 679 13.53 -0.44 24.03
CA VAL B 679 13.15 -1.47 24.97
C VAL B 679 13.18 -0.93 26.40
N LEU B 680 14.27 -0.26 26.75
CA LEU B 680 14.42 0.33 28.08
C LEU B 680 13.41 1.44 28.33
N LEU B 681 13.02 2.13 27.26
CA LEU B 681 12.01 3.19 27.37
C LEU B 681 10.66 2.62 27.78
N VAL B 682 10.28 1.52 27.14
CA VAL B 682 9.01 0.85 27.44
C VAL B 682 9.02 0.29 28.86
N ILE B 683 10.15 -0.28 29.26
CA ILE B 683 10.29 -0.80 30.62
C ILE B 683 10.16 0.33 31.64
N ASP B 684 10.79 1.46 31.34
CA ASP B 684 10.83 2.60 32.26
C ASP B 684 9.54 3.39 32.26
N LYS B 685 9.26 4.09 31.16
CA LYS B 685 8.19 5.08 31.11
C LYS B 685 6.82 4.49 30.77
N VAL B 686 6.75 3.18 30.60
CA VAL B 686 5.47 2.52 30.31
C VAL B 686 5.21 1.39 31.30
N GLY B 687 6.25 0.63 31.61
CA GLY B 687 6.13 -0.49 32.53
C GLY B 687 6.28 -0.09 33.98
N GLY B 688 7.12 0.93 34.23
CA GLY B 688 7.35 1.41 35.57
C GLY B 688 8.07 0.39 36.43
N CYS B 689 8.87 -0.47 35.79
CA CYS B 689 9.60 -1.51 36.51
C CYS B 689 11.08 -1.13 36.61
N GLN B 690 11.39 -0.24 37.54
CA GLN B 690 12.74 0.29 37.69
C GLN B 690 13.75 -0.75 38.18
N ARG B 691 13.26 -1.77 38.88
CA ARG B 691 14.14 -2.80 39.43
C ARG B 691 14.85 -3.58 38.32
N LEU B 692 14.26 -3.56 37.13
CA LEU B 692 14.86 -4.22 35.98
C LEU B 692 16.01 -3.39 35.41
N LEU B 693 15.84 -2.06 35.40
CA LEU B 693 16.87 -1.16 34.93
C LEU B 693 18.13 -1.23 35.79
N ASP B 694 17.92 -1.23 37.11
CA ASP B 694 19.03 -1.19 38.06
C ASP B 694 19.84 -2.48 38.07
N GLU B 695 19.18 -3.61 37.85
CA GLU B 695 19.84 -4.90 37.92
C GLU B 695 20.70 -5.16 36.68
N MET B 696 20.37 -4.48 35.58
CA MET B 696 21.17 -4.57 34.36
C MET B 696 22.43 -3.74 34.50
N ASN B 697 23.44 -4.05 33.69
CA ASN B 697 24.65 -3.24 33.66
C ASN B 697 24.65 -2.32 32.45
N ILE B 698 24.15 -1.10 32.66
CA ILE B 698 24.01 -0.13 31.58
C ILE B 698 25.24 0.76 31.47
N VAL B 699 25.83 0.82 30.27
CA VAL B 699 27.00 1.64 30.03
C VAL B 699 26.62 2.94 29.32
N PRO B 700 26.68 4.07 30.03
CA PRO B 700 26.35 5.38 29.48
C PRO B 700 27.51 5.99 28.68
C1 GOL C . -0.93 -23.68 -9.66
O1 GOL C . -0.80 -22.28 -9.47
C2 GOL C . -0.07 -24.11 -10.84
O2 GOL C . 0.97 -23.17 -11.05
C3 GOL C . 0.55 -25.48 -10.55
O3 GOL C . -0.50 -26.42 -10.37
C1 GOL D . 25.29 -22.11 32.37
O1 GOL D . 25.78 -22.78 31.23
C2 GOL D . 26.06 -20.81 32.56
O2 GOL D . 26.72 -20.49 31.34
C3 GOL D . 25.11 -19.69 32.92
O3 GOL D . 25.71 -18.47 32.58
C1 GOL E . 9.53 -13.11 11.84
O1 GOL E . 10.08 -14.23 12.50
C2 GOL E . 8.03 -13.05 12.12
O2 GOL E . 7.66 -11.73 12.45
C3 GOL E . 7.27 -13.49 10.87
O3 GOL E . 7.63 -12.65 9.80
C1 PGO F . 8.42 -33.98 1.37
C2 PGO F . 7.53 -34.34 0.20
C3 PGO F . 8.30 -34.14 -1.09
O1 PGO F . 7.64 -33.94 2.55
O2 PGO F . 6.40 -33.50 0.20
#